data_6ISF
#
_entry.id   6ISF
#
_cell.length_a   92.088
_cell.length_b   107.361
_cell.length_c   255.665
_cell.angle_alpha   90.00
_cell.angle_beta   90.00
_cell.angle_gamma   90.00
#
_symmetry.space_group_name_H-M   'P 21 21 21'
#
loop_
_entity.id
_entity.type
_entity.pdbx_description
1 polymer 'DNA polymerase'
2 polymer "DNA (5'-D(P*GP*CP*GP*GP*AP*CP*TP*GP*CP*TP*TP*AP*CP*CP*T)-3')"
3 polymer "DNA (5'-D(*AP*CP*AP*GP*GP*TP*AP*AP*GP*CP*AP*GP*TP*CP*CP*GP*CP*G)-3')"
4 non-polymer 'CALCIUM ION'
5 water water
#
loop_
_entity_poly.entity_id
_entity_poly.type
_entity_poly.pdbx_seq_one_letter_code
_entity_poly.pdbx_strand_id
1 'polypeptide(L)'
;MILDTDYITENGKPVIRVFKKENGEFKIEYDRTFEPYFYALLKDDSAIEDVKKVTAKRHGTVVKVKRAEKVQKKFLGRPI
EVWKLYFNHPQDVPAIRDRIRAHPAVVDIYEYDIPFAKRYLIDKGLIPMEGDEELTMLAFAIATLYHEGEEFGTGPILMI
SYADGSEARVITWKKIDLPYVDVVSTEKEMIKRFLRVVREKDPDVLITYNGDNFDFAYLKKRCEELGIKFTLGRDGSEPK
IQRMGDRFAVEVKGRIHFDLYPVIRRTINLPTYTLEAVYEAVFGKPKEKVYAEEIAQAWESGEGLERVARYSMEDAKVTY
ELGREFFPMEAQLSRLIGQSLWDVSRSSTGNLVEWFLLRKAYKRNELAPNKPDERELARRRGGYAGGYVKEPERGLWDNI
VYLDFRSLYPSIIITHNVSPDTLNREGCKEYDVAPEVGHKFCKDFPGFIPSLLGDLLEERQKIKRKMKATVDPLEKKLLD
YRQRLIKILANSFYGYYGYAKARWYCKECAESVTAWGREYIEMVIRELEEKFGFKVLYADTDGLHATIPGADAETVKKKA
KEFLKYINPKLPGLLELEYEGFYVRGFFVTKKKYAVIDEEGKITTRGLEIVRRDWSEIAKETQARVLEAILKHGDVEEAV
RIVKEVTEKLSKYEVPPEKLVIHEQITRDLRDYKATGPHVAVAKRLAARGVKIRPGTVISYIVLKGSGRIGDRAIPADEF
DPTKHRYDAEYYIENQVLPAVERILKAFGYRKEDLRYQKTKQVGLGAWLKVKGKKLEHHHHHH
;
A,B
2 'polydeoxyribonucleotide' (DG)(DC)(DG)(DG)(DA)(DC)(DT)(DG)(DC)(DT)(DT)(DA)(DC)(DC)(DT) C,E
3 'polydeoxyribonucleotide' (DA)(DC)(DA)(DG)(DG)(DT)(DA)(DA)(DG)(DC)(DA)(DG)(DT)(DC)(DC)(DG)(DC)(DG) D,F
#
# COMPACT_ATOMS: atom_id res chain seq x y z
N MET A 1 -20.07 33.68 10.76
CA MET A 1 -18.62 33.48 11.02
C MET A 1 -17.83 34.72 10.61
N ILE A 2 -17.40 35.58 11.54
CA ILE A 2 -16.51 36.75 11.29
C ILE A 2 -15.13 36.25 10.84
N LEU A 3 -14.60 36.79 9.74
CA LEU A 3 -13.28 36.36 9.18
C LEU A 3 -12.20 37.31 9.71
N ASP A 4 -12.42 38.63 9.58
CA ASP A 4 -11.39 39.65 9.90
C ASP A 4 -12.07 41.01 10.06
N THR A 5 -11.35 42.03 10.52
CA THR A 5 -11.80 43.44 10.50
C THR A 5 -10.69 44.31 9.93
N ASP A 6 -11.03 45.50 9.46
CA ASP A 6 -10.05 46.60 9.22
C ASP A 6 -10.81 47.92 9.27
N TYR A 7 -10.21 49.02 8.84
CA TYR A 7 -10.94 50.30 8.70
C TYR A 7 -10.49 50.97 7.41
N ILE A 8 -11.35 51.81 6.84
CA ILE A 8 -11.07 52.73 5.71
C ILE A 8 -11.36 54.16 6.18
N THR A 9 -10.74 55.16 5.55
CA THR A 9 -10.94 56.57 5.94
C THR A 9 -11.88 57.23 4.93
N GLU A 10 -13.04 57.72 5.38
CA GLU A 10 -14.04 58.37 4.49
C GLU A 10 -14.24 59.84 4.96
N ASN A 11 -13.71 60.80 4.23
CA ASN A 11 -13.88 62.25 4.55
C ASN A 11 -13.25 62.50 5.92
N GLY A 12 -12.02 62.01 6.15
CA GLY A 12 -11.21 62.29 7.35
C GLY A 12 -11.60 61.46 8.56
N LYS A 13 -12.72 60.68 8.47
CA LYS A 13 -13.26 59.94 9.65
C LYS A 13 -13.08 58.44 9.40
N PRO A 14 -12.75 57.66 10.47
CA PRO A 14 -12.50 56.23 10.38
C PRO A 14 -13.77 55.37 10.26
N VAL A 15 -13.78 54.37 9.38
CA VAL A 15 -14.98 53.50 9.19
C VAL A 15 -14.57 52.04 9.31
N ILE A 16 -15.00 51.30 10.30
CA ILE A 16 -14.69 49.86 10.50
C ILE A 16 -15.39 49.04 9.42
N ARG A 17 -14.71 48.06 8.86
CA ARG A 17 -15.28 47.03 7.97
C ARG A 17 -15.14 45.68 8.70
N VAL A 18 -16.25 45.00 8.92
CA VAL A 18 -16.29 43.60 9.46
C VAL A 18 -16.57 42.64 8.30
N PHE A 19 -15.59 41.81 7.94
CA PHE A 19 -15.67 40.79 6.86
C PHE A 19 -16.27 39.51 7.45
N LYS A 20 -17.59 39.33 7.23
CA LYS A 20 -18.39 38.20 7.74
C LYS A 20 -18.61 37.16 6.63
N LYS A 21 -18.84 35.90 7.01
CA LYS A 21 -19.42 34.88 6.09
C LYS A 21 -20.65 34.29 6.78
N GLU A 22 -21.86 34.75 6.48
CA GLU A 22 -23.10 34.24 7.15
C GLU A 22 -24.07 33.77 6.08
N ASN A 23 -24.61 32.55 6.21
CA ASN A 23 -25.60 31.94 5.27
C ASN A 23 -24.93 31.71 3.91
N GLY A 24 -23.89 30.88 3.87
CA GLY A 24 -23.13 30.51 2.65
C GLY A 24 -22.84 31.69 1.72
N GLU A 25 -22.62 32.88 2.28
CA GLU A 25 -22.43 34.16 1.53
C GLU A 25 -21.50 35.12 2.27
N PHE A 26 -20.59 35.78 1.54
CA PHE A 26 -19.62 36.79 2.04
C PHE A 26 -20.32 38.15 2.12
N LYS A 27 -20.09 38.87 3.22
CA LYS A 27 -20.66 40.21 3.49
C LYS A 27 -19.60 41.12 4.12
N ILE A 28 -19.76 42.41 3.94
CA ILE A 28 -18.96 43.48 4.66
C ILE A 28 -19.92 44.40 5.41
N GLU A 29 -19.98 44.29 6.76
CA GLU A 29 -20.69 45.25 7.63
C GLU A 29 -19.80 46.48 7.81
N TYR A 30 -20.36 47.69 7.75
CA TYR A 30 -19.64 48.96 8.04
C TYR A 30 -20.11 49.52 9.37
N ASP A 31 -19.18 49.97 10.21
CA ASP A 31 -19.48 50.68 11.49
C ASP A 31 -18.73 52.01 11.49
N ARG A 32 -19.45 53.14 11.49
CA ARG A 32 -18.87 54.50 11.45
C ARG A 32 -18.94 55.15 12.83
N THR A 33 -19.34 54.39 13.86
CA THR A 33 -19.66 54.93 15.22
C THR A 33 -18.45 54.87 16.16
N PHE A 34 -17.66 53.79 16.09
CA PHE A 34 -16.54 53.47 17.00
C PHE A 34 -15.44 54.55 16.92
N GLU A 35 -14.95 54.97 18.07
CA GLU A 35 -13.94 56.06 18.21
C GLU A 35 -12.65 55.50 18.79
N PRO A 36 -11.47 55.91 18.27
CA PRO A 36 -10.18 55.55 18.88
C PRO A 36 -9.95 56.33 20.18
N TYR A 37 -9.17 55.77 21.09
CA TYR A 37 -8.91 56.33 22.44
C TYR A 37 -7.65 55.68 23.04
N PHE A 38 -7.05 56.35 24.00
CA PHE A 38 -6.12 55.81 25.00
C PHE A 38 -6.39 56.49 26.34
N TYR A 39 -5.75 56.02 27.42
CA TYR A 39 -5.97 56.51 28.80
C TYR A 39 -4.78 57.33 29.26
N ALA A 40 -5.02 58.27 30.18
CA ALA A 40 -3.99 59.12 30.81
C ALA A 40 -4.26 59.25 32.30
N LEU A 41 -3.27 58.93 33.12
CA LEU A 41 -3.27 59.08 34.60
C LEU A 41 -2.76 60.48 34.97
N LEU A 42 -3.60 61.30 35.56
CA LEU A 42 -3.27 62.72 35.91
C LEU A 42 -2.90 62.82 37.39
N LYS A 43 -1.97 63.73 37.75
CA LYS A 43 -1.59 64.06 39.14
C LYS A 43 -2.77 64.74 39.82
N ASP A 44 -3.62 65.43 39.09
CA ASP A 44 -4.84 66.13 39.61
C ASP A 44 -5.74 66.51 38.44
N ASP A 45 -7.08 66.38 38.60
CA ASP A 45 -8.09 66.52 37.52
C ASP A 45 -8.08 67.97 37.01
N SER A 46 -7.74 68.93 37.88
CA SER A 46 -7.71 70.39 37.58
C SER A 46 -6.95 70.65 36.27
N ALA A 47 -6.03 69.76 35.91
CA ALA A 47 -5.13 69.83 34.76
C ALA A 47 -5.78 69.30 33.48
N ILE A 48 -7.01 68.77 33.52
CA ILE A 48 -7.65 68.10 32.34
C ILE A 48 -7.71 69.09 31.13
N GLU A 49 -8.13 70.33 31.39
CA GLU A 49 -8.51 71.32 30.36
C GLU A 49 -7.22 71.83 29.70
N ASP A 50 -6.09 71.74 30.40
CA ASP A 50 -4.73 72.05 29.86
C ASP A 50 -4.26 70.92 28.93
N VAL A 51 -4.50 69.64 29.28
CA VAL A 51 -4.10 68.46 28.47
C VAL A 51 -5.02 68.34 27.25
N LYS A 52 -6.27 68.77 27.35
CA LYS A 52 -7.22 68.90 26.21
C LYS A 52 -6.74 69.94 25.20
N LYS A 53 -6.08 71.02 25.65
CA LYS A 53 -5.52 72.10 24.78
C LYS A 53 -4.29 71.59 24.05
N VAL A 54 -3.64 70.51 24.54
CA VAL A 54 -2.42 69.94 23.89
C VAL A 54 -2.76 69.51 22.47
N THR A 55 -1.92 69.88 21.49
CA THR A 55 -2.15 69.69 20.03
C THR A 55 -0.93 69.04 19.39
N ALA A 56 -1.07 68.58 18.16
CA ALA A 56 0.00 67.94 17.37
C ALA A 56 -0.38 67.97 15.89
N LYS A 57 0.62 68.12 14.99
CA LYS A 57 0.43 68.05 13.52
C LYS A 57 0.67 66.60 13.06
N ARG A 58 -0.23 66.07 12.22
CA ARG A 58 -0.01 64.79 11.47
C ARG A 58 -0.25 65.00 9.98
N HIS A 59 0.84 65.03 9.20
CA HIS A 59 0.85 65.13 7.71
C HIS A 59 -0.21 66.14 7.23
N GLY A 60 -0.10 67.39 7.70
CA GLY A 60 -0.95 68.53 7.24
C GLY A 60 -2.37 68.52 7.80
N THR A 61 -2.48 68.55 9.12
CA THR A 61 -3.77 68.53 9.88
C THR A 61 -3.46 68.60 11.38
N VAL A 62 -4.11 69.56 12.08
CA VAL A 62 -3.96 69.74 13.57
C VAL A 62 -4.85 68.70 14.28
N VAL A 63 -4.20 67.70 14.91
CA VAL A 63 -4.85 66.59 15.68
C VAL A 63 -5.22 67.12 17.07
N LYS A 64 -6.47 66.98 17.50
CA LYS A 64 -6.93 67.47 18.84
C LYS A 64 -7.75 66.38 19.54
N VAL A 65 -7.78 66.38 20.87
CA VAL A 65 -8.57 65.39 21.64
C VAL A 65 -10.05 65.72 21.36
N LYS A 66 -10.82 64.78 20.81
CA LYS A 66 -12.26 64.98 20.48
C LYS A 66 -12.99 65.33 21.78
N ARG A 67 -12.67 64.58 22.84
CA ARG A 67 -13.23 64.77 24.20
C ARG A 67 -12.46 63.89 25.19
N ALA A 68 -12.73 64.09 26.48
CA ALA A 68 -12.18 63.28 27.59
C ALA A 68 -13.26 63.01 28.63
N GLU A 69 -13.49 61.73 28.98
CA GLU A 69 -14.32 61.32 30.14
C GLU A 69 -13.46 60.55 31.16
N LYS A 70 -13.54 60.92 32.44
CA LYS A 70 -12.89 60.26 33.59
C LYS A 70 -13.60 58.91 33.75
N VAL A 71 -12.84 57.87 34.01
CA VAL A 71 -13.36 56.48 34.16
C VAL A 71 -12.61 55.87 35.34
N GLN A 72 -13.23 54.95 36.08
CA GLN A 72 -12.62 54.18 37.17
C GLN A 72 -12.30 52.78 36.62
N LYS A 73 -11.08 52.32 36.74
CA LYS A 73 -10.63 50.97 36.33
C LYS A 73 -9.82 50.33 37.44
N LYS A 74 -9.43 49.07 37.28
CA LYS A 74 -8.43 48.41 38.16
C LYS A 74 -7.09 48.39 37.42
N PHE A 75 -5.98 48.80 38.08
CA PHE A 75 -4.59 48.53 37.63
C PHE A 75 -3.88 47.59 38.63
N LEU A 76 -3.64 46.35 38.17
CA LEU A 76 -3.10 45.24 38.99
C LEU A 76 -3.91 45.08 40.26
N GLY A 77 -5.25 45.02 40.15
CA GLY A 77 -6.18 44.74 41.27
C GLY A 77 -6.70 46.01 41.90
N ARG A 78 -5.83 46.99 42.16
CA ARG A 78 -6.12 48.26 42.88
C ARG A 78 -6.94 49.19 41.99
N PRO A 79 -8.05 49.82 42.47
CA PRO A 79 -8.83 50.71 41.64
C PRO A 79 -7.99 51.94 41.28
N ILE A 80 -8.14 52.41 40.03
CA ILE A 80 -7.37 53.57 39.49
C ILE A 80 -8.35 54.50 38.80
N GLU A 81 -8.16 55.82 38.90
CA GLU A 81 -8.97 56.83 38.14
C GLU A 81 -8.09 57.40 37.03
N VAL A 82 -8.50 57.26 35.77
CA VAL A 82 -7.77 57.75 34.57
C VAL A 82 -8.78 58.47 33.66
N TRP A 83 -8.26 59.23 32.68
CA TRP A 83 -9.04 59.99 31.69
C TRP A 83 -8.91 59.29 30.34
N LYS A 84 -10.05 58.79 29.84
CA LYS A 84 -10.17 58.15 28.50
C LYS A 84 -10.19 59.26 27.45
N LEU A 85 -9.06 59.46 26.74
CA LEU A 85 -8.91 60.53 25.72
C LEU A 85 -9.33 59.96 24.36
N TYR A 86 -10.42 60.47 23.79
CA TYR A 86 -10.94 60.10 22.44
C TYR A 86 -10.31 61.04 21.41
N PHE A 87 -10.14 60.53 20.18
CA PHE A 87 -9.59 61.27 19.00
C PHE A 87 -10.46 60.94 17.79
N ASN A 88 -10.40 61.78 16.74
CA ASN A 88 -11.26 61.66 15.54
C ASN A 88 -10.80 60.46 14.68
N HIS A 89 -9.50 60.31 14.48
CA HIS A 89 -8.87 59.30 13.59
C HIS A 89 -7.87 58.47 14.40
N PRO A 90 -7.78 57.13 14.16
CA PRO A 90 -6.84 56.30 14.91
C PRO A 90 -5.37 56.72 14.73
N GLN A 91 -5.03 57.29 13.56
CA GLN A 91 -3.66 57.79 13.24
C GLN A 91 -3.33 59.05 14.06
N ASP A 92 -4.33 59.68 14.69
CA ASP A 92 -4.11 60.82 15.61
C ASP A 92 -3.30 60.38 16.84
N VAL A 93 -3.46 59.13 17.23
CA VAL A 93 -2.88 58.53 18.48
C VAL A 93 -1.35 58.57 18.39
N PRO A 94 -0.71 57.93 17.38
CA PRO A 94 0.74 58.03 17.20
C PRO A 94 1.32 59.46 17.19
N ALA A 95 0.57 60.42 16.66
CA ALA A 95 0.99 61.83 16.53
C ALA A 95 0.95 62.53 17.90
N ILE A 96 -0.06 62.23 18.70
CA ILE A 96 -0.39 63.04 19.93
C ILE A 96 0.25 62.38 21.16
N ARG A 97 0.31 61.04 21.22
CA ARG A 97 0.51 60.24 22.46
C ARG A 97 1.77 60.69 23.23
N ASP A 98 2.89 60.88 22.51
CA ASP A 98 4.21 61.27 23.07
C ASP A 98 4.09 62.64 23.78
N ARG A 99 3.37 63.58 23.13
CA ARG A 99 3.17 64.95 23.70
C ARG A 99 2.31 64.90 24.97
N ILE A 100 1.20 64.20 24.95
CA ILE A 100 0.23 64.11 26.09
C ILE A 100 0.97 63.46 27.26
N ARG A 101 1.83 62.46 27.00
CA ARG A 101 2.68 61.84 28.07
C ARG A 101 3.66 62.89 28.61
N ALA A 102 4.32 63.67 27.72
CA ALA A 102 5.37 64.65 28.10
C ALA A 102 4.79 65.72 29.04
N HIS A 103 3.51 66.07 28.87
CA HIS A 103 2.78 67.09 29.65
C HIS A 103 3.02 66.85 31.15
N PRO A 104 3.37 67.91 31.92
CA PRO A 104 3.79 67.75 33.30
C PRO A 104 2.73 67.15 34.24
N ALA A 105 1.45 67.42 33.98
CA ALA A 105 0.29 66.94 34.77
C ALA A 105 0.08 65.41 34.65
N VAL A 106 0.46 64.84 33.47
CA VAL A 106 0.20 63.43 33.09
C VAL A 106 1.29 62.53 33.70
N VAL A 107 0.92 61.71 34.69
CA VAL A 107 1.81 60.72 35.37
C VAL A 107 2.24 59.69 34.33
N ASP A 108 1.29 59.12 33.59
CA ASP A 108 1.56 58.12 32.51
C ASP A 108 0.36 58.01 31.59
N ILE A 109 0.52 57.37 30.43
CA ILE A 109 -0.56 57.04 29.46
C ILE A 109 -0.59 55.52 29.26
N TYR A 110 -1.74 54.98 28.84
CA TYR A 110 -2.02 53.52 28.79
C TYR A 110 -2.83 53.15 27.53
N GLU A 111 -2.59 51.97 26.98
CA GLU A 111 -3.39 51.34 25.89
C GLU A 111 -3.42 52.24 24.65
N TYR A 112 -2.22 52.66 24.19
CA TYR A 112 -2.02 53.72 23.16
C TYR A 112 -1.52 53.10 21.85
N ASP A 113 -1.22 51.79 21.84
CA ASP A 113 -0.58 51.10 20.68
C ASP A 113 -1.41 49.88 20.27
N ILE A 114 -2.73 49.91 20.51
CA ILE A 114 -3.68 48.82 20.09
C ILE A 114 -4.22 49.18 18.70
N PRO A 115 -3.88 48.41 17.64
CA PRO A 115 -4.44 48.65 16.30
C PRO A 115 -5.98 48.71 16.30
N PHE A 116 -6.52 49.69 15.57
CA PHE A 116 -7.95 50.11 15.63
C PHE A 116 -8.88 48.92 15.35
N ALA A 117 -8.64 48.20 14.27
CA ALA A 117 -9.41 47.01 13.84
C ALA A 117 -9.55 46.02 15.01
N LYS A 118 -8.46 45.82 15.76
CA LYS A 118 -8.38 44.82 16.87
C LYS A 118 -8.97 45.43 18.15
N ARG A 119 -8.80 46.72 18.37
CA ARG A 119 -9.45 47.48 19.46
C ARG A 119 -10.97 47.25 19.36
N TYR A 120 -11.52 47.28 18.16
CA TYR A 120 -12.98 47.12 17.85
C TYR A 120 -13.40 45.70 18.18
N LEU A 121 -12.68 44.69 17.66
CA LEU A 121 -12.93 43.25 17.92
C LEU A 121 -13.10 42.99 19.42
N ILE A 122 -12.14 43.45 20.20
CA ILE A 122 -12.07 43.25 21.70
C ILE A 122 -13.25 44.00 22.31
N ASP A 123 -13.31 45.31 22.16
CA ASP A 123 -14.26 46.27 22.77
C ASP A 123 -15.69 45.88 22.42
N LYS A 124 -15.91 45.33 21.21
CA LYS A 124 -17.27 44.93 20.76
C LYS A 124 -17.55 43.51 21.25
N GLY A 125 -16.51 42.81 21.74
CA GLY A 125 -16.69 41.43 22.28
C GLY A 125 -16.88 40.40 21.17
N LEU A 126 -16.37 40.70 19.97
CA LEU A 126 -16.53 39.87 18.74
C LEU A 126 -15.41 38.81 18.72
N ILE A 127 -15.76 37.58 18.35
CA ILE A 127 -14.84 36.41 18.25
C ILE A 127 -14.87 35.94 16.81
N PRO A 128 -13.76 36.04 16.04
CA PRO A 128 -13.74 35.50 14.68
C PRO A 128 -13.91 33.97 14.69
N MET A 129 -14.39 33.43 13.56
CA MET A 129 -14.50 31.98 13.23
C MET A 129 -15.46 31.27 14.19
N GLU A 130 -16.55 31.95 14.56
CA GLU A 130 -17.70 31.36 15.30
C GLU A 130 -18.63 30.70 14.28
N GLY A 131 -19.52 29.82 14.75
CA GLY A 131 -20.54 29.12 13.95
C GLY A 131 -19.98 27.93 13.21
N ASP A 132 -20.78 27.36 12.29
CA ASP A 132 -20.49 26.10 11.53
C ASP A 132 -20.44 26.40 10.02
N GLU A 133 -20.02 27.62 9.67
CA GLU A 133 -19.98 28.15 8.29
C GLU A 133 -18.80 27.51 7.54
N GLU A 134 -19.09 26.79 6.46
CA GLU A 134 -18.10 26.13 5.57
C GLU A 134 -17.49 27.17 4.61
N LEU A 135 -16.17 27.31 4.61
CA LEU A 135 -15.38 28.22 3.74
C LEU A 135 -14.78 27.45 2.55
N THR A 136 -14.82 28.04 1.37
CA THR A 136 -14.20 27.53 0.12
C THR A 136 -12.75 28.01 0.03
N MET A 137 -11.81 27.11 -0.23
CA MET A 137 -10.36 27.40 -0.32
C MET A 137 -9.83 27.09 -1.73
N LEU A 138 -8.94 27.97 -2.21
CA LEU A 138 -8.09 27.77 -3.41
C LEU A 138 -6.62 27.84 -2.97
N ALA A 139 -5.88 26.73 -3.15
CA ALA A 139 -4.40 26.68 -3.05
C ALA A 139 -3.81 27.16 -4.37
N PHE A 140 -2.64 27.80 -4.35
CA PHE A 140 -1.92 28.20 -5.59
C PHE A 140 -0.41 28.24 -5.34
N ALA A 141 0.36 27.83 -6.34
CA ALA A 141 1.83 27.82 -6.38
C ALA A 141 2.30 28.36 -7.72
N ILE A 142 3.54 28.88 -7.79
CA ILE A 142 4.17 29.40 -9.04
C ILE A 142 5.52 28.72 -9.26
N ALA A 143 5.88 28.53 -10.54
CA ALA A 143 7.21 28.10 -11.02
C ALA A 143 7.81 29.26 -11.80
N THR A 144 9.11 29.51 -11.65
CA THR A 144 9.82 30.68 -12.24
C THR A 144 11.11 30.20 -12.92
N LEU A 145 11.55 30.98 -13.90
CA LEU A 145 12.84 30.87 -14.61
C LEU A 145 13.93 31.62 -13.84
N TYR A 146 14.57 30.94 -12.89
CA TYR A 146 15.64 31.50 -12.03
C TYR A 146 17.03 31.20 -12.63
N HIS A 147 17.90 32.21 -12.58
CA HIS A 147 19.33 32.15 -12.96
C HIS A 147 20.14 32.62 -11.75
N GLU A 148 21.41 32.25 -11.68
CA GLU A 148 22.30 32.52 -10.50
C GLU A 148 22.61 34.02 -10.43
N GLY A 149 22.60 34.58 -9.22
CA GLY A 149 22.96 35.98 -8.92
C GLY A 149 21.99 36.98 -9.54
N GLU A 150 20.73 36.57 -9.78
CA GLU A 150 19.69 37.40 -10.46
C GLU A 150 18.82 38.16 -9.45
N GLU A 151 18.46 39.43 -9.74
CA GLU A 151 17.62 40.28 -8.89
C GLU A 151 16.25 39.60 -8.77
N PHE A 152 15.48 39.96 -7.77
CA PHE A 152 14.11 39.41 -7.51
C PHE A 152 13.09 39.99 -8.52
N GLY A 153 12.38 39.10 -9.22
CA GLY A 153 11.29 39.46 -10.14
C GLY A 153 11.82 39.76 -11.55
N THR A 154 13.14 39.66 -11.78
CA THR A 154 13.73 39.87 -13.13
C THR A 154 13.27 38.68 -13.97
N GLY A 155 13.20 37.47 -13.40
CA GLY A 155 12.77 36.26 -14.11
C GLY A 155 11.25 36.15 -14.19
N PRO A 156 10.68 35.88 -15.38
CA PRO A 156 9.23 35.80 -15.54
C PRO A 156 8.66 34.49 -14.95
N ILE A 157 7.41 34.54 -14.50
CA ILE A 157 6.62 33.37 -14.02
C ILE A 157 6.40 32.48 -15.23
N LEU A 158 6.70 31.20 -15.12
CA LEU A 158 6.52 30.20 -16.20
C LEU A 158 5.13 29.55 -16.09
N MET A 159 4.71 29.24 -14.88
CA MET A 159 3.44 28.54 -14.58
C MET A 159 2.83 29.08 -13.29
N ILE A 160 1.50 29.18 -13.26
CA ILE A 160 0.67 29.39 -12.05
C ILE A 160 -0.26 28.17 -11.91
N SER A 161 0.05 27.30 -10.96
CA SER A 161 -0.82 26.16 -10.52
C SER A 161 -1.89 26.68 -9.57
N TYR A 162 -3.06 26.05 -9.55
CA TYR A 162 -4.11 26.23 -8.52
C TYR A 162 -4.83 24.88 -8.31
N ALA A 163 -5.36 24.66 -7.11
CA ALA A 163 -6.00 23.39 -6.70
C ALA A 163 -7.09 23.66 -5.66
N ASP A 164 -8.17 22.90 -5.73
CA ASP A 164 -9.23 22.84 -4.69
C ASP A 164 -9.69 21.38 -4.57
N GLY A 165 -10.89 21.13 -4.02
CA GLY A 165 -11.41 19.78 -3.77
C GLY A 165 -11.83 19.10 -5.05
N SER A 166 -12.09 19.84 -6.13
CA SER A 166 -12.70 19.36 -7.39
C SER A 166 -11.60 19.10 -8.43
N GLU A 167 -10.63 20.02 -8.56
CA GLU A 167 -9.61 19.97 -9.65
C GLU A 167 -8.27 20.49 -9.14
N ALA A 168 -7.23 20.31 -9.97
CA ALA A 168 -5.86 20.84 -9.83
C ALA A 168 -5.27 21.09 -11.21
N ARG A 169 -5.20 22.34 -11.66
CA ARG A 169 -4.79 22.73 -13.05
C ARG A 169 -3.54 23.64 -13.03
N VAL A 170 -2.72 23.59 -14.10
CA VAL A 170 -1.56 24.48 -14.33
C VAL A 170 -1.99 25.50 -15.39
N ILE A 171 -1.47 26.72 -15.32
CA ILE A 171 -1.64 27.79 -16.36
C ILE A 171 -0.26 28.27 -16.79
N THR A 172 0.10 28.11 -18.08
CA THR A 172 1.44 28.46 -18.65
C THR A 172 1.25 29.07 -20.06
N TRP A 173 2.34 29.58 -20.65
CA TRP A 173 2.33 30.26 -21.96
C TRP A 173 3.30 29.59 -22.96
N LYS A 174 3.48 28.27 -22.82
CA LYS A 174 4.20 27.40 -23.78
C LYS A 174 3.29 26.22 -24.13
N LYS A 175 3.49 25.61 -25.31
CA LYS A 175 2.72 24.46 -25.83
C LYS A 175 3.10 23.20 -25.05
N ILE A 176 2.32 22.86 -24.02
CA ILE A 176 2.43 21.58 -23.24
C ILE A 176 1.11 20.84 -23.39
N ASP A 177 1.14 19.66 -24.02
CA ASP A 177 -0.06 18.76 -24.17
C ASP A 177 -0.08 17.75 -23.02
N LEU A 178 -0.80 18.08 -21.92
CA LEU A 178 -1.30 17.21 -20.83
C LEU A 178 -2.69 17.71 -20.43
N PRO A 179 -3.55 16.85 -19.84
CA PRO A 179 -4.97 17.19 -19.66
C PRO A 179 -5.18 18.51 -18.89
N TYR A 180 -4.39 18.79 -17.85
CA TYR A 180 -4.70 19.77 -16.77
C TYR A 180 -3.97 21.09 -17.03
N VAL A 181 -3.22 21.21 -18.12
CA VAL A 181 -2.45 22.42 -18.52
C VAL A 181 -3.34 23.32 -19.40
N ASP A 182 -3.10 24.61 -19.33
CA ASP A 182 -3.80 25.66 -20.13
C ASP A 182 -2.75 26.53 -20.85
N VAL A 183 -2.59 26.34 -22.17
CA VAL A 183 -1.65 27.18 -22.98
C VAL A 183 -2.32 28.52 -23.29
N VAL A 184 -1.69 29.64 -22.90
CA VAL A 184 -2.23 31.02 -23.08
C VAL A 184 -1.27 31.82 -24.00
N SER A 185 -1.73 32.99 -24.45
CA SER A 185 -0.96 33.98 -25.27
C SER A 185 0.46 34.18 -24.74
N THR A 186 0.63 34.82 -23.59
CA THR A 186 1.93 35.27 -23.02
C THR A 186 1.94 35.06 -21.51
N GLU A 187 2.99 35.53 -20.82
CA GLU A 187 3.07 35.63 -19.34
C GLU A 187 1.96 36.55 -18.81
N LYS A 188 1.75 37.69 -19.47
CA LYS A 188 0.73 38.72 -19.11
C LYS A 188 -0.66 38.07 -19.05
N GLU A 189 -1.02 37.24 -20.05
CA GLU A 189 -2.35 36.61 -20.18
C GLU A 189 -2.54 35.52 -19.10
N MET A 190 -1.46 34.78 -18.83
CA MET A 190 -1.41 33.68 -17.82
C MET A 190 -1.79 34.27 -16.45
N ILE A 191 -1.24 35.45 -16.12
CA ILE A 191 -1.47 36.18 -14.84
C ILE A 191 -2.92 36.71 -14.83
N LYS A 192 -3.36 37.33 -15.92
CA LYS A 192 -4.74 37.89 -16.06
C LYS A 192 -5.73 36.71 -15.98
N ARG A 193 -5.36 35.53 -16.51
CA ARG A 193 -6.23 34.31 -16.50
C ARG A 193 -6.43 33.84 -15.08
N PHE A 194 -5.37 33.78 -14.28
CA PHE A 194 -5.39 33.32 -12.86
C PHE A 194 -6.31 34.25 -12.08
N LEU A 195 -6.18 35.58 -12.25
CA LEU A 195 -7.03 36.61 -11.62
C LEU A 195 -8.51 36.33 -11.89
N ARG A 196 -8.84 35.92 -13.11
CA ARG A 196 -10.22 35.57 -13.58
C ARG A 196 -10.68 34.26 -12.96
N VAL A 197 -9.79 33.28 -12.77
CA VAL A 197 -10.05 31.98 -12.05
C VAL A 197 -10.46 32.30 -10.62
N VAL A 198 -9.73 33.21 -9.95
CA VAL A 198 -9.98 33.60 -8.52
C VAL A 198 -11.33 34.34 -8.46
N ARG A 199 -11.53 35.27 -9.42
CA ARG A 199 -12.76 36.08 -9.56
C ARG A 199 -13.97 35.14 -9.69
N GLU A 200 -13.82 34.10 -10.51
CA GLU A 200 -14.88 33.13 -10.89
C GLU A 200 -15.16 32.19 -9.69
N LYS A 201 -14.08 31.66 -9.09
CA LYS A 201 -14.12 30.71 -7.95
C LYS A 201 -14.40 31.46 -6.66
N ASP A 202 -14.15 32.79 -6.59
CA ASP A 202 -14.40 33.62 -5.39
C ASP A 202 -14.10 32.82 -4.12
N PRO A 203 -12.86 32.35 -3.91
CA PRO A 203 -12.52 31.56 -2.73
C PRO A 203 -12.37 32.40 -1.46
N ASP A 204 -12.91 31.91 -0.34
CA ASP A 204 -12.85 32.56 1.00
C ASP A 204 -11.43 32.51 1.58
N VAL A 205 -10.63 31.50 1.22
CA VAL A 205 -9.24 31.26 1.70
C VAL A 205 -8.29 31.01 0.51
N LEU A 206 -7.24 31.81 0.38
CA LEU A 206 -6.08 31.52 -0.52
C LEU A 206 -5.00 30.81 0.27
N ILE A 207 -4.49 29.67 -0.22
CA ILE A 207 -3.48 28.82 0.47
C ILE A 207 -2.19 28.83 -0.36
N THR A 208 -1.08 29.20 0.27
CA THR A 208 0.29 29.24 -0.30
C THR A 208 1.24 28.52 0.66
N TYR A 209 2.38 28.03 0.18
CA TYR A 209 3.52 27.60 1.02
C TYR A 209 4.66 28.62 0.87
N ASN A 210 4.80 29.48 1.87
CA ASN A 210 5.81 30.57 1.96
C ASN A 210 5.45 31.69 0.97
N GLY A 211 4.15 31.87 0.68
CA GLY A 211 3.67 32.95 -0.22
C GLY A 211 3.91 34.34 0.35
N ASP A 212 3.96 34.45 1.69
CA ASP A 212 4.20 35.72 2.43
C ASP A 212 5.54 36.32 1.99
N ASN A 213 6.50 35.49 1.58
CA ASN A 213 7.89 35.93 1.27
C ASN A 213 8.15 35.80 -0.25
N PHE A 214 7.77 34.70 -0.88
CA PHE A 214 8.12 34.40 -2.31
C PHE A 214 6.94 34.71 -3.23
N ASP A 215 5.96 33.82 -3.26
CA ASP A 215 4.94 33.68 -4.35
C ASP A 215 4.23 35.01 -4.65
N PHE A 216 3.65 35.65 -3.63
CA PHE A 216 2.81 36.87 -3.76
C PHE A 216 3.68 38.08 -4.14
N ALA A 217 4.85 38.18 -3.49
CA ALA A 217 5.85 39.26 -3.69
C ALA A 217 6.33 39.23 -5.15
N TYR A 218 6.58 38.01 -5.66
CA TYR A 218 7.05 37.74 -7.04
C TYR A 218 6.00 38.23 -8.03
N LEU A 219 4.72 37.91 -7.81
CA LEU A 219 3.57 38.27 -8.68
C LEU A 219 3.36 39.78 -8.69
N LYS A 220 3.62 40.48 -7.58
CA LYS A 220 3.42 41.96 -7.50
C LYS A 220 4.49 42.64 -8.34
N LYS A 221 5.76 42.17 -8.31
CA LYS A 221 6.84 42.73 -9.17
C LYS A 221 6.50 42.52 -10.66
N ARG A 222 6.08 41.27 -11.00
CA ARG A 222 5.70 40.88 -12.38
C ARG A 222 4.56 41.76 -12.90
N CYS A 223 3.50 41.90 -12.09
CA CYS A 223 2.30 42.73 -12.43
C CYS A 223 2.76 44.17 -12.74
N GLU A 224 3.63 44.74 -11.93
CA GLU A 224 4.07 46.16 -12.06
C GLU A 224 4.85 46.27 -13.37
N GLU A 225 5.73 45.32 -13.67
CA GLU A 225 6.55 45.33 -14.93
C GLU A 225 5.60 45.19 -16.15
N LEU A 226 4.54 44.41 -15.98
CA LEU A 226 3.55 44.13 -17.07
C LEU A 226 2.44 45.18 -17.03
N GLY A 227 2.41 46.05 -16.02
CA GLY A 227 1.32 47.05 -15.83
C GLY A 227 -0.05 46.39 -15.67
N ILE A 228 -0.17 45.43 -14.75
CA ILE A 228 -1.43 44.73 -14.43
C ILE A 228 -1.88 45.16 -13.03
N LYS A 229 -3.16 45.54 -12.88
CA LYS A 229 -3.81 45.74 -11.56
C LYS A 229 -4.14 44.36 -10.97
N PHE A 230 -3.35 43.92 -9.99
CA PHE A 230 -3.43 42.58 -9.35
C PHE A 230 -4.55 42.57 -8.30
N THR A 231 -5.80 42.47 -8.77
CA THR A 231 -7.04 42.65 -7.95
C THR A 231 -7.61 41.28 -7.54
N LEU A 232 -7.10 40.70 -6.45
CA LEU A 232 -7.66 39.49 -5.78
C LEU A 232 -8.68 39.94 -4.74
N GLY A 233 -8.49 41.13 -4.13
CA GLY A 233 -9.39 41.61 -3.05
C GLY A 233 -10.86 41.55 -3.48
N ARG A 234 -11.73 41.08 -2.57
CA ARG A 234 -13.22 41.10 -2.76
C ARG A 234 -13.72 42.56 -2.84
N ASP A 235 -13.00 43.49 -2.20
CA ASP A 235 -13.26 44.95 -2.28
C ASP A 235 -12.66 45.53 -3.58
N GLY A 236 -11.90 44.73 -4.33
CA GLY A 236 -11.30 45.06 -5.62
C GLY A 236 -9.87 45.59 -5.45
N SER A 237 -9.35 45.58 -4.21
CA SER A 237 -8.00 46.09 -3.85
C SER A 237 -6.91 45.11 -4.31
N GLU A 238 -5.66 45.59 -4.30
CA GLU A 238 -4.43 44.77 -4.46
C GLU A 238 -4.02 44.17 -3.12
N PRO A 239 -3.39 42.97 -3.10
CA PRO A 239 -2.75 42.43 -1.90
C PRO A 239 -1.71 43.39 -1.30
N LYS A 240 -1.81 43.64 0.01
CA LYS A 240 -0.92 44.56 0.78
C LYS A 240 0.10 43.78 1.59
N ILE A 241 1.39 44.03 1.36
CA ILE A 241 2.51 43.51 2.22
C ILE A 241 2.47 44.22 3.58
N GLN A 242 2.46 43.44 4.68
CA GLN A 242 2.54 43.94 6.07
C GLN A 242 3.80 43.35 6.70
N ARG A 243 4.76 44.20 7.08
CA ARG A 243 6.01 43.74 7.74
C ARG A 243 5.62 43.00 9.02
N MET A 244 6.24 41.85 9.31
CA MET A 244 5.99 41.10 10.58
C MET A 244 7.34 40.76 11.25
N GLY A 245 7.94 41.74 11.95
CA GLY A 245 9.29 41.54 12.52
C GLY A 245 10.33 41.38 11.43
N ASP A 246 11.09 40.26 11.40
CA ASP A 246 12.21 40.05 10.45
C ASP A 246 11.67 39.50 9.11
N ARG A 247 10.37 39.32 8.97
CA ARG A 247 9.75 38.74 7.72
C ARG A 247 8.57 39.64 7.36
N PHE A 248 7.99 39.46 6.16
CA PHE A 248 6.77 40.18 5.71
C PHE A 248 5.56 39.22 5.78
N ALA A 249 4.34 39.77 5.66
CA ALA A 249 3.08 39.01 5.57
C ALA A 249 2.24 39.65 4.47
N VAL A 250 1.63 38.87 3.58
CA VAL A 250 0.72 39.41 2.53
C VAL A 250 -0.74 39.24 2.96
N GLU A 251 -1.50 40.33 2.98
CA GLU A 251 -2.94 40.39 3.34
C GLU A 251 -3.75 40.62 2.06
N VAL A 252 -4.76 39.77 1.81
CA VAL A 252 -5.75 39.86 0.69
C VAL A 252 -7.14 40.05 1.31
N LYS A 253 -7.71 41.26 1.24
CA LYS A 253 -8.90 41.69 2.01
C LYS A 253 -10.13 40.93 1.47
N GLY A 254 -11.00 40.50 2.38
CA GLY A 254 -12.22 39.71 2.10
C GLY A 254 -11.93 38.21 2.10
N ARG A 255 -10.70 37.84 1.73
CA ARG A 255 -10.21 36.44 1.77
C ARG A 255 -9.26 36.28 2.98
N ILE A 256 -8.90 35.05 3.30
CA ILE A 256 -7.85 34.68 4.28
C ILE A 256 -6.67 34.13 3.50
N HIS A 257 -5.58 34.89 3.37
CA HIS A 257 -4.28 34.34 2.87
C HIS A 257 -3.69 33.44 3.96
N PHE A 258 -3.83 32.13 3.80
CA PHE A 258 -3.35 31.09 4.74
C PHE A 258 -2.02 30.55 4.24
N ASP A 259 -0.91 31.08 4.77
CA ASP A 259 0.48 30.62 4.49
C ASP A 259 0.82 29.52 5.48
N LEU A 260 1.06 28.30 5.00
CA LEU A 260 1.27 27.08 5.83
C LEU A 260 2.64 27.14 6.52
N TYR A 261 3.60 27.81 5.90
CA TYR A 261 5.03 27.79 6.34
C TYR A 261 5.14 28.19 7.81
N PRO A 262 4.74 29.42 8.23
CA PRO A 262 4.80 29.79 9.64
C PRO A 262 4.09 28.77 10.53
N VAL A 263 2.94 28.24 10.08
CA VAL A 263 2.15 27.20 10.83
C VAL A 263 3.00 25.93 11.01
N ILE A 264 3.50 25.35 9.91
CA ILE A 264 4.33 24.11 9.91
C ILE A 264 5.55 24.34 10.81
N ARG A 265 6.19 25.50 10.71
CA ARG A 265 7.43 25.85 11.47
C ARG A 265 7.17 25.87 12.97
N ARG A 266 5.97 26.27 13.40
CA ARG A 266 5.58 26.45 14.83
CA ARG A 266 5.60 26.45 14.84
C ARG A 266 5.07 25.13 15.42
N THR A 267 4.63 24.20 14.56
CA THR A 267 3.86 22.99 14.99
C THR A 267 4.69 21.72 14.84
N ILE A 268 5.48 21.54 13.81
CA ILE A 268 6.24 20.29 13.53
C ILE A 268 7.74 20.62 13.51
N ASN A 269 8.54 19.78 14.22
CA ASN A 269 10.02 19.87 14.27
C ASN A 269 10.60 18.89 13.25
N LEU A 270 11.08 19.39 12.10
CA LEU A 270 11.70 18.57 11.02
C LEU A 270 13.14 19.03 10.78
N PRO A 271 14.02 18.15 10.24
CA PRO A 271 15.32 18.55 9.70
C PRO A 271 15.23 19.70 8.69
N THR A 272 14.33 19.64 7.71
CA THR A 272 14.12 20.69 6.69
C THR A 272 12.62 20.97 6.52
N TYR A 273 12.29 22.14 5.95
CA TYR A 273 10.89 22.63 5.74
C TYR A 273 10.60 22.92 4.26
N THR A 274 10.92 21.95 3.40
CA THR A 274 10.54 21.88 1.96
C THR A 274 9.17 21.21 1.85
N LEU A 275 8.36 21.64 0.88
CA LEU A 275 7.01 21.03 0.60
C LEU A 275 7.17 19.50 0.62
N GLU A 276 8.24 18.99 -0.02
CA GLU A 276 8.53 17.56 -0.24
C GLU A 276 8.77 16.88 1.12
N ALA A 277 9.51 17.53 2.01
CA ALA A 277 9.80 17.09 3.40
C ALA A 277 8.51 17.10 4.25
N VAL A 278 7.71 18.16 4.14
CA VAL A 278 6.51 18.40 5.01
C VAL A 278 5.41 17.40 4.62
N TYR A 279 5.18 17.22 3.32
CA TYR A 279 4.13 16.33 2.75
C TYR A 279 4.42 14.91 3.28
N GLU A 280 5.69 14.52 3.28
CA GLU A 280 6.17 13.16 3.68
C GLU A 280 6.00 12.97 5.19
N ALA A 281 6.18 14.06 5.97
CA ALA A 281 6.00 14.07 7.44
C ALA A 281 4.52 13.86 7.82
N VAL A 282 3.63 14.63 7.16
CA VAL A 282 2.20 14.81 7.51
C VAL A 282 1.40 13.60 6.99
N PHE A 283 1.53 13.26 5.71
CA PHE A 283 0.69 12.26 4.99
C PHE A 283 1.44 10.92 4.83
N GLY A 284 2.76 10.95 4.69
CA GLY A 284 3.58 9.71 4.62
C GLY A 284 4.03 9.37 3.21
N LYS A 285 3.30 9.82 2.18
CA LYS A 285 3.59 9.57 0.75
C LYS A 285 4.76 10.46 0.36
N PRO A 286 5.57 10.10 -0.66
CA PRO A 286 6.70 10.91 -1.10
C PRO A 286 6.31 11.96 -2.17
N LYS A 287 7.19 12.93 -2.44
CA LYS A 287 7.02 13.90 -3.55
C LYS A 287 8.40 14.33 -4.07
N GLU A 288 8.73 14.14 -5.35
CA GLU A 288 10.05 14.49 -5.92
C GLU A 288 10.10 16.01 -6.18
N LYS A 289 11.27 16.63 -5.98
CA LYS A 289 11.53 18.08 -6.20
C LYS A 289 12.14 18.25 -7.60
N VAL A 290 11.62 19.21 -8.37
CA VAL A 290 12.24 19.77 -9.62
C VAL A 290 13.02 21.02 -9.18
N TYR A 291 14.26 21.11 -9.66
CA TYR A 291 15.24 22.19 -9.35
C TYR A 291 15.22 23.28 -10.44
N ALA A 292 15.69 24.47 -10.07
CA ALA A 292 15.66 25.72 -10.87
C ALA A 292 16.42 25.53 -12.18
N GLU A 293 17.62 24.96 -12.13
CA GLU A 293 18.49 24.65 -13.30
C GLU A 293 17.72 23.72 -14.25
N GLU A 294 17.11 22.66 -13.72
CA GLU A 294 16.26 21.72 -14.50
C GLU A 294 15.10 22.51 -15.11
N ILE A 295 14.46 23.40 -14.33
CA ILE A 295 13.25 24.19 -14.75
C ILE A 295 13.58 25.09 -15.95
N ALA A 296 14.66 25.86 -15.87
CA ALA A 296 15.08 26.82 -16.91
C ALA A 296 15.54 26.05 -18.15
N GLN A 297 16.32 24.98 -17.97
CA GLN A 297 16.78 24.06 -19.04
C GLN A 297 15.58 23.43 -19.75
N ALA A 298 14.53 23.06 -19.01
CA ALA A 298 13.29 22.47 -19.54
C ALA A 298 12.48 23.54 -20.31
N TRP A 299 12.62 24.82 -19.96
CA TRP A 299 11.91 25.93 -20.66
C TRP A 299 12.69 26.40 -21.90
N GLU A 300 13.99 26.70 -21.70
CA GLU A 300 14.91 27.25 -22.75
C GLU A 300 15.01 26.24 -23.90
N SER A 301 15.20 24.96 -23.56
CA SER A 301 15.24 23.81 -24.52
C SER A 301 13.83 23.52 -25.05
N GLY A 302 12.83 23.59 -24.18
CA GLY A 302 11.44 23.18 -24.47
C GLY A 302 11.32 21.66 -24.56
N GLU A 303 12.31 20.94 -24.01
CA GLU A 303 12.46 19.47 -24.11
C GLU A 303 11.49 18.77 -23.16
N GLY A 304 11.56 19.09 -21.86
CA GLY A 304 10.81 18.40 -20.80
C GLY A 304 10.00 19.34 -19.92
N LEU A 305 9.07 20.10 -20.51
CA LEU A 305 8.14 21.02 -19.81
C LEU A 305 7.08 20.20 -19.06
N GLU A 306 6.78 18.97 -19.53
CA GLU A 306 5.74 18.07 -19.00
C GLU A 306 6.06 17.66 -17.55
N ARG A 307 7.33 17.37 -17.24
CA ARG A 307 7.77 17.02 -15.85
C ARG A 307 7.71 18.27 -14.95
N VAL A 308 8.11 19.42 -15.48
CA VAL A 308 8.10 20.74 -14.76
C VAL A 308 6.65 21.12 -14.45
N ALA A 309 5.68 20.72 -15.30
CA ALA A 309 4.24 21.02 -15.16
C ALA A 309 3.61 20.08 -14.12
N ARG A 310 4.06 18.83 -14.03
CA ARG A 310 3.55 17.82 -13.07
C ARG A 310 3.89 18.27 -11.63
N TYR A 311 5.11 18.77 -11.46
CA TYR A 311 5.68 19.32 -10.19
C TYR A 311 4.83 20.51 -9.72
N SER A 312 4.54 21.44 -10.66
CA SER A 312 3.71 22.65 -10.43
C SER A 312 2.30 22.26 -10.01
N MET A 313 1.71 21.21 -10.59
CA MET A 313 0.39 20.64 -10.24
C MET A 313 0.44 19.99 -8.85
N GLU A 314 1.44 19.13 -8.60
CA GLU A 314 1.57 18.38 -7.31
C GLU A 314 1.83 19.37 -6.18
N ASP A 315 2.56 20.46 -6.43
CA ASP A 315 2.77 21.58 -5.49
C ASP A 315 1.41 22.11 -4.95
N ALA A 316 0.50 22.48 -5.87
CA ALA A 316 -0.77 23.17 -5.54
C ALA A 316 -1.68 22.17 -4.82
N LYS A 317 -1.78 20.96 -5.37
CA LYS A 317 -2.53 19.80 -4.81
C LYS A 317 -2.09 19.54 -3.36
N VAL A 318 -0.79 19.36 -3.13
CA VAL A 318 -0.18 19.10 -1.80
C VAL A 318 -0.46 20.28 -0.85
N THR A 319 -0.30 21.51 -1.37
CA THR A 319 -0.54 22.76 -0.57
C THR A 319 -2.01 22.81 -0.12
N TYR A 320 -2.95 22.52 -1.03
CA TYR A 320 -4.40 22.40 -0.71
C TYR A 320 -4.64 21.31 0.34
N GLU A 321 -4.06 20.13 0.14
CA GLU A 321 -4.21 18.95 1.02
C GLU A 321 -3.70 19.32 2.42
N LEU A 322 -2.54 20.03 2.50
CA LEU A 322 -2.03 20.54 3.80
C LEU A 322 -2.94 21.65 4.35
N GLY A 323 -3.39 22.56 3.47
CA GLY A 323 -4.37 23.62 3.80
C GLY A 323 -5.54 23.06 4.57
N ARG A 324 -6.21 22.05 3.99
CA ARG A 324 -7.40 21.36 4.55
C ARG A 324 -7.05 20.70 5.91
N GLU A 325 -5.81 20.22 6.06
CA GLU A 325 -5.33 19.50 7.26
C GLU A 325 -5.19 20.47 8.45
N PHE A 326 -4.61 21.65 8.22
CA PHE A 326 -4.17 22.60 9.29
C PHE A 326 -5.21 23.69 9.57
N PHE A 327 -6.04 24.06 8.60
CA PHE A 327 -6.97 25.23 8.71
C PHE A 327 -7.91 25.06 9.89
N PRO A 328 -8.55 23.87 10.08
CA PRO A 328 -9.51 23.69 11.17
C PRO A 328 -8.95 23.97 12.57
N MET A 329 -7.77 23.44 12.89
CA MET A 329 -7.14 23.62 14.23
C MET A 329 -6.77 25.10 14.42
N GLU A 330 -6.38 25.76 13.32
CA GLU A 330 -5.94 27.19 13.34
C GLU A 330 -7.18 28.06 13.52
N ALA A 331 -8.31 27.70 12.92
CA ALA A 331 -9.61 28.39 13.09
C ALA A 331 -10.13 28.29 14.54
N GLN A 332 -9.81 27.21 15.25
CA GLN A 332 -10.12 27.06 16.70
C GLN A 332 -9.21 28.02 17.48
N LEU A 333 -7.92 28.06 17.13
CA LEU A 333 -6.94 28.97 17.78
C LEU A 333 -7.44 30.42 17.66
N SER A 334 -7.96 30.77 16.50
CA SER A 334 -8.57 32.10 16.19
C SER A 334 -9.71 32.37 17.18
N ARG A 335 -10.60 31.42 17.43
CA ARG A 335 -11.76 31.56 18.36
C ARG A 335 -11.25 31.78 19.79
N LEU A 336 -10.24 31.01 20.18
CA LEU A 336 -9.72 30.97 21.58
C LEU A 336 -9.06 32.32 21.93
N ILE A 337 -8.17 32.78 21.05
CA ILE A 337 -7.38 34.05 21.24
C ILE A 337 -8.23 35.28 20.91
N GLY A 338 -9.23 35.11 20.04
CA GLY A 338 -10.18 36.17 19.66
C GLY A 338 -9.55 37.18 18.69
N GLN A 339 -8.65 36.71 17.84
CA GLN A 339 -8.10 37.52 16.71
C GLN A 339 -8.23 36.72 15.42
N SER A 340 -8.15 37.37 14.25
CA SER A 340 -8.27 36.76 12.89
C SER A 340 -7.35 35.53 12.80
N LEU A 341 -7.70 34.57 11.94
CA LEU A 341 -6.87 33.37 11.65
C LEU A 341 -5.54 33.85 11.04
N TRP A 342 -5.60 34.84 10.15
CA TRP A 342 -4.42 35.43 9.48
C TRP A 342 -3.38 35.87 10.52
N ASP A 343 -3.83 36.64 11.52
CA ASP A 343 -2.97 37.23 12.58
C ASP A 343 -2.41 36.10 13.45
N VAL A 344 -3.29 35.21 13.92
CA VAL A 344 -2.97 34.12 14.87
C VAL A 344 -2.07 33.06 14.22
N SER A 345 -2.19 32.83 12.90
CA SER A 345 -1.44 31.77 12.17
C SER A 345 0.03 32.17 12.00
N ARG A 346 0.31 33.48 12.05
CA ARG A 346 1.66 34.06 11.87
C ARG A 346 2.21 34.58 13.20
N SER A 347 1.43 34.52 14.28
CA SER A 347 1.75 35.11 15.62
C SER A 347 2.57 34.12 16.44
N SER A 348 3.56 34.66 17.15
CA SER A 348 4.36 33.97 18.19
C SER A 348 3.48 33.67 19.41
N THR A 349 3.92 32.77 20.29
CA THR A 349 3.15 32.32 21.47
C THR A 349 3.07 33.48 22.47
N GLY A 350 4.00 34.44 22.44
CA GLY A 350 3.95 35.64 23.30
C GLY A 350 2.74 36.51 22.97
N ASN A 351 2.52 36.72 21.67
CA ASN A 351 1.48 37.66 21.16
C ASN A 351 0.10 37.04 21.35
N LEU A 352 0.00 35.73 21.22
CA LEU A 352 -1.26 34.96 21.41
C LEU A 352 -1.74 35.11 22.85
N VAL A 353 -0.85 34.88 23.81
CA VAL A 353 -1.14 35.06 25.26
C VAL A 353 -1.55 36.52 25.50
N GLU A 354 -0.78 37.46 24.95
CA GLU A 354 -1.01 38.92 25.15
C GLU A 354 -2.38 39.36 24.62
N TRP A 355 -2.77 38.86 23.44
CA TRP A 355 -4.06 39.18 22.79
C TRP A 355 -5.18 38.61 23.65
N PHE A 356 -5.04 37.37 24.11
CA PHE A 356 -5.99 36.71 25.04
C PHE A 356 -6.18 37.57 26.29
N LEU A 357 -5.08 38.01 26.91
CA LEU A 357 -5.08 38.80 28.17
C LEU A 357 -5.73 40.18 27.96
N LEU A 358 -5.43 40.84 26.82
CA LEU A 358 -6.02 42.16 26.47
C LEU A 358 -7.55 42.06 26.45
N ARG A 359 -8.09 41.01 25.80
CA ARG A 359 -9.54 40.76 25.69
C ARG A 359 -10.16 40.56 27.08
N LYS A 360 -9.57 39.70 27.89
CA LYS A 360 -10.05 39.35 29.26
C LYS A 360 -9.90 40.54 30.18
N ALA A 361 -8.82 41.34 29.99
CA ALA A 361 -8.57 42.59 30.74
C ALA A 361 -9.73 43.56 30.53
N TYR A 362 -10.19 43.69 29.28
CA TYR A 362 -11.30 44.61 28.91
C TYR A 362 -12.58 44.13 29.60
N LYS A 363 -12.85 42.82 29.51
CA LYS A 363 -14.07 42.20 30.14
C LYS A 363 -14.11 42.50 31.64
N ARG A 364 -12.94 42.54 32.30
CA ARG A 364 -12.82 42.63 33.78
C ARG A 364 -12.46 44.06 34.22
N ASN A 365 -12.50 45.02 33.29
CA ASN A 365 -12.23 46.46 33.50
C ASN A 365 -10.85 46.59 34.16
N GLU A 366 -9.89 45.76 33.69
CA GLU A 366 -8.45 45.82 34.09
C GLU A 366 -7.68 46.67 33.07
N LEU A 367 -7.12 47.79 33.50
CA LEU A 367 -6.21 48.62 32.70
C LEU A 367 -4.95 47.79 32.41
N ALA A 368 -4.51 47.79 31.13
CA ALA A 368 -3.38 46.99 30.61
C ALA A 368 -2.07 47.72 30.86
N PRO A 369 -1.07 47.05 31.48
CA PRO A 369 0.29 47.58 31.53
C PRO A 369 0.84 47.85 30.12
N ASN A 370 1.74 48.82 30.01
CA ASN A 370 2.39 49.19 28.73
C ASN A 370 3.48 48.16 28.41
N LYS A 371 3.72 47.95 27.11
CA LYS A 371 4.95 47.30 26.61
C LYS A 371 6.15 48.12 27.08
N PRO A 372 7.24 47.46 27.52
CA PRO A 372 8.43 48.17 28.01
C PRO A 372 9.11 48.95 26.88
N ASP A 373 9.68 50.10 27.22
CA ASP A 373 10.57 50.91 26.34
C ASP A 373 12.04 50.49 26.59
N GLU A 374 12.98 51.02 25.80
CA GLU A 374 14.40 50.55 25.70
C GLU A 374 15.01 50.35 27.09
N ARG A 375 14.87 51.34 28.00
CA ARG A 375 15.56 51.42 29.30
C ARG A 375 14.84 50.55 30.34
N GLU A 376 13.53 50.37 30.25
CA GLU A 376 12.78 49.42 31.11
C GLU A 376 13.03 47.97 30.64
N LEU A 377 13.10 47.75 29.32
CA LEU A 377 13.39 46.43 28.71
C LEU A 377 14.79 45.99 29.17
N ALA A 378 15.71 46.93 29.28
CA ALA A 378 17.10 46.83 29.78
C ALA A 378 17.14 46.26 31.22
N ARG A 379 16.23 46.74 32.08
CA ARG A 379 16.14 46.36 33.52
C ARG A 379 15.70 44.89 33.65
N ARG A 380 15.04 44.33 32.62
CA ARG A 380 14.50 42.95 32.64
C ARG A 380 15.51 41.98 32.01
N ARG A 381 16.78 42.40 31.83
CA ARG A 381 17.85 41.62 31.17
C ARG A 381 18.26 40.44 32.04
N GLY A 382 18.20 40.56 33.37
CA GLY A 382 18.56 39.50 34.33
C GLY A 382 17.75 38.22 34.10
N GLY A 383 18.38 37.06 34.35
CA GLY A 383 17.72 35.74 34.33
C GLY A 383 17.14 35.41 35.70
N TYR A 384 16.77 34.14 35.91
CA TYR A 384 16.27 33.60 37.20
C TYR A 384 16.43 32.07 37.20
N ALA A 385 16.43 31.41 38.36
CA ALA A 385 16.66 29.96 38.49
C ALA A 385 15.50 29.19 37.83
N GLY A 386 15.80 28.11 37.11
CA GLY A 386 14.80 27.33 36.34
C GLY A 386 14.44 26.02 37.00
N GLY A 387 14.28 24.97 36.21
CA GLY A 387 13.93 23.61 36.68
C GLY A 387 15.11 22.94 37.33
N TYR A 388 14.85 21.97 38.23
CA TYR A 388 15.90 21.21 38.93
C TYR A 388 16.20 19.93 38.15
N VAL A 389 17.36 19.83 37.50
CA VAL A 389 17.79 18.62 36.78
C VAL A 389 18.74 17.85 37.70
N LYS A 390 18.31 16.68 38.16
CA LYS A 390 19.13 15.73 38.95
C LYS A 390 20.17 15.09 38.02
N GLU A 391 21.44 15.03 38.44
CA GLU A 391 22.49 14.28 37.72
C GLU A 391 22.07 12.81 37.71
N PRO A 392 21.86 12.19 36.53
CA PRO A 392 21.38 10.82 36.47
C PRO A 392 22.40 9.78 36.97
N GLU A 393 21.89 8.65 37.44
CA GLU A 393 22.67 7.43 37.75
C GLU A 393 22.96 6.70 36.44
N ARG A 394 24.11 6.98 35.81
CA ARG A 394 24.48 6.47 34.46
C ARG A 394 24.53 4.94 34.47
N GLY A 395 24.17 4.33 33.34
CA GLY A 395 24.23 2.88 33.09
C GLY A 395 22.86 2.31 32.80
N LEU A 396 22.78 1.00 32.59
CA LEU A 396 21.55 0.23 32.31
C LEU A 396 20.89 -0.13 33.65
N TRP A 397 19.57 -0.04 33.73
CA TRP A 397 18.76 -0.37 34.94
C TRP A 397 17.48 -1.03 34.47
N ASP A 398 16.83 -1.80 35.38
CA ASP A 398 15.63 -2.63 35.12
C ASP A 398 14.44 -2.04 35.89
N ASN A 399 13.23 -2.42 35.46
CA ASN A 399 11.95 -2.20 36.19
C ASN A 399 11.90 -0.73 36.58
N ILE A 400 11.77 0.16 35.59
CA ILE A 400 11.79 1.64 35.78
C ILE A 400 10.36 2.17 35.64
N VAL A 401 9.94 3.02 36.57
CA VAL A 401 8.63 3.74 36.51
C VAL A 401 8.92 5.23 36.28
N TYR A 402 8.17 5.86 35.37
CA TYR A 402 8.22 7.33 35.14
C TYR A 402 7.02 7.96 35.84
N LEU A 403 7.29 8.78 36.85
CA LEU A 403 6.30 9.59 37.60
C LEU A 403 6.52 11.07 37.24
N ASP A 404 5.46 11.80 36.93
CA ASP A 404 5.58 13.28 36.70
C ASP A 404 4.28 13.95 37.15
N PHE A 405 4.36 15.22 37.55
CA PHE A 405 3.24 16.10 37.92
C PHE A 405 2.43 16.42 36.66
N ARG A 406 1.15 16.73 36.83
CA ARG A 406 0.28 17.18 35.71
C ARG A 406 0.24 18.71 35.77
N SER A 407 0.49 19.36 34.63
CA SER A 407 0.49 20.84 34.47
C SER A 407 1.04 21.49 35.76
N LEU A 408 2.30 21.19 36.11
CA LEU A 408 2.92 21.61 37.40
C LEU A 408 2.90 23.13 37.54
N TYR A 409 3.33 23.85 36.50
CA TYR A 409 3.45 25.33 36.52
C TYR A 409 2.05 25.96 36.57
N PRO A 410 1.08 25.57 35.71
CA PRO A 410 -0.32 25.99 35.89
C PRO A 410 -0.91 25.58 37.26
N SER A 411 -0.63 24.37 37.73
CA SER A 411 -1.04 23.86 39.07
C SER A 411 -0.56 24.82 40.16
N ILE A 412 0.69 25.27 40.05
CA ILE A 412 1.35 26.12 41.10
C ILE A 412 0.76 27.52 40.98
N ILE A 413 0.72 28.10 39.76
CA ILE A 413 0.16 29.48 39.54
C ILE A 413 -1.24 29.55 40.15
N ILE A 414 -2.08 28.54 39.96
CA ILE A 414 -3.48 28.49 40.48
C ILE A 414 -3.44 28.27 42.00
N THR A 415 -2.79 27.19 42.45
CA THR A 415 -2.78 26.74 43.87
C THR A 415 -2.20 27.83 44.77
N HIS A 416 -1.09 28.49 44.38
CA HIS A 416 -0.42 29.52 45.21
C HIS A 416 -0.83 30.94 44.77
N ASN A 417 -1.75 31.05 43.80
CA ASN A 417 -2.36 32.32 43.34
C ASN A 417 -1.29 33.32 42.87
N VAL A 418 -0.36 32.87 42.02
CA VAL A 418 0.83 33.63 41.55
C VAL A 418 0.38 34.60 40.45
N SER A 419 0.41 35.90 40.73
CA SER A 419 -0.05 36.98 39.81
C SER A 419 0.52 38.32 40.25
N PRO A 420 0.87 39.24 39.31
CA PRO A 420 1.47 40.52 39.68
C PRO A 420 0.57 41.36 40.61
N ASP A 421 -0.75 41.22 40.45
CA ASP A 421 -1.80 41.95 41.21
C ASP A 421 -1.93 41.44 42.66
N THR A 422 -1.42 40.22 42.96
CA THR A 422 -1.45 39.60 44.31
C THR A 422 -0.06 39.63 44.95
N LEU A 423 0.98 39.95 44.19
CA LEU A 423 2.39 40.03 44.66
C LEU A 423 2.51 41.20 45.65
N ASN A 424 3.01 40.89 46.84
CA ASN A 424 3.38 41.80 47.95
C ASN A 424 2.29 42.87 48.12
N ARG A 425 1.03 42.42 48.24
CA ARG A 425 -0.12 43.33 48.53
C ARG A 425 -0.03 43.83 49.97
N GLU A 426 -0.23 45.14 50.18
CA GLU A 426 -0.13 45.80 51.50
C GLU A 426 -1.38 45.47 52.33
N GLY A 427 -1.26 44.51 53.26
CA GLY A 427 -2.32 44.20 54.26
C GLY A 427 -3.35 43.15 53.80
N CYS A 428 -2.90 41.91 53.60
CA CYS A 428 -3.76 40.71 53.42
C CYS A 428 -3.99 40.07 54.78
N LYS A 429 -4.50 38.84 54.78
CA LYS A 429 -4.70 38.00 56.00
C LYS A 429 -3.94 36.67 55.84
N GLU A 430 -4.24 35.92 54.77
CA GLU A 430 -3.54 34.66 54.39
C GLU A 430 -2.46 34.99 53.34
N TYR A 431 -1.37 34.22 53.30
CA TYR A 431 -0.28 34.34 52.29
C TYR A 431 0.20 32.95 51.89
N ASP A 432 0.69 32.81 50.65
CA ASP A 432 1.65 31.75 50.23
C ASP A 432 3.00 32.42 49.95
N VAL A 433 4.07 31.87 50.54
CA VAL A 433 5.46 32.40 50.40
C VAL A 433 6.28 31.39 49.59
N ALA A 434 6.88 31.88 48.48
CA ALA A 434 7.70 31.06 47.55
C ALA A 434 8.99 30.63 48.25
N PRO A 435 9.35 29.32 48.17
CA PRO A 435 10.61 28.84 48.74
C PRO A 435 11.82 29.50 48.04
N GLU A 436 12.90 29.72 48.78
CA GLU A 436 14.16 30.37 48.32
C GLU A 436 13.92 31.85 47.99
N VAL A 437 13.08 32.12 46.99
CA VAL A 437 12.92 33.49 46.39
C VAL A 437 12.22 34.42 47.41
N GLY A 438 11.18 33.89 48.09
CA GLY A 438 10.61 34.52 49.29
C GLY A 438 9.53 35.55 49.01
N HIS A 439 9.05 35.65 47.77
CA HIS A 439 7.92 36.52 47.36
C HIS A 439 6.62 35.99 47.99
N LYS A 440 5.81 36.91 48.47
CA LYS A 440 4.50 36.66 49.14
C LYS A 440 3.36 36.97 48.16
N PHE A 441 2.42 36.05 48.02
CA PHE A 441 1.23 36.17 47.12
C PHE A 441 -0.05 36.12 47.96
N CYS A 442 -0.86 37.16 47.89
CA CYS A 442 -2.14 37.31 48.63
C CYS A 442 -3.08 36.17 48.25
N LYS A 443 -3.81 35.63 49.25
CA LYS A 443 -4.73 34.47 49.07
C LYS A 443 -6.17 34.90 49.36
N ASP A 444 -6.42 36.18 49.65
CA ASP A 444 -7.75 36.72 50.04
C ASP A 444 -8.69 36.70 48.81
N PHE A 445 -8.16 37.10 47.65
CA PHE A 445 -8.93 37.28 46.40
C PHE A 445 -8.16 36.59 45.27
N PRO A 446 -8.86 36.11 44.21
CA PRO A 446 -8.21 35.48 43.07
C PRO A 446 -7.41 36.49 42.25
N GLY A 447 -6.22 36.09 41.79
CA GLY A 447 -5.37 36.87 40.86
C GLY A 447 -5.90 36.79 39.44
N PHE A 448 -5.62 37.79 38.61
CA PHE A 448 -6.12 37.91 37.22
C PHE A 448 -5.80 36.58 36.50
N ILE A 449 -4.51 36.26 36.36
CA ILE A 449 -4.01 35.07 35.60
C ILE A 449 -4.48 33.80 36.27
N PRO A 450 -4.22 33.58 37.59
CA PRO A 450 -4.77 32.41 38.28
C PRO A 450 -6.22 32.13 37.94
N SER A 451 -7.06 33.16 38.02
CA SER A 451 -8.52 33.12 37.75
C SER A 451 -8.80 32.68 36.31
N LEU A 452 -8.11 33.29 35.34
CA LEU A 452 -8.23 32.94 33.89
C LEU A 452 -7.84 31.46 33.73
N LEU A 453 -6.82 31.02 34.46
CA LEU A 453 -6.25 29.66 34.36
C LEU A 453 -7.25 28.66 34.97
N GLY A 454 -7.92 29.03 36.06
CA GLY A 454 -9.05 28.27 36.63
C GLY A 454 -10.15 28.10 35.60
N ASP A 455 -10.56 29.20 34.97
CA ASP A 455 -11.60 29.23 33.89
C ASP A 455 -11.24 28.24 32.79
N LEU A 456 -10.00 28.26 32.30
CA LEU A 456 -9.53 27.41 31.17
C LEU A 456 -9.57 25.93 31.57
N LEU A 457 -9.08 25.59 32.78
CA LEU A 457 -9.07 24.20 33.30
C LEU A 457 -10.51 23.66 33.29
N GLU A 458 -11.46 24.43 33.82
CA GLU A 458 -12.89 24.02 33.90
C GLU A 458 -13.53 24.01 32.51
N GLU A 459 -13.25 25.00 31.69
CA GLU A 459 -13.71 25.13 30.27
C GLU A 459 -13.30 23.85 29.54
N ARG A 460 -12.10 23.35 29.82
CA ARG A 460 -11.51 22.13 29.20
C ARG A 460 -12.27 20.87 29.66
N GLN A 461 -12.64 20.81 30.94
CA GLN A 461 -13.48 19.72 31.53
C GLN A 461 -14.81 19.62 30.77
N LYS A 462 -15.48 20.76 30.60
CA LYS A 462 -16.78 20.90 29.88
C LYS A 462 -16.62 20.31 28.48
N ILE A 463 -15.56 20.70 27.76
CA ILE A 463 -15.30 20.29 26.34
C ILE A 463 -15.09 18.77 26.31
N LYS A 464 -14.32 18.22 27.25
CA LYS A 464 -14.01 16.77 27.34
C LYS A 464 -15.28 15.99 27.72
N ARG A 465 -16.18 16.56 28.52
CA ARG A 465 -17.52 16.00 28.82
C ARG A 465 -18.39 16.07 27.57
N LYS A 466 -18.40 17.21 26.88
CA LYS A 466 -19.23 17.46 25.66
C LYS A 466 -18.76 16.55 24.52
N MET A 467 -17.45 16.26 24.48
CA MET A 467 -16.77 15.36 23.51
C MET A 467 -17.25 13.92 23.66
N LYS A 468 -17.40 13.45 24.91
CA LYS A 468 -17.87 12.07 25.24
C LYS A 468 -19.28 11.84 24.65
N ALA A 469 -20.18 12.80 24.92
CA ALA A 469 -21.62 12.75 24.57
C ALA A 469 -21.86 13.53 23.25
N THR A 470 -21.28 13.04 22.16
CA THR A 470 -21.44 13.56 20.78
C THR A 470 -20.84 12.52 19.82
N VAL A 471 -21.54 12.26 18.72
CA VAL A 471 -21.19 11.24 17.69
C VAL A 471 -20.50 11.90 16.48
N ASP A 472 -21.03 13.03 15.99
CA ASP A 472 -20.57 13.66 14.71
C ASP A 472 -19.05 13.67 14.70
N PRO A 473 -18.36 12.87 13.83
CA PRO A 473 -16.90 12.75 13.86
C PRO A 473 -16.12 14.08 13.66
N LEU A 474 -16.72 15.02 12.90
CA LEU A 474 -16.12 16.33 12.54
C LEU A 474 -16.17 17.25 13.77
N GLU A 475 -17.34 17.36 14.41
CA GLU A 475 -17.58 18.22 15.61
C GLU A 475 -16.64 17.76 16.76
N LYS A 476 -16.33 16.45 16.78
CA LYS A 476 -15.50 15.82 17.84
C LYS A 476 -14.04 16.28 17.66
N LYS A 477 -13.57 16.31 16.41
CA LYS A 477 -12.20 16.78 16.04
C LYS A 477 -12.05 18.27 16.35
N LEU A 478 -13.08 19.07 16.02
CA LEU A 478 -13.05 20.56 16.21
C LEU A 478 -13.03 20.89 17.71
N LEU A 479 -13.72 20.11 18.56
CA LEU A 479 -13.68 20.27 20.02
C LEU A 479 -12.40 19.66 20.61
N ASP A 480 -11.81 18.66 19.94
CA ASP A 480 -10.52 18.07 20.35
C ASP A 480 -9.40 19.08 20.16
N TYR A 481 -9.51 19.95 19.13
CA TYR A 481 -8.51 21.02 18.87
C TYR A 481 -8.65 22.12 19.92
N ARG A 482 -9.89 22.44 20.29
CA ARG A 482 -10.19 23.53 21.27
C ARG A 482 -9.56 23.14 22.62
N GLN A 483 -9.76 21.89 23.03
CA GLN A 483 -9.29 21.40 24.38
C GLN A 483 -7.76 21.28 24.40
N ARG A 484 -7.16 20.83 23.28
CA ARG A 484 -5.68 20.67 23.16
C ARG A 484 -5.02 22.06 23.13
N LEU A 485 -5.67 23.02 22.48
CA LEU A 485 -5.20 24.42 22.32
C LEU A 485 -5.33 25.17 23.67
N ILE A 486 -6.40 24.87 24.44
CA ILE A 486 -6.55 25.41 25.83
C ILE A 486 -5.37 24.93 26.70
N LYS A 487 -5.08 23.62 26.65
CA LYS A 487 -3.92 23.02 27.36
C LYS A 487 -2.62 23.80 27.07
N ILE A 488 -2.34 24.08 25.79
CA ILE A 488 -1.12 24.79 25.32
C ILE A 488 -1.15 26.21 25.86
N LEU A 489 -2.26 26.95 25.68
CA LEU A 489 -2.40 28.35 26.22
C LEU A 489 -2.08 28.40 27.72
N ALA A 490 -2.67 27.51 28.50
CA ALA A 490 -2.47 27.35 29.96
C ALA A 490 -0.98 27.17 30.31
N ASN A 491 -0.26 26.35 29.56
CA ASN A 491 1.18 26.02 29.78
C ASN A 491 2.08 27.12 29.22
N SER A 492 1.54 28.19 28.69
CA SER A 492 2.31 29.32 28.09
C SER A 492 2.46 30.48 29.08
N PHE A 493 1.61 30.55 30.10
CA PHE A 493 1.53 31.68 31.06
C PHE A 493 2.82 31.80 31.88
N TYR A 494 3.40 30.68 32.32
CA TYR A 494 4.67 30.70 33.11
C TYR A 494 5.73 31.40 32.26
N GLY A 495 5.99 30.89 31.06
CA GLY A 495 6.98 31.46 30.11
C GLY A 495 6.70 32.93 29.82
N TYR A 496 5.42 33.29 29.67
CA TYR A 496 4.98 34.67 29.34
C TYR A 496 5.34 35.60 30.51
N TYR A 497 5.17 35.13 31.75
CA TYR A 497 5.58 35.88 32.97
C TYR A 497 7.05 36.32 32.90
N GLY A 498 7.91 35.47 32.29
CA GLY A 498 9.36 35.69 32.21
C GLY A 498 9.79 36.31 30.90
N TYR A 499 8.83 36.71 30.05
CA TYR A 499 9.07 37.29 28.71
C TYR A 499 9.13 38.81 28.85
N ALA A 500 10.34 39.35 28.70
CA ALA A 500 10.69 40.77 28.95
C ALA A 500 9.82 41.74 28.15
N LYS A 501 9.40 41.37 26.93
CA LYS A 501 8.56 42.24 26.07
C LYS A 501 7.08 42.19 26.49
N ALA A 502 6.74 41.30 27.42
CA ALA A 502 5.34 41.05 27.89
C ALA A 502 4.80 42.25 28.68
N ARG A 503 3.55 42.62 28.42
CA ARG A 503 2.83 43.67 29.18
C ARG A 503 2.75 43.24 30.64
N TRP A 504 2.22 42.03 30.90
CA TRP A 504 2.08 41.45 32.27
C TRP A 504 3.31 40.61 32.62
N TYR A 505 4.50 41.05 32.21
CA TYR A 505 5.81 40.51 32.65
C TYR A 505 5.90 40.63 34.18
N CYS A 506 6.37 39.58 34.85
CA CYS A 506 6.52 39.51 36.32
C CYS A 506 7.61 38.48 36.64
N LYS A 507 8.84 38.94 36.80
CA LYS A 507 10.03 38.13 37.16
C LYS A 507 9.71 37.40 38.45
N GLU A 508 9.17 38.11 39.44
CA GLU A 508 8.82 37.57 40.79
C GLU A 508 7.86 36.39 40.65
N CYS A 509 6.84 36.52 39.79
CA CYS A 509 5.86 35.45 39.45
C CYS A 509 6.60 34.25 38.84
N ALA A 510 7.40 34.48 37.79
CA ALA A 510 8.20 33.45 37.08
C ALA A 510 9.12 32.71 38.06
N GLU A 511 9.94 33.45 38.79
CA GLU A 511 10.88 32.94 39.84
C GLU A 511 10.17 32.02 40.84
N SER A 512 9.04 32.48 41.38
CA SER A 512 8.27 31.80 42.43
C SER A 512 7.72 30.48 41.90
N VAL A 513 7.24 30.46 40.64
CA VAL A 513 6.72 29.22 40.00
C VAL A 513 7.83 28.17 39.95
N THR A 514 8.99 28.50 39.38
CA THR A 514 10.16 27.59 39.26
C THR A 514 10.63 27.10 40.64
N ALA A 515 10.66 27.99 41.62
CA ALA A 515 11.07 27.73 43.03
C ALA A 515 10.14 26.69 43.65
N TRP A 516 8.82 26.91 43.55
CA TRP A 516 7.81 25.94 44.05
C TRP A 516 7.99 24.62 43.29
N GLY A 517 8.19 24.69 41.96
CA GLY A 517 8.47 23.49 41.13
C GLY A 517 9.61 22.67 41.73
N ARG A 518 10.73 23.34 42.03
CA ARG A 518 11.95 22.71 42.58
C ARG A 518 11.63 22.11 43.96
N GLU A 519 10.89 22.84 44.79
CA GLU A 519 10.48 22.37 46.15
C GLU A 519 9.72 21.04 46.02
N TYR A 520 8.80 20.94 45.07
CA TYR A 520 7.86 19.79 44.95
C TYR A 520 8.60 18.59 44.35
N ILE A 521 9.33 18.77 43.26
CA ILE A 521 10.07 17.63 42.63
C ILE A 521 11.11 17.07 43.61
N GLU A 522 11.79 17.95 44.36
CA GLU A 522 12.88 17.56 45.30
C GLU A 522 12.28 16.91 46.56
N MET A 523 11.13 17.40 46.99
CA MET A 523 10.37 16.82 48.14
C MET A 523 9.94 15.40 47.76
N VAL A 524 9.40 15.22 46.55
CA VAL A 524 8.91 13.90 46.04
C VAL A 524 10.09 12.91 46.03
N ILE A 525 11.24 13.32 45.49
CA ILE A 525 12.48 12.50 45.38
C ILE A 525 12.94 12.08 46.77
N ARG A 526 12.98 13.04 47.71
CA ARG A 526 13.46 12.84 49.11
C ARG A 526 12.56 11.81 49.79
N GLU A 527 11.23 11.98 49.67
CA GLU A 527 10.20 11.06 50.22
C GLU A 527 10.41 9.67 49.61
N LEU A 528 10.55 9.60 48.28
CA LEU A 528 10.64 8.32 47.51
C LEU A 528 11.86 7.52 47.99
N GLU A 529 12.96 8.18 48.34
CA GLU A 529 14.28 7.55 48.65
C GLU A 529 14.42 7.29 50.15
N GLU A 530 14.08 8.27 50.99
CA GLU A 530 14.34 8.25 52.45
C GLU A 530 13.31 7.37 53.13
N LYS A 531 12.03 7.41 52.78
CA LYS A 531 10.91 6.76 53.49
C LYS A 531 10.48 5.50 52.73
N PHE A 532 10.38 5.56 51.40
CA PHE A 532 10.07 4.39 50.53
C PHE A 532 11.39 3.84 50.02
N GLY A 533 11.38 2.68 49.34
CA GLY A 533 12.62 1.92 49.05
C GLY A 533 13.21 2.20 47.68
N PHE A 534 12.94 3.36 47.11
CA PHE A 534 13.23 3.71 45.71
C PHE A 534 14.62 4.34 45.60
N LYS A 535 15.29 4.06 44.46
CA LYS A 535 16.46 4.82 43.93
C LYS A 535 15.98 5.65 42.76
N VAL A 536 16.03 6.99 42.87
CA VAL A 536 15.68 7.93 41.77
C VAL A 536 16.86 7.96 40.80
N LEU A 537 16.68 7.43 39.60
CA LEU A 537 17.73 7.32 38.57
C LEU A 537 17.96 8.70 37.91
N TYR A 538 16.88 9.41 37.59
CA TYR A 538 16.93 10.70 36.87
C TYR A 538 15.66 11.48 37.18
N ALA A 539 15.77 12.80 37.17
CA ALA A 539 14.70 13.78 37.47
C ALA A 539 15.08 15.11 36.84
N ASP A 540 14.20 15.67 36.02
CA ASP A 540 14.49 16.86 35.16
C ASP A 540 13.84 18.13 35.73
N THR A 541 12.52 18.24 35.63
CA THR A 541 11.71 19.32 36.24
C THR A 541 10.26 18.90 36.09
N ASP A 542 9.64 18.40 37.15
CA ASP A 542 8.22 17.97 37.17
C ASP A 542 8.12 16.49 36.84
N GLY A 543 9.23 15.73 36.73
CA GLY A 543 9.18 14.30 36.40
C GLY A 543 10.42 13.56 36.88
N LEU A 544 10.30 12.27 37.14
CA LEU A 544 11.42 11.45 37.68
C LEU A 544 11.30 10.01 37.21
N HIS A 545 12.44 9.35 37.04
CA HIS A 545 12.61 7.91 36.73
C HIS A 545 13.14 7.20 37.97
N ALA A 546 12.38 6.24 38.52
CA ALA A 546 12.71 5.53 39.78
C ALA A 546 12.58 4.01 39.59
N THR A 547 13.26 3.26 40.47
CA THR A 547 13.16 1.79 40.59
C THR A 547 13.45 1.41 42.04
N ILE A 548 13.09 0.19 42.45
CA ILE A 548 13.55 -0.46 43.71
C ILE A 548 14.52 -1.55 43.28
N PRO A 549 15.83 -1.46 43.59
CA PRO A 549 16.84 -2.35 43.00
C PRO A 549 16.53 -3.85 43.19
N GLY A 550 16.36 -4.31 44.43
CA GLY A 550 16.13 -5.73 44.76
C GLY A 550 14.67 -6.15 44.62
N ALA A 551 14.02 -5.78 43.52
CA ALA A 551 12.57 -6.02 43.29
C ALA A 551 12.32 -6.32 41.82
N ASP A 552 11.10 -6.80 41.49
CA ASP A 552 10.66 -7.18 40.12
C ASP A 552 9.56 -6.23 39.65
N ALA A 553 9.18 -6.35 38.37
CA ALA A 553 8.14 -5.52 37.69
C ALA A 553 6.92 -5.33 38.61
N GLU A 554 6.26 -6.43 38.95
CA GLU A 554 4.96 -6.39 39.72
C GLU A 554 5.09 -5.47 40.95
N THR A 555 6.21 -5.62 41.67
CA THR A 555 6.54 -4.94 42.95
C THR A 555 6.68 -3.44 42.72
N VAL A 556 7.53 -3.05 41.76
CA VAL A 556 7.89 -1.62 41.47
C VAL A 556 6.63 -0.84 41.06
N LYS A 557 5.75 -1.46 40.24
CA LYS A 557 4.50 -0.81 39.76
C LYS A 557 3.57 -0.58 40.95
N LYS A 558 3.33 -1.64 41.73
CA LYS A 558 2.41 -1.67 42.90
C LYS A 558 2.86 -0.65 43.94
N LYS A 559 4.15 -0.61 44.29
CA LYS A 559 4.71 0.32 45.33
C LYS A 559 4.64 1.76 44.84
N ALA A 560 4.76 1.99 43.52
CA ALA A 560 4.74 3.33 42.88
C ALA A 560 3.33 3.94 43.04
N LYS A 561 2.30 3.22 42.57
CA LYS A 561 0.88 3.64 42.68
C LYS A 561 0.50 3.86 44.15
N GLU A 562 1.07 3.09 45.09
CA GLU A 562 0.92 3.25 46.54
C GLU A 562 1.52 4.59 46.98
N PHE A 563 2.68 4.95 46.48
CA PHE A 563 3.36 6.24 46.79
C PHE A 563 2.49 7.41 46.32
N LEU A 564 1.83 7.27 45.17
CA LEU A 564 0.88 8.30 44.62
C LEU A 564 -0.28 8.48 45.60
N LYS A 565 -0.86 7.35 46.06
CA LYS A 565 -1.99 7.31 47.03
C LYS A 565 -1.56 7.98 48.35
N TYR A 566 -0.28 7.90 48.71
CA TYR A 566 0.31 8.56 49.91
C TYR A 566 0.49 10.06 49.66
N ILE A 567 1.28 10.43 48.66
CA ILE A 567 1.87 11.80 48.50
C ILE A 567 0.79 12.81 48.04
N ASN A 568 -0.14 12.41 47.18
CA ASN A 568 -1.03 13.34 46.43
C ASN A 568 -1.93 14.07 47.42
N PRO A 569 -2.56 13.40 48.43
CA PRO A 569 -3.24 14.10 49.52
C PRO A 569 -2.41 15.14 50.28
N LYS A 570 -1.10 14.89 50.47
CA LYS A 570 -0.16 15.82 51.16
C LYS A 570 0.22 17.01 50.28
N LEU A 571 0.06 16.92 48.95
CA LEU A 571 0.30 17.99 47.95
C LEU A 571 -0.88 18.95 47.88
N PRO A 572 -0.64 20.30 47.96
CA PRO A 572 -1.75 21.27 48.08
C PRO A 572 -2.55 21.44 46.79
N GLY A 573 -3.86 21.72 46.88
CA GLY A 573 -4.72 22.08 45.74
C GLY A 573 -4.48 21.21 44.53
N LEU A 574 -4.22 21.82 43.37
CA LEU A 574 -4.09 21.12 42.07
C LEU A 574 -2.97 20.06 42.09
N LEU A 575 -1.80 20.47 42.58
CA LEU A 575 -0.55 19.68 42.56
C LEU A 575 -0.86 18.20 42.77
N GLU A 576 -0.54 17.38 41.78
CA GLU A 576 -0.83 15.91 41.78
C GLU A 576 0.25 15.19 40.97
N LEU A 577 0.86 14.15 41.54
CA LEU A 577 1.84 13.27 40.86
C LEU A 577 1.08 12.15 40.14
N GLU A 578 1.56 11.72 38.98
CA GLU A 578 0.88 10.75 38.07
C GLU A 578 1.85 9.63 37.65
N TYR A 579 1.31 8.43 37.47
CA TYR A 579 2.00 7.28 36.83
C TYR A 579 1.91 7.45 35.30
N GLU A 580 3.02 7.74 34.64
CA GLU A 580 3.11 7.89 33.16
C GLU A 580 3.21 6.48 32.58
N GLY A 581 4.21 5.69 32.97
CA GLY A 581 4.49 4.38 32.35
C GLY A 581 5.59 3.61 33.06
N PHE A 582 5.64 2.29 32.81
CA PHE A 582 6.70 1.35 33.25
C PHE A 582 7.59 1.02 32.04
N TYR A 583 8.89 0.79 32.30
CA TYR A 583 9.90 0.44 31.26
C TYR A 583 10.75 -0.73 31.80
N VAL A 584 10.87 -1.78 30.99
CA VAL A 584 11.56 -3.07 31.34
C VAL A 584 13.01 -2.73 31.64
N ARG A 585 13.66 -1.98 30.75
CA ARG A 585 15.05 -1.48 30.90
C ARG A 585 15.10 0.01 30.55
N GLY A 586 16.06 0.73 31.10
CA GLY A 586 16.33 2.15 30.85
C GLY A 586 17.82 2.41 30.84
N PHE A 587 18.27 3.24 29.90
CA PHE A 587 19.69 3.61 29.70
C PHE A 587 19.82 5.13 29.82
N PHE A 588 20.43 5.59 30.91
CA PHE A 588 20.66 7.03 31.21
C PHE A 588 22.12 7.39 30.91
N VAL A 589 22.32 8.21 29.87
CA VAL A 589 23.65 8.60 29.30
C VAL A 589 24.18 9.83 30.05
N THR A 590 23.45 10.94 29.99
CA THR A 590 23.74 12.21 30.71
C THR A 590 22.42 12.93 30.99
N LYS A 591 22.51 14.13 31.58
CA LYS A 591 21.36 15.04 31.76
C LYS A 591 20.73 15.31 30.39
N LYS A 592 19.42 15.10 30.26
CA LYS A 592 18.61 15.41 29.05
C LYS A 592 18.77 14.31 27.98
N LYS A 593 19.59 13.28 28.25
CA LYS A 593 20.01 12.25 27.26
C LYS A 593 19.84 10.85 27.88
N TYR A 594 18.77 10.15 27.51
CA TYR A 594 18.45 8.77 27.96
C TYR A 594 17.52 8.08 26.96
N ALA A 595 17.35 6.76 27.13
CA ALA A 595 16.46 5.91 26.32
C ALA A 595 15.87 4.79 27.21
N VAL A 596 14.64 4.39 26.92
CA VAL A 596 13.88 3.37 27.70
C VAL A 596 13.15 2.48 26.69
N ILE A 597 12.86 1.22 27.08
CA ILE A 597 12.10 0.23 26.27
C ILE A 597 10.93 -0.28 27.13
N ASP A 598 9.71 -0.26 26.59
CA ASP A 598 8.47 -0.53 27.36
C ASP A 598 8.14 -2.02 27.28
N GLU A 599 6.94 -2.41 27.72
CA GLU A 599 6.47 -3.82 27.74
C GLU A 599 6.34 -4.37 26.30
N GLU A 600 5.74 -3.57 25.41
CA GLU A 600 5.52 -3.90 23.98
C GLU A 600 6.87 -3.98 23.23
N GLY A 601 7.87 -3.26 23.71
CA GLY A 601 9.26 -3.25 23.18
C GLY A 601 9.58 -1.96 22.44
N LYS A 602 8.69 -0.95 22.53
CA LYS A 602 8.92 0.38 21.87
C LYS A 602 10.02 1.11 22.65
N ILE A 603 11.13 1.48 21.97
CA ILE A 603 12.20 2.34 22.56
C ILE A 603 11.76 3.81 22.44
N THR A 604 11.73 4.52 23.57
CA THR A 604 11.57 6.00 23.64
C THR A 604 12.96 6.63 23.81
N THR A 605 13.33 7.54 22.91
CA THR A 605 14.66 8.21 22.86
C THR A 605 14.49 9.70 23.21
N ARG A 606 15.30 10.20 24.13
CA ARG A 606 15.29 11.62 24.55
C ARG A 606 16.71 12.19 24.47
N GLY A 607 16.91 13.26 23.70
CA GLY A 607 18.11 14.13 23.82
C GLY A 607 19.32 13.63 23.03
N LEU A 608 19.44 12.31 22.87
CA LEU A 608 20.55 11.63 22.17
C LEU A 608 20.64 12.14 20.72
N GLU A 609 21.76 11.86 20.05
CA GLU A 609 22.10 12.36 18.69
C GLU A 609 21.04 11.88 17.69
N ILE A 610 20.35 10.78 18.02
CA ILE A 610 19.24 10.16 17.23
C ILE A 610 18.20 11.24 16.84
N VAL A 611 17.92 12.20 17.74
CA VAL A 611 16.75 13.13 17.62
C VAL A 611 17.16 14.48 17.00
N ARG A 612 18.43 14.86 17.11
CA ARG A 612 18.97 16.17 16.68
C ARG A 612 19.12 16.18 15.15
N ARG A 613 18.89 17.34 14.55
CA ARG A 613 19.00 17.54 13.07
C ARG A 613 20.44 17.97 12.71
N ASP A 614 21.22 18.42 13.69
CA ASP A 614 22.61 18.88 13.43
C ASP A 614 23.58 17.67 13.55
N TRP A 615 23.04 16.47 13.41
CA TRP A 615 23.82 15.20 13.26
C TRP A 615 23.41 14.51 11.96
N SER A 616 24.37 13.89 11.26
CA SER A 616 24.16 13.20 9.97
C SER A 616 23.30 11.96 10.20
N GLU A 617 22.52 11.56 9.18
CA GLU A 617 21.60 10.38 9.24
C GLU A 617 22.41 9.12 9.56
N ILE A 618 23.61 9.00 9.00
CA ILE A 618 24.51 7.82 9.17
C ILE A 618 24.84 7.64 10.66
N ALA A 619 25.07 8.72 11.40
CA ALA A 619 25.38 8.70 12.85
C ALA A 619 24.12 8.37 13.68
N LYS A 620 23.02 9.04 13.35
CA LYS A 620 21.71 8.92 14.04
C LYS A 620 21.21 7.47 13.87
N GLU A 621 21.22 6.99 12.63
CA GLU A 621 20.81 5.61 12.23
C GLU A 621 21.68 4.58 12.95
N THR A 622 23.01 4.77 12.93
CA THR A 622 24.00 3.85 13.54
C THR A 622 23.78 3.81 15.06
N GLN A 623 23.54 4.97 15.69
CA GLN A 623 23.31 5.06 17.16
C GLN A 623 22.00 4.34 17.50
N ALA A 624 20.95 4.56 16.68
CA ALA A 624 19.61 3.95 16.83
C ALA A 624 19.76 2.43 16.95
N ARG A 625 20.68 1.85 16.18
CA ARG A 625 20.89 0.39 16.01
C ARG A 625 21.79 -0.13 17.15
N VAL A 626 22.78 0.66 17.58
CA VAL A 626 23.61 0.38 18.78
C VAL A 626 22.70 0.37 20.02
N LEU A 627 21.76 1.29 20.11
CA LEU A 627 20.86 1.45 21.29
C LEU A 627 19.91 0.23 21.34
N GLU A 628 19.31 -0.07 20.19
CA GLU A 628 18.36 -1.21 20.00
C GLU A 628 19.03 -2.53 20.38
N ALA A 629 20.28 -2.73 19.96
CA ALA A 629 21.09 -3.93 20.28
C ALA A 629 21.21 -4.12 21.79
N ILE A 630 21.25 -3.04 22.56
CA ILE A 630 21.58 -3.04 24.02
C ILE A 630 20.28 -2.95 24.85
N LEU A 631 19.24 -2.27 24.36
CA LEU A 631 17.90 -2.27 25.02
C LEU A 631 17.07 -3.48 24.57
N LYS A 632 16.59 -3.48 23.33
CA LYS A 632 15.72 -4.56 22.76
C LYS A 632 16.33 -5.95 23.07
N HIS A 633 17.50 -6.23 22.47
CA HIS A 633 18.27 -7.48 22.70
C HIS A 633 19.20 -7.22 23.89
N GLY A 634 19.96 -8.23 24.33
CA GLY A 634 20.96 -8.11 25.41
C GLY A 634 22.40 -8.06 24.91
N ASP A 635 22.56 -7.66 23.64
CA ASP A 635 23.80 -7.94 22.85
C ASP A 635 24.68 -6.68 22.75
N VAL A 636 25.61 -6.50 23.71
CA VAL A 636 26.69 -5.48 23.67
C VAL A 636 27.68 -5.85 22.56
N GLU A 637 27.71 -7.11 22.13
CA GLU A 637 28.62 -7.62 21.06
C GLU A 637 28.07 -7.29 19.67
N GLU A 638 26.75 -7.34 19.49
CA GLU A 638 26.02 -6.96 18.25
C GLU A 638 26.24 -5.47 17.96
N ALA A 639 26.15 -4.64 18.99
CA ALA A 639 26.36 -3.16 18.95
C ALA A 639 27.74 -2.84 18.37
N VAL A 640 28.79 -3.52 18.85
CA VAL A 640 30.20 -3.35 18.39
C VAL A 640 30.37 -3.74 16.91
N ARG A 641 29.63 -4.76 16.43
CA ARG A 641 29.77 -5.27 15.03
C ARG A 641 29.12 -4.27 14.06
N ILE A 642 28.05 -3.61 14.50
CA ILE A 642 27.29 -2.59 13.70
C ILE A 642 28.17 -1.34 13.58
N VAL A 643 28.89 -0.96 14.64
CA VAL A 643 29.91 0.13 14.63
C VAL A 643 30.96 -0.17 13.54
N LYS A 644 31.43 -1.43 13.47
CA LYS A 644 32.38 -1.95 12.45
C LYS A 644 31.76 -1.90 11.04
N GLU A 645 30.51 -2.36 10.90
CA GLU A 645 29.77 -2.41 9.61
C GLU A 645 29.64 -0.97 9.09
N VAL A 646 29.34 -0.01 9.99
CA VAL A 646 29.16 1.42 9.59
C VAL A 646 30.50 2.00 9.12
N THR A 647 31.51 1.98 9.99
CA THR A 647 32.84 2.64 9.79
C THR A 647 33.52 2.14 8.51
N GLU A 648 33.57 0.82 8.34
CA GLU A 648 34.21 0.13 7.19
C GLU A 648 33.50 0.59 5.89
N LYS A 649 32.16 0.57 5.89
CA LYS A 649 31.34 0.98 4.73
C LYS A 649 31.65 2.45 4.36
N LEU A 650 31.85 3.30 5.39
CA LEU A 650 32.17 4.75 5.19
C LEU A 650 33.54 4.93 4.52
N SER A 651 34.55 4.17 4.98
CA SER A 651 35.96 4.31 4.49
C SER A 651 36.09 3.77 3.07
N LYS A 652 35.22 2.85 2.63
CA LYS A 652 35.14 2.32 1.24
C LYS A 652 34.34 3.26 0.32
N TYR A 653 33.85 4.38 0.87
CA TYR A 653 33.03 5.40 0.16
C TYR A 653 31.72 4.77 -0.31
N GLU A 654 31.15 3.82 0.47
CA GLU A 654 29.95 3.05 -0.01
C GLU A 654 28.62 3.72 0.43
N VAL A 655 28.62 4.35 1.61
CA VAL A 655 27.42 4.99 2.23
C VAL A 655 27.00 6.17 1.36
N PRO A 656 25.72 6.23 0.91
CA PRO A 656 25.29 7.20 -0.09
C PRO A 656 25.18 8.60 0.51
N PRO A 657 25.30 9.66 -0.31
CA PRO A 657 25.40 11.04 0.18
C PRO A 657 24.17 11.57 0.92
N GLU A 658 22.98 10.99 0.67
CA GLU A 658 21.70 11.37 1.32
C GLU A 658 21.86 11.23 2.84
N LYS A 659 22.68 10.27 3.28
CA LYS A 659 22.84 9.90 4.72
C LYS A 659 23.95 10.71 5.38
N LEU A 660 24.57 11.66 4.67
CA LEU A 660 25.73 12.45 5.17
C LEU A 660 25.35 13.91 5.43
N VAL A 661 24.13 14.32 5.06
CA VAL A 661 23.68 15.74 5.14
C VAL A 661 23.52 16.14 6.61
N ILE A 662 24.13 17.27 7.00
CA ILE A 662 24.02 17.86 8.38
C ILE A 662 23.22 19.16 8.24
N HIS A 663 22.20 19.33 9.09
CA HIS A 663 21.18 20.40 9.07
C HIS A 663 21.41 21.31 10.29
N GLU A 664 21.78 22.57 10.05
CA GLU A 664 21.89 23.60 11.09
C GLU A 664 21.12 24.82 10.60
N GLN A 665 20.54 25.57 11.53
CA GLN A 665 19.71 26.78 11.25
C GLN A 665 20.55 28.06 11.34
N ILE A 666 20.26 29.03 10.46
CA ILE A 666 20.74 30.43 10.57
C ILE A 666 19.72 31.19 11.41
N THR A 667 20.15 31.77 12.55
CA THR A 667 19.27 32.27 13.63
C THR A 667 19.37 33.80 13.76
N ARG A 668 20.19 34.45 12.95
CA ARG A 668 20.39 35.93 13.00
C ARG A 668 20.88 36.38 11.64
N ASP A 669 20.95 37.71 11.40
CA ASP A 669 21.58 38.32 10.21
C ASP A 669 23.02 37.84 10.12
N LEU A 670 23.52 37.45 8.94
CA LEU A 670 24.82 36.77 8.76
C LEU A 670 25.95 37.65 9.33
N ARG A 671 25.72 38.97 9.36
CA ARG A 671 26.74 39.96 9.86
C ARG A 671 26.82 39.94 11.39
N ASP A 672 25.76 39.55 12.08
CA ASP A 672 25.66 39.51 13.57
C ASP A 672 26.46 38.33 14.16
N TYR A 673 26.84 37.34 13.35
CA TYR A 673 27.62 36.16 13.79
C TYR A 673 29.02 36.60 14.22
N LYS A 674 29.44 36.21 15.43
CA LYS A 674 30.74 36.49 16.06
C LYS A 674 31.68 35.32 15.80
N ALA A 675 31.16 34.11 15.61
CA ALA A 675 31.94 32.86 15.41
C ALA A 675 31.45 32.12 14.16
N THR A 676 32.36 31.81 13.23
CA THR A 676 32.08 31.05 11.99
C THR A 676 32.12 29.54 12.30
N GLY A 677 31.41 28.76 11.50
CA GLY A 677 31.34 27.29 11.59
C GLY A 677 30.73 26.70 10.32
N PRO A 678 30.81 25.37 10.08
CA PRO A 678 30.43 24.82 8.77
C PRO A 678 29.21 25.50 8.11
N HIS A 679 28.10 25.61 8.83
CA HIS A 679 26.79 26.07 8.30
C HIS A 679 26.85 27.58 7.98
N VAL A 680 27.52 28.37 8.82
CA VAL A 680 27.62 29.85 8.67
C VAL A 680 28.50 30.17 7.45
N ALA A 681 29.66 29.50 7.34
CA ALA A 681 30.61 29.65 6.21
C ALA A 681 29.89 29.33 4.90
N VAL A 682 29.17 28.20 4.84
CA VAL A 682 28.33 27.76 3.70
C VAL A 682 27.31 28.86 3.36
N ALA A 683 26.66 29.45 4.35
CA ALA A 683 25.56 30.44 4.21
C ALA A 683 26.10 31.78 3.72
N LYS A 684 27.32 32.14 4.13
CA LYS A 684 28.00 33.41 3.73
C LYS A 684 28.37 33.34 2.24
N ARG A 685 28.78 32.17 1.77
CA ARG A 685 29.11 31.90 0.34
C ARG A 685 27.85 32.03 -0.51
N LEU A 686 26.76 31.42 -0.08
CA LEU A 686 25.43 31.47 -0.77
C LEU A 686 24.95 32.91 -0.82
N ALA A 687 25.22 33.70 0.24
CA ALA A 687 24.83 35.13 0.35
C ALA A 687 25.60 35.94 -0.70
N ALA A 688 26.90 35.69 -0.86
CA ALA A 688 27.79 36.34 -1.83
C ALA A 688 27.34 36.03 -3.26
N ARG A 689 26.75 34.85 -3.50
CA ARG A 689 26.20 34.43 -4.82
C ARG A 689 24.79 35.00 -5.00
N GLY A 690 24.24 35.63 -3.97
CA GLY A 690 22.95 36.36 -4.04
C GLY A 690 21.79 35.39 -3.86
N VAL A 691 21.98 34.38 -2.98
CA VAL A 691 20.92 33.48 -2.45
C VAL A 691 20.39 34.11 -1.16
N LYS A 692 19.07 34.10 -0.96
CA LYS A 692 18.36 34.76 0.15
C LYS A 692 18.52 33.91 1.42
N ILE A 693 19.18 34.49 2.41
CA ILE A 693 19.41 33.89 3.77
C ILE A 693 18.74 34.78 4.82
N ARG A 694 17.47 34.50 5.16
CA ARG A 694 16.74 35.13 6.28
C ARG A 694 16.92 34.26 7.53
N PRO A 695 16.71 34.80 8.75
CA PRO A 695 16.69 33.99 9.95
C PRO A 695 15.56 32.95 9.87
N GLY A 696 15.90 31.68 10.17
CA GLY A 696 15.05 30.51 10.02
C GLY A 696 15.54 29.59 8.91
N THR A 697 16.31 30.12 7.96
CA THR A 697 16.90 29.33 6.85
C THR A 697 17.70 28.19 7.45
N VAL A 698 17.37 26.93 7.07
CA VAL A 698 18.12 25.70 7.46
C VAL A 698 19.19 25.44 6.40
N ILE A 699 20.46 25.42 6.82
CA ILE A 699 21.62 25.10 5.96
C ILE A 699 21.79 23.58 6.01
N SER A 700 21.69 22.91 4.86
CA SER A 700 22.01 21.45 4.68
C SER A 700 23.34 21.28 3.93
N TYR A 701 24.37 20.72 4.58
CA TYR A 701 25.76 20.66 4.05
C TYR A 701 26.35 19.24 4.19
N ILE A 702 27.38 18.99 3.36
CA ILE A 702 28.25 17.77 3.34
C ILE A 702 29.71 18.21 3.45
N VAL A 703 30.52 17.45 4.19
CA VAL A 703 31.97 17.71 4.41
C VAL A 703 32.76 16.90 3.38
N LEU A 704 33.61 17.55 2.58
CA LEU A 704 34.40 16.94 1.49
C LEU A 704 35.76 16.53 2.06
N LYS A 705 36.43 15.55 1.40
CA LYS A 705 37.73 14.99 1.83
C LYS A 705 38.75 16.13 1.89
N GLY A 706 39.54 16.21 2.97
CA GLY A 706 40.44 17.34 3.26
C GLY A 706 40.84 17.37 4.73
N SER A 707 41.44 18.48 5.19
CA SER A 707 41.91 18.66 6.59
C SER A 707 41.81 20.14 7.01
N GLY A 708 42.01 20.41 8.30
CA GLY A 708 41.87 21.76 8.89
C GLY A 708 40.41 22.14 9.12
N ARG A 709 40.12 23.45 9.13
CA ARG A 709 38.75 23.97 9.44
C ARG A 709 37.71 23.25 8.59
N ILE A 710 36.64 22.72 9.21
CA ILE A 710 35.59 21.91 8.54
C ILE A 710 34.89 22.81 7.52
N GLY A 711 34.54 24.04 7.94
CA GLY A 711 33.82 25.04 7.13
C GLY A 711 34.44 25.24 5.76
N ASP A 712 35.79 25.19 5.66
CA ASP A 712 36.52 25.44 4.40
C ASP A 712 36.15 24.36 3.36
N ARG A 713 35.67 23.17 3.76
CA ARG A 713 35.36 22.07 2.80
C ARG A 713 33.91 21.59 3.01
N ALA A 714 33.05 22.49 3.52
CA ALA A 714 31.60 22.28 3.69
C ALA A 714 30.87 22.94 2.52
N ILE A 715 30.03 22.17 1.80
CA ILE A 715 29.28 22.65 0.62
C ILE A 715 27.84 22.17 0.80
N PRO A 716 26.89 22.90 0.15
CA PRO A 716 25.48 22.48 0.14
C PRO A 716 25.34 21.04 -0.39
N ALA A 717 24.53 20.22 0.29
CA ALA A 717 24.13 18.87 -0.19
C ALA A 717 23.58 18.92 -1.62
N ASP A 718 22.94 20.03 -2.00
CA ASP A 718 22.45 20.32 -3.39
C ASP A 718 23.57 20.07 -4.41
N GLU A 719 24.77 20.60 -4.15
CA GLU A 719 25.86 20.78 -5.13
C GLU A 719 26.90 19.66 -5.01
N PHE A 720 26.55 18.56 -4.31
CA PHE A 720 27.47 17.40 -4.11
C PHE A 720 27.48 16.53 -5.37
N ASP A 721 28.69 16.18 -5.88
CA ASP A 721 28.88 15.39 -7.12
C ASP A 721 30.00 14.36 -6.89
N PRO A 722 29.70 13.04 -6.98
CA PRO A 722 30.75 12.02 -6.91
C PRO A 722 31.75 12.14 -8.07
N THR A 723 31.38 12.85 -9.15
CA THR A 723 32.27 13.18 -10.31
C THR A 723 33.54 13.89 -9.79
N LYS A 724 33.37 15.10 -9.27
CA LYS A 724 34.49 15.99 -8.83
C LYS A 724 34.71 15.79 -7.32
N HIS A 725 33.68 16.02 -6.51
CA HIS A 725 33.79 16.19 -5.02
C HIS A 725 33.90 14.79 -4.38
N ARG A 726 34.56 14.67 -3.26
CA ARG A 726 34.76 13.37 -2.54
C ARG A 726 34.44 13.60 -1.07
N TYR A 727 33.48 12.86 -0.47
CA TYR A 727 33.04 13.09 0.93
C TYR A 727 34.11 12.60 1.91
N ASP A 728 34.24 13.27 3.06
CA ASP A 728 35.31 13.03 4.07
C ASP A 728 34.93 11.81 4.91
N ALA A 729 35.37 10.61 4.49
CA ALA A 729 35.16 9.34 5.21
C ALA A 729 35.67 9.49 6.64
N GLU A 730 36.91 9.95 6.79
CA GLU A 730 37.59 10.19 8.10
C GLU A 730 36.71 11.02 9.05
N TYR A 731 36.20 12.15 8.58
CA TYR A 731 35.31 13.08 9.34
C TYR A 731 34.07 12.33 9.84
N TYR A 732 33.32 11.74 8.92
CA TYR A 732 32.03 11.07 9.22
C TYR A 732 32.28 9.90 10.16
N ILE A 733 33.46 9.29 10.12
CA ILE A 733 33.88 8.23 11.11
C ILE A 733 34.19 8.85 12.47
N GLU A 734 35.19 9.72 12.55
CA GLU A 734 35.82 10.20 13.82
C GLU A 734 35.03 11.35 14.46
N ASN A 735 34.27 12.14 13.68
CA ASN A 735 33.53 13.33 14.15
C ASN A 735 32.02 13.07 14.29
N GLN A 736 31.48 12.04 13.60
CA GLN A 736 30.02 11.75 13.59
C GLN A 736 29.68 10.36 14.16
N VAL A 737 29.99 9.28 13.43
CA VAL A 737 29.57 7.90 13.76
C VAL A 737 30.15 7.50 15.11
N LEU A 738 31.44 7.67 15.32
CA LEU A 738 32.15 7.16 16.54
C LEU A 738 31.74 7.90 17.82
N PRO A 739 31.72 9.27 17.86
CA PRO A 739 31.22 9.98 19.03
C PRO A 739 29.81 9.58 19.49
N ALA A 740 28.89 9.37 18.53
CA ALA A 740 27.48 9.01 18.75
C ALA A 740 27.37 7.66 19.47
N VAL A 741 28.11 6.64 19.02
CA VAL A 741 28.09 5.27 19.61
C VAL A 741 28.90 5.27 20.93
N GLU A 742 30.03 5.99 21.00
CA GLU A 742 30.93 5.89 22.19
C GLU A 742 30.11 6.21 23.46
N ARG A 743 29.17 7.15 23.34
CA ARG A 743 28.28 7.59 24.47
C ARG A 743 27.53 6.40 25.04
N ILE A 744 26.97 5.57 24.17
CA ILE A 744 26.22 4.33 24.52
C ILE A 744 27.20 3.24 24.99
N LEU A 745 28.31 3.04 24.27
CA LEU A 745 29.24 1.90 24.46
C LEU A 745 30.36 2.26 25.43
N LYS A 746 30.50 3.53 25.83
CA LYS A 746 31.48 3.98 26.86
C LYS A 746 31.21 3.28 28.20
N ALA A 747 29.94 3.13 28.56
CA ALA A 747 29.46 2.56 29.85
C ALA A 747 30.01 1.14 30.07
N PHE A 748 30.04 0.32 29.02
CA PHE A 748 30.41 -1.12 29.06
C PHE A 748 31.93 -1.28 29.04
N GLY A 749 32.64 -0.30 28.49
CA GLY A 749 34.11 -0.20 28.53
C GLY A 749 34.78 -0.41 27.18
N TYR A 750 34.30 0.29 26.14
CA TYR A 750 34.94 0.43 24.81
C TYR A 750 35.35 1.90 24.62
N ARG A 751 36.57 2.09 24.13
CA ARG A 751 37.12 3.41 23.72
C ARG A 751 36.98 3.52 22.20
N LYS A 752 37.06 4.75 21.67
CA LYS A 752 36.80 5.06 20.22
C LYS A 752 37.59 4.09 19.31
N GLU A 753 38.88 3.90 19.59
CA GLU A 753 39.85 3.16 18.74
C GLU A 753 39.39 1.72 18.54
N ASP A 754 38.70 1.12 19.53
CA ASP A 754 38.36 -0.32 19.58
C ASP A 754 37.09 -0.59 18.75
N LEU A 755 36.41 0.43 18.22
CA LEU A 755 35.12 0.27 17.48
C LEU A 755 35.32 0.58 15.99
N ARG A 756 36.50 1.04 15.59
CA ARG A 756 36.83 1.49 14.20
C ARG A 756 37.27 0.30 13.34
N TYR A 757 37.11 0.38 12.01
CA TYR A 757 37.53 -0.69 11.06
C TYR A 757 39.05 -0.60 10.84
N MET B 1 8.67 -20.62 -37.96
CA MET B 1 7.70 -20.98 -36.87
C MET B 1 6.58 -21.85 -37.45
N ILE B 2 6.57 -23.16 -37.19
CA ILE B 2 5.48 -24.08 -37.62
C ILE B 2 4.26 -23.85 -36.73
N LEU B 3 3.08 -23.65 -37.32
CA LEU B 3 1.82 -23.34 -36.62
C LEU B 3 1.04 -24.64 -36.38
N ASP B 4 0.86 -25.46 -37.42
CA ASP B 4 0.07 -26.71 -37.40
C ASP B 4 0.46 -27.59 -38.60
N THR B 5 -0.03 -28.82 -38.66
CA THR B 5 0.01 -29.67 -39.88
C THR B 5 -1.36 -30.28 -40.09
N ASP B 6 -1.69 -30.65 -41.33
CA ASP B 6 -2.86 -31.52 -41.64
C ASP B 6 -2.57 -32.22 -42.97
N TYR B 7 -3.53 -32.98 -43.51
CA TYR B 7 -3.35 -33.64 -44.82
C TYR B 7 -4.62 -33.47 -45.64
N ILE B 8 -4.49 -33.54 -46.96
CA ILE B 8 -5.61 -33.54 -47.93
C ILE B 8 -5.34 -34.68 -48.92
N THR B 9 -6.39 -35.11 -49.65
CA THR B 9 -6.31 -36.27 -50.57
C THR B 9 -6.30 -35.74 -52.01
N GLU B 10 -5.20 -36.01 -52.74
CA GLU B 10 -5.04 -35.75 -54.19
C GLU B 10 -5.04 -37.09 -54.95
N ASN B 11 -6.14 -37.41 -55.64
CA ASN B 11 -6.42 -38.68 -56.37
C ASN B 11 -5.98 -39.87 -55.53
N GLY B 12 -6.51 -40.00 -54.30
CA GLY B 12 -6.39 -41.20 -53.44
C GLY B 12 -5.10 -41.26 -52.63
N LYS B 13 -4.14 -40.35 -52.88
CA LYS B 13 -2.82 -40.31 -52.19
C LYS B 13 -2.80 -39.15 -51.20
N PRO B 14 -2.26 -39.33 -49.98
CA PRO B 14 -2.24 -38.27 -48.97
C PRO B 14 -1.16 -37.21 -49.19
N VAL B 15 -1.51 -35.93 -49.01
CA VAL B 15 -0.48 -34.83 -49.13
C VAL B 15 -0.52 -34.00 -47.85
N ILE B 16 0.62 -34.00 -47.12
CA ILE B 16 0.81 -33.24 -45.86
C ILE B 16 0.87 -31.74 -46.21
N ARG B 17 0.19 -30.92 -45.41
CA ARG B 17 0.32 -29.45 -45.43
C ARG B 17 0.95 -29.00 -44.12
N VAL B 18 2.15 -28.42 -44.17
CA VAL B 18 2.82 -27.79 -42.99
C VAL B 18 2.53 -26.29 -43.06
N PHE B 19 1.79 -25.79 -42.07
CA PHE B 19 1.41 -24.36 -41.89
C PHE B 19 2.53 -23.64 -41.13
N LYS B 20 3.32 -22.81 -41.81
CA LYS B 20 4.51 -22.12 -41.27
C LYS B 20 4.21 -20.61 -41.19
N LYS B 21 5.00 -19.87 -40.43
CA LYS B 21 5.02 -18.40 -40.44
C LYS B 21 6.50 -18.02 -40.47
N GLU B 22 7.07 -17.74 -41.65
CA GLU B 22 8.52 -17.45 -41.86
C GLU B 22 8.69 -16.06 -42.43
N ASN B 23 9.62 -15.27 -41.86
CA ASN B 23 10.02 -13.92 -42.33
C ASN B 23 8.79 -12.99 -42.36
N GLY B 24 7.86 -13.19 -41.42
CA GLY B 24 6.66 -12.33 -41.25
C GLY B 24 5.58 -12.58 -42.29
N GLU B 25 5.62 -13.71 -43.01
CA GLU B 25 4.62 -14.12 -44.02
C GLU B 25 4.17 -15.56 -43.79
N PHE B 26 2.86 -15.81 -43.98
CA PHE B 26 2.21 -17.14 -43.80
C PHE B 26 2.41 -18.01 -45.05
N LYS B 27 3.07 -19.16 -44.90
CA LYS B 27 3.40 -20.10 -45.99
C LYS B 27 2.76 -21.46 -45.70
N ILE B 28 2.41 -22.21 -46.72
CA ILE B 28 1.97 -23.63 -46.61
C ILE B 28 2.91 -24.47 -47.49
N GLU B 29 3.69 -25.37 -46.87
CA GLU B 29 4.57 -26.35 -47.55
C GLU B 29 3.79 -27.65 -47.74
N TYR B 30 3.86 -28.24 -48.94
CA TYR B 30 3.18 -29.52 -49.29
C TYR B 30 4.21 -30.65 -49.41
N ASP B 31 3.94 -31.79 -48.78
CA ASP B 31 4.81 -33.01 -48.80
C ASP B 31 3.98 -34.21 -49.28
N ARG B 32 4.37 -34.79 -50.41
CA ARG B 32 3.66 -35.92 -51.08
C ARG B 32 4.35 -37.25 -50.75
N THR B 33 5.43 -37.23 -49.98
CA THR B 33 6.39 -38.38 -49.88
C THR B 33 6.11 -39.23 -48.63
N PHE B 34 5.41 -38.71 -47.63
CA PHE B 34 5.19 -39.39 -46.32
C PHE B 34 4.11 -40.45 -46.45
N GLU B 35 4.40 -41.67 -46.00
CA GLU B 35 3.51 -42.86 -46.07
C GLU B 35 3.00 -43.24 -44.68
N PRO B 36 1.69 -43.54 -44.54
CA PRO B 36 1.14 -44.05 -43.29
C PRO B 36 1.51 -45.51 -43.05
N TYR B 37 1.64 -45.91 -41.79
CA TYR B 37 2.13 -47.26 -41.38
C TYR B 37 1.68 -47.57 -39.96
N PHE B 38 1.56 -48.85 -39.63
CA PHE B 38 1.64 -49.38 -38.24
C PHE B 38 2.51 -50.65 -38.28
N TYR B 39 2.86 -51.15 -37.08
CA TYR B 39 3.73 -52.32 -36.88
C TYR B 39 2.90 -53.56 -36.56
N ALA B 40 3.42 -54.74 -36.89
CA ALA B 40 2.80 -56.06 -36.61
C ALA B 40 3.87 -57.03 -36.10
N LEU B 41 3.65 -57.59 -34.91
CA LEU B 41 4.50 -58.68 -34.36
C LEU B 41 3.91 -60.02 -34.81
N LEU B 42 4.69 -60.78 -35.59
CA LEU B 42 4.26 -62.06 -36.21
C LEU B 42 4.88 -63.21 -35.42
N LYS B 43 4.31 -64.42 -35.53
CA LYS B 43 4.85 -65.66 -34.93
C LYS B 43 6.17 -66.04 -35.64
N ASP B 44 6.20 -65.91 -36.97
CA ASP B 44 7.39 -66.14 -37.83
C ASP B 44 7.23 -65.31 -39.13
N ASP B 45 8.35 -65.14 -39.83
CA ASP B 45 8.49 -64.22 -41.00
C ASP B 45 7.86 -64.83 -42.25
N SER B 46 7.69 -66.16 -42.29
CA SER B 46 7.01 -66.89 -43.40
C SER B 46 5.61 -66.30 -43.61
N ALA B 47 4.98 -65.87 -42.50
CA ALA B 47 3.56 -65.44 -42.41
C ALA B 47 3.31 -64.13 -43.18
N ILE B 48 4.33 -63.25 -43.25
CA ILE B 48 4.21 -61.88 -43.83
C ILE B 48 3.49 -61.97 -45.17
N GLU B 49 3.68 -63.05 -45.93
CA GLU B 49 3.01 -63.26 -47.25
C GLU B 49 1.48 -63.30 -47.08
N ASP B 50 0.97 -64.11 -46.16
CA ASP B 50 -0.46 -64.22 -45.80
C ASP B 50 -0.98 -62.85 -45.33
N VAL B 51 -0.17 -62.12 -44.56
CA VAL B 51 -0.51 -60.79 -43.98
C VAL B 51 -0.66 -59.75 -45.12
N LYS B 52 0.20 -59.82 -46.13
CA LYS B 52 0.17 -58.89 -47.30
C LYS B 52 -1.08 -59.18 -48.13
N LYS B 53 -1.64 -60.39 -48.07
CA LYS B 53 -2.87 -60.78 -48.81
C LYS B 53 -4.13 -60.36 -48.03
N VAL B 54 -4.00 -59.97 -46.76
CA VAL B 54 -5.14 -59.52 -45.91
C VAL B 54 -5.71 -58.24 -46.53
N THR B 55 -7.04 -58.14 -46.62
CA THR B 55 -7.78 -57.18 -47.49
C THR B 55 -8.84 -56.50 -46.64
N ALA B 56 -9.28 -55.28 -47.02
CA ALA B 56 -10.48 -54.64 -46.41
C ALA B 56 -11.14 -53.76 -47.47
N LYS B 57 -12.31 -53.20 -47.16
CA LYS B 57 -13.10 -52.32 -48.07
C LYS B 57 -13.24 -50.94 -47.41
N ARG B 58 -13.03 -49.88 -48.20
CA ARG B 58 -13.23 -48.48 -47.75
C ARG B 58 -13.98 -47.68 -48.83
N HIS B 59 -15.25 -47.34 -48.57
CA HIS B 59 -16.15 -46.61 -49.48
C HIS B 59 -16.24 -47.33 -50.83
N GLY B 60 -16.28 -48.67 -50.83
CA GLY B 60 -16.41 -49.50 -52.05
C GLY B 60 -15.09 -49.93 -52.66
N THR B 61 -13.98 -49.29 -52.30
CA THR B 61 -12.61 -49.51 -52.79
C THR B 61 -11.88 -50.45 -51.82
N VAL B 62 -11.25 -51.49 -52.37
CA VAL B 62 -10.42 -52.49 -51.61
C VAL B 62 -9.05 -51.90 -51.20
N VAL B 63 -8.69 -52.03 -49.94
CA VAL B 63 -7.42 -51.61 -49.30
C VAL B 63 -6.58 -52.84 -48.96
N LYS B 64 -5.29 -52.77 -49.22
CA LYS B 64 -4.32 -53.88 -48.98
C LYS B 64 -3.03 -53.27 -48.42
N VAL B 65 -2.15 -54.11 -47.88
CA VAL B 65 -0.77 -53.75 -47.46
C VAL B 65 -0.04 -53.23 -48.70
N LYS B 66 0.44 -52.00 -48.69
CA LYS B 66 1.22 -51.40 -49.82
C LYS B 66 2.59 -52.08 -49.93
N ARG B 67 3.28 -52.23 -48.79
CA ARG B 67 4.51 -53.05 -48.68
C ARG B 67 4.86 -53.16 -47.19
N ALA B 68 5.81 -54.04 -46.88
CA ALA B 68 6.25 -54.42 -45.52
C ALA B 68 7.77 -54.54 -45.48
N GLU B 69 8.41 -53.87 -44.52
CA GLU B 69 9.86 -54.03 -44.19
C GLU B 69 10.00 -54.47 -42.73
N LYS B 70 10.85 -55.45 -42.46
CA LYS B 70 11.21 -55.95 -41.13
C LYS B 70 12.12 -54.91 -40.47
N VAL B 71 11.85 -54.55 -39.23
CA VAL B 71 12.65 -53.51 -38.50
C VAL B 71 13.01 -54.10 -37.14
N GLN B 72 14.14 -53.63 -36.59
CA GLN B 72 14.69 -54.02 -35.28
C GLN B 72 14.49 -52.84 -34.32
N LYS B 73 13.49 -52.97 -33.43
CA LYS B 73 13.12 -51.87 -32.48
C LYS B 73 13.46 -52.35 -31.06
N LYS B 74 13.19 -51.49 -30.09
CA LYS B 74 13.26 -51.80 -28.64
C LYS B 74 11.84 -51.69 -28.09
N PHE B 75 11.37 -52.63 -27.29
CA PHE B 75 10.03 -52.54 -26.65
C PHE B 75 10.20 -52.72 -25.14
N LEU B 76 9.91 -51.67 -24.38
CA LEU B 76 10.12 -51.63 -22.90
C LEU B 76 11.52 -52.20 -22.61
N GLY B 77 12.53 -51.67 -23.28
CA GLY B 77 13.95 -52.02 -23.07
C GLY B 77 14.43 -53.11 -24.00
N ARG B 78 13.78 -54.29 -23.95
CA ARG B 78 14.25 -55.54 -24.62
C ARG B 78 14.10 -55.42 -26.13
N PRO B 79 15.07 -55.88 -26.96
CA PRO B 79 15.01 -55.68 -28.39
C PRO B 79 13.87 -56.53 -28.96
N ILE B 80 13.17 -56.03 -29.96
CA ILE B 80 11.99 -56.71 -30.57
C ILE B 80 12.13 -56.62 -32.10
N GLU B 81 11.52 -57.56 -32.79
CA GLU B 81 11.56 -57.74 -34.28
C GLU B 81 10.12 -57.72 -34.82
N VAL B 82 9.75 -56.61 -35.48
CA VAL B 82 8.36 -56.35 -35.98
C VAL B 82 8.39 -56.01 -37.47
N TRP B 83 7.24 -56.02 -38.10
CA TRP B 83 7.07 -55.70 -39.55
C TRP B 83 6.32 -54.36 -39.67
N LYS B 84 7.04 -53.35 -40.16
CA LYS B 84 6.47 -52.03 -40.51
C LYS B 84 5.60 -52.22 -41.76
N LEU B 85 4.30 -51.96 -41.65
CA LEU B 85 3.35 -52.16 -42.80
C LEU B 85 2.93 -50.79 -43.33
N TYR B 86 3.32 -50.46 -44.56
CA TYR B 86 2.99 -49.17 -45.23
C TYR B 86 1.67 -49.33 -46.01
N PHE B 87 0.91 -48.23 -46.07
CA PHE B 87 -0.44 -48.14 -46.69
C PHE B 87 -0.48 -46.92 -47.63
N ASN B 88 -1.39 -46.93 -48.60
CA ASN B 88 -1.48 -45.87 -49.65
C ASN B 88 -2.07 -44.59 -49.02
N HIS B 89 -3.13 -44.73 -48.24
CA HIS B 89 -3.89 -43.62 -47.59
C HIS B 89 -3.98 -43.89 -46.10
N PRO B 90 -3.89 -42.88 -45.20
CA PRO B 90 -3.94 -43.09 -43.76
C PRO B 90 -5.34 -43.52 -43.28
N GLN B 91 -6.35 -43.43 -44.15
CA GLN B 91 -7.72 -43.95 -43.90
C GLN B 91 -7.75 -45.48 -44.04
N ASP B 92 -6.78 -46.05 -44.79
CA ASP B 92 -6.61 -47.52 -44.96
C ASP B 92 -6.38 -48.17 -43.59
N VAL B 93 -5.66 -47.49 -42.68
CA VAL B 93 -5.25 -48.05 -41.36
C VAL B 93 -6.49 -48.36 -40.53
N PRO B 94 -7.38 -47.39 -40.22
CA PRO B 94 -8.61 -47.68 -39.48
C PRO B 94 -9.49 -48.77 -40.13
N ALA B 95 -9.46 -48.87 -41.46
CA ALA B 95 -10.24 -49.84 -42.27
C ALA B 95 -9.72 -51.26 -42.03
N ILE B 96 -8.41 -51.45 -42.00
CA ILE B 96 -7.76 -52.79 -42.14
C ILE B 96 -7.13 -53.29 -40.84
N ARG B 97 -6.81 -52.41 -39.89
CA ARG B 97 -5.94 -52.73 -38.73
C ARG B 97 -6.56 -53.89 -37.94
N ASP B 98 -7.89 -53.92 -37.80
CA ASP B 98 -8.65 -54.96 -37.05
C ASP B 98 -8.54 -56.32 -37.74
N ARG B 99 -8.64 -56.39 -39.06
CA ARG B 99 -8.45 -57.63 -39.86
C ARG B 99 -7.00 -58.14 -39.74
N ILE B 100 -6.02 -57.24 -39.71
CA ILE B 100 -4.58 -57.65 -39.60
C ILE B 100 -4.28 -58.18 -38.19
N ARG B 101 -4.86 -57.57 -37.14
CA ARG B 101 -4.74 -58.08 -35.75
C ARG B 101 -5.46 -59.43 -35.64
N ALA B 102 -6.64 -59.57 -36.25
CA ALA B 102 -7.51 -60.76 -36.20
C ALA B 102 -6.78 -61.99 -36.78
N HIS B 103 -5.97 -61.78 -37.82
CA HIS B 103 -5.20 -62.83 -38.53
C HIS B 103 -4.40 -63.64 -37.51
N PRO B 104 -4.45 -64.99 -37.59
CA PRO B 104 -3.86 -65.85 -36.55
C PRO B 104 -2.34 -65.70 -36.39
N ALA B 105 -1.62 -65.41 -37.48
CA ALA B 105 -0.14 -65.29 -37.50
C ALA B 105 0.35 -64.01 -36.82
N VAL B 106 -0.55 -63.04 -36.59
CA VAL B 106 -0.25 -61.71 -35.99
C VAL B 106 -0.50 -61.77 -34.48
N VAL B 107 0.57 -61.73 -33.67
CA VAL B 107 0.52 -61.75 -32.18
C VAL B 107 -0.16 -60.47 -31.73
N ASP B 108 0.34 -59.32 -32.19
CA ASP B 108 -0.20 -57.97 -31.86
C ASP B 108 0.15 -56.97 -32.98
N ILE B 109 -0.45 -55.78 -32.92
CA ILE B 109 -0.13 -54.61 -33.78
C ILE B 109 0.15 -53.43 -32.82
N TYR B 110 0.80 -52.38 -33.34
CA TYR B 110 1.34 -51.23 -32.57
C TYR B 110 1.28 -49.96 -33.42
N GLU B 111 1.09 -48.81 -32.76
CA GLU B 111 1.16 -47.44 -33.33
C GLU B 111 0.22 -47.37 -34.55
N TYR B 112 -1.02 -47.82 -34.35
CA TYR B 112 -2.08 -47.96 -35.39
C TYR B 112 -3.15 -46.86 -35.24
N ASP B 113 -3.09 -46.08 -34.15
CA ASP B 113 -4.07 -45.01 -33.83
C ASP B 113 -3.36 -43.67 -33.65
N ILE B 114 -2.21 -43.46 -34.31
CA ILE B 114 -1.47 -42.16 -34.34
C ILE B 114 -1.98 -41.36 -35.55
N PRO B 115 -2.73 -40.25 -35.35
CA PRO B 115 -3.19 -39.43 -36.47
C PRO B 115 -2.04 -39.03 -37.40
N PHE B 116 -2.28 -39.07 -38.71
CA PHE B 116 -1.27 -38.97 -39.80
C PHE B 116 -0.48 -37.65 -39.66
N ALA B 117 -1.21 -36.54 -39.53
CA ALA B 117 -0.65 -35.17 -39.42
C ALA B 117 0.31 -35.09 -38.21
N LYS B 118 0.01 -35.79 -37.13
CA LYS B 118 0.81 -35.78 -35.87
C LYS B 118 2.00 -36.73 -36.04
N ARG B 119 1.76 -37.88 -36.67
CA ARG B 119 2.81 -38.88 -37.01
C ARG B 119 3.93 -38.17 -37.78
N TYR B 120 3.56 -37.23 -38.69
CA TYR B 120 4.50 -36.48 -39.56
C TYR B 120 5.41 -35.60 -38.69
N LEU B 121 4.83 -34.80 -37.80
CA LEU B 121 5.56 -33.94 -36.83
C LEU B 121 6.57 -34.75 -36.03
N ILE B 122 6.19 -35.93 -35.52
CA ILE B 122 7.08 -36.80 -34.71
C ILE B 122 8.23 -37.32 -35.59
N ASP B 123 7.92 -38.00 -36.72
CA ASP B 123 8.87 -38.83 -37.50
C ASP B 123 9.91 -37.91 -38.17
N LYS B 124 9.45 -36.77 -38.69
CA LYS B 124 10.27 -35.78 -39.41
C LYS B 124 11.04 -34.91 -38.39
N GLY B 125 10.69 -35.02 -37.12
CA GLY B 125 11.42 -34.37 -36.00
C GLY B 125 11.11 -32.89 -35.92
N LEU B 126 9.91 -32.49 -36.35
CA LEU B 126 9.46 -31.07 -36.41
C LEU B 126 8.90 -30.64 -35.04
N ILE B 127 9.24 -29.43 -34.61
CA ILE B 127 8.74 -28.81 -33.35
C ILE B 127 7.98 -27.55 -33.74
N PRO B 128 6.66 -27.47 -33.47
CA PRO B 128 5.90 -26.23 -33.71
C PRO B 128 6.34 -25.10 -32.77
N MET B 129 6.09 -23.86 -33.17
CA MET B 129 6.32 -22.60 -32.39
C MET B 129 7.81 -22.42 -32.07
N GLU B 130 8.70 -22.83 -32.98
CA GLU B 130 10.17 -22.53 -32.87
C GLU B 130 10.41 -21.12 -33.44
N GLY B 131 11.57 -20.53 -33.12
CA GLY B 131 11.98 -19.20 -33.62
C GLY B 131 11.22 -18.07 -32.94
N ASP B 132 11.73 -16.84 -33.04
CA ASP B 132 11.16 -15.64 -32.38
C ASP B 132 10.40 -14.83 -33.44
N GLU B 133 9.33 -15.41 -34.00
CA GLU B 133 8.38 -14.76 -34.94
C GLU B 133 7.25 -14.07 -34.15
N GLU B 134 7.03 -12.78 -34.43
CA GLU B 134 5.96 -11.99 -33.74
C GLU B 134 4.61 -12.25 -34.43
N LEU B 135 3.86 -13.26 -33.95
CA LEU B 135 2.49 -13.61 -34.41
C LEU B 135 1.51 -12.44 -34.15
N THR B 136 0.53 -12.31 -35.02
CA THR B 136 -0.57 -11.31 -34.95
C THR B 136 -1.81 -12.04 -34.41
N MET B 137 -2.59 -11.37 -33.57
CA MET B 137 -3.75 -11.95 -32.86
C MET B 137 -4.93 -10.99 -33.07
N LEU B 138 -6.13 -11.53 -32.83
CA LEU B 138 -7.43 -10.80 -32.78
C LEU B 138 -8.42 -11.61 -31.93
N ALA B 139 -8.91 -11.02 -30.85
CA ALA B 139 -10.02 -11.53 -30.03
C ALA B 139 -11.34 -11.21 -30.72
N PHE B 140 -12.39 -12.02 -30.52
CA PHE B 140 -13.76 -11.71 -30.99
C PHE B 140 -14.80 -12.40 -30.10
N ALA B 141 -15.92 -11.73 -29.86
CA ALA B 141 -17.06 -12.22 -29.04
C ALA B 141 -18.37 -11.86 -29.73
N ILE B 142 -19.45 -12.61 -29.46
CA ILE B 142 -20.83 -12.29 -29.92
C ILE B 142 -21.82 -12.19 -28.74
N ALA B 143 -22.71 -11.19 -28.78
CA ALA B 143 -23.89 -11.09 -27.89
C ALA B 143 -25.11 -11.55 -28.70
N THR B 144 -26.01 -12.30 -28.06
CA THR B 144 -27.17 -12.98 -28.69
C THR B 144 -28.43 -12.74 -27.83
N LEU B 145 -29.60 -12.76 -28.46
CA LEU B 145 -30.92 -12.85 -27.77
C LEU B 145 -31.00 -14.20 -27.05
N TYR B 146 -30.87 -14.21 -25.72
CA TYR B 146 -30.85 -15.44 -24.88
C TYR B 146 -31.89 -16.43 -25.39
N HIS B 147 -33.16 -16.06 -25.29
CA HIS B 147 -34.35 -16.91 -25.59
C HIS B 147 -34.16 -18.28 -24.93
N GLU B 148 -34.10 -18.31 -23.60
CA GLU B 148 -33.86 -19.53 -22.78
C GLU B 148 -34.91 -20.60 -23.11
N GLY B 149 -34.48 -21.71 -23.71
CA GLY B 149 -35.34 -22.84 -24.12
C GLY B 149 -35.57 -22.90 -25.63
N GLU B 150 -35.16 -21.86 -26.36
CA GLU B 150 -35.23 -21.80 -27.84
C GLU B 150 -34.18 -22.76 -28.43
N GLU B 151 -34.33 -23.12 -29.71
CA GLU B 151 -33.35 -23.94 -30.46
C GLU B 151 -32.05 -23.13 -30.62
N PHE B 152 -30.91 -23.70 -30.24
CA PHE B 152 -29.57 -23.05 -30.31
C PHE B 152 -29.34 -22.48 -31.71
N GLY B 153 -29.09 -21.17 -31.80
CA GLY B 153 -28.81 -20.45 -33.06
C GLY B 153 -30.04 -19.78 -33.64
N THR B 154 -31.23 -20.04 -33.06
CA THR B 154 -32.53 -19.42 -33.46
C THR B 154 -32.45 -17.91 -33.21
N GLY B 155 -32.18 -17.52 -31.97
CA GLY B 155 -31.95 -16.11 -31.58
C GLY B 155 -30.94 -15.45 -32.50
N PRO B 156 -31.21 -14.23 -33.03
CA PRO B 156 -30.26 -13.53 -33.88
C PRO B 156 -29.04 -12.98 -33.11
N ILE B 157 -27.88 -12.92 -33.77
CA ILE B 157 -26.64 -12.31 -33.22
C ILE B 157 -26.88 -10.79 -33.21
N LEU B 158 -26.88 -10.18 -32.02
CA LEU B 158 -27.14 -8.73 -31.84
C LEU B 158 -25.89 -7.92 -32.17
N MET B 159 -24.74 -8.30 -31.58
CA MET B 159 -23.44 -7.62 -31.72
C MET B 159 -22.34 -8.65 -32.08
N ILE B 160 -21.32 -8.16 -32.77
CA ILE B 160 -20.05 -8.90 -33.01
C ILE B 160 -18.92 -7.97 -32.61
N SER B 161 -18.29 -8.24 -31.46
CA SER B 161 -17.10 -7.50 -30.96
C SER B 161 -15.83 -8.12 -31.56
N TYR B 162 -14.79 -7.32 -31.75
CA TYR B 162 -13.40 -7.75 -32.07
C TYR B 162 -12.42 -6.73 -31.44
N ALA B 163 -11.23 -7.20 -31.08
CA ALA B 163 -10.20 -6.39 -30.41
C ALA B 163 -8.80 -6.89 -30.72
N ASP B 164 -7.85 -5.97 -30.98
CA ASP B 164 -6.39 -6.26 -31.06
C ASP B 164 -5.67 -5.19 -30.22
N GLY B 165 -4.34 -5.13 -30.29
CA GLY B 165 -3.52 -4.15 -29.57
C GLY B 165 -3.38 -2.85 -30.34
N SER B 166 -4.46 -2.43 -31.01
CA SER B 166 -4.56 -1.20 -31.83
C SER B 166 -5.96 -0.60 -31.67
N GLU B 167 -7.01 -1.42 -31.78
CA GLU B 167 -8.43 -0.97 -31.66
C GLU B 167 -9.28 -2.05 -30.98
N ALA B 168 -10.51 -1.69 -30.58
CA ALA B 168 -11.56 -2.61 -30.09
C ALA B 168 -12.94 -2.04 -30.43
N ARG B 169 -13.61 -2.60 -31.45
CA ARG B 169 -14.86 -2.05 -32.06
C ARG B 169 -15.98 -3.08 -31.97
N VAL B 170 -17.20 -2.70 -32.34
CA VAL B 170 -18.43 -3.53 -32.30
C VAL B 170 -19.18 -3.31 -33.62
N ILE B 171 -19.67 -4.38 -34.23
CA ILE B 171 -20.61 -4.36 -35.41
C ILE B 171 -22.00 -4.75 -34.91
N THR B 172 -23.02 -3.98 -35.28
CA THR B 172 -24.45 -4.21 -34.89
C THR B 172 -25.41 -3.52 -35.87
N TRP B 173 -26.71 -3.80 -35.72
CA TRP B 173 -27.81 -3.36 -36.63
C TRP B 173 -28.99 -2.81 -35.83
N LYS B 174 -28.83 -1.61 -35.26
CA LYS B 174 -29.87 -0.86 -34.50
C LYS B 174 -29.30 0.50 -34.07
N LYS B 175 -30.08 1.28 -33.31
CA LYS B 175 -29.67 2.60 -32.76
C LYS B 175 -28.59 2.39 -31.69
N ILE B 176 -27.35 2.77 -31.99
CA ILE B 176 -26.20 2.75 -31.04
C ILE B 176 -25.29 3.95 -31.34
N ASP B 177 -25.35 5.00 -30.52
CA ASP B 177 -24.74 6.34 -30.76
C ASP B 177 -23.41 6.44 -29.99
N LEU B 178 -22.39 5.69 -30.44
CA LEU B 178 -21.07 5.54 -29.77
C LEU B 178 -19.95 5.57 -30.79
N PRO B 179 -18.69 5.89 -30.39
CA PRO B 179 -17.56 5.92 -31.33
C PRO B 179 -17.09 4.53 -31.80
N TYR B 180 -17.20 3.49 -30.96
CA TYR B 180 -16.77 2.10 -31.29
C TYR B 180 -17.78 1.48 -32.25
N VAL B 181 -19.06 1.46 -31.85
CA VAL B 181 -20.19 0.75 -32.53
C VAL B 181 -20.31 1.26 -33.98
N ASP B 182 -20.03 0.37 -34.94
CA ASP B 182 -20.18 0.57 -36.40
C ASP B 182 -21.54 0.02 -36.85
N VAL B 183 -22.52 0.90 -37.10
CA VAL B 183 -23.93 0.52 -37.40
C VAL B 183 -24.01 0.04 -38.85
N VAL B 184 -24.87 -0.95 -39.11
CA VAL B 184 -25.05 -1.63 -40.44
C VAL B 184 -26.52 -2.03 -40.60
N SER B 185 -26.98 -2.11 -41.85
CA SER B 185 -28.38 -2.40 -42.27
C SER B 185 -28.92 -3.67 -41.57
N THR B 186 -28.36 -4.84 -41.90
CA THR B 186 -28.91 -6.18 -41.53
C THR B 186 -27.99 -6.89 -40.54
N GLU B 187 -28.48 -8.01 -39.98
CA GLU B 187 -27.66 -9.00 -39.24
C GLU B 187 -26.72 -9.75 -40.21
N LYS B 188 -27.27 -10.19 -41.35
CA LYS B 188 -26.54 -10.94 -42.40
C LYS B 188 -25.29 -10.14 -42.85
N GLU B 189 -25.44 -8.82 -42.95
CA GLU B 189 -24.38 -7.88 -43.39
C GLU B 189 -23.36 -7.69 -42.25
N MET B 190 -23.86 -7.68 -41.00
CA MET B 190 -23.01 -7.58 -39.77
C MET B 190 -22.01 -8.74 -39.74
N ILE B 191 -22.49 -9.95 -40.05
CA ILE B 191 -21.70 -11.21 -40.15
C ILE B 191 -20.61 -11.04 -41.24
N LYS B 192 -21.08 -10.61 -42.44
CA LYS B 192 -20.25 -10.40 -43.66
C LYS B 192 -19.22 -9.31 -43.36
N ARG B 193 -19.59 -8.28 -42.61
CA ARG B 193 -18.71 -7.14 -42.23
C ARG B 193 -17.55 -7.69 -41.39
N PHE B 194 -17.85 -8.47 -40.35
CA PHE B 194 -16.87 -9.12 -39.42
C PHE B 194 -15.96 -10.02 -40.26
N LEU B 195 -16.57 -10.86 -41.10
CA LEU B 195 -15.84 -11.77 -42.05
C LEU B 195 -14.80 -10.98 -42.84
N ARG B 196 -15.15 -9.81 -43.35
CA ARG B 196 -14.32 -8.85 -44.10
C ARG B 196 -13.18 -8.32 -43.21
N VAL B 197 -13.44 -8.12 -41.91
CA VAL B 197 -12.47 -7.56 -40.92
C VAL B 197 -11.35 -8.60 -40.72
N VAL B 198 -11.73 -9.88 -40.66
CA VAL B 198 -10.77 -11.02 -40.43
C VAL B 198 -9.99 -11.26 -41.71
N ARG B 199 -10.61 -11.07 -42.89
CA ARG B 199 -9.92 -11.14 -44.21
C ARG B 199 -8.90 -9.99 -44.30
N GLU B 200 -9.33 -8.78 -43.90
CA GLU B 200 -8.53 -7.52 -44.00
C GLU B 200 -7.39 -7.57 -42.96
N LYS B 201 -7.76 -7.87 -41.71
CA LYS B 201 -6.84 -7.93 -40.53
C LYS B 201 -5.98 -9.19 -40.59
N ASP B 202 -6.45 -10.25 -41.27
CA ASP B 202 -5.69 -11.51 -41.52
C ASP B 202 -4.84 -11.91 -40.31
N PRO B 203 -5.48 -12.28 -39.19
CA PRO B 203 -4.77 -12.66 -37.97
C PRO B 203 -4.29 -14.12 -37.95
N ASP B 204 -3.18 -14.34 -37.24
CA ASP B 204 -2.58 -15.70 -37.04
C ASP B 204 -3.37 -16.45 -35.97
N VAL B 205 -3.92 -15.72 -34.98
CA VAL B 205 -4.63 -16.26 -33.77
C VAL B 205 -6.01 -15.62 -33.59
N LEU B 206 -7.10 -16.36 -33.72
CA LEU B 206 -8.47 -15.92 -33.33
C LEU B 206 -8.71 -16.35 -31.88
N ILE B 207 -8.85 -15.39 -30.97
CA ILE B 207 -9.00 -15.61 -29.50
C ILE B 207 -10.50 -15.49 -29.18
N THR B 208 -11.04 -16.47 -28.47
CA THR B 208 -12.43 -16.47 -27.93
C THR B 208 -12.36 -16.91 -26.46
N TYR B 209 -13.42 -16.65 -25.69
CA TYR B 209 -13.70 -17.34 -24.40
C TYR B 209 -14.90 -18.30 -24.60
N ASN B 210 -14.61 -19.60 -24.79
CA ASN B 210 -15.60 -20.68 -24.93
C ASN B 210 -16.21 -20.63 -26.35
N GLY B 211 -15.39 -20.28 -27.34
CA GLY B 211 -15.77 -20.29 -28.76
C GLY B 211 -15.99 -21.71 -29.30
N ASP B 212 -15.36 -22.70 -28.64
CA ASP B 212 -15.42 -24.14 -29.03
C ASP B 212 -16.87 -24.64 -28.95
N ASN B 213 -17.65 -24.14 -28.00
CA ASN B 213 -18.98 -24.69 -27.63
C ASN B 213 -20.05 -23.61 -27.78
N PHE B 214 -19.72 -22.32 -28.00
CA PHE B 214 -20.75 -21.28 -28.21
C PHE B 214 -20.48 -20.48 -29.49
N ASP B 215 -19.56 -19.52 -29.40
CA ASP B 215 -19.37 -18.44 -30.43
C ASP B 215 -19.38 -18.99 -31.85
N PHE B 216 -18.45 -19.90 -32.20
CA PHE B 216 -18.21 -20.39 -33.59
C PHE B 216 -19.43 -21.18 -34.10
N ALA B 217 -20.00 -22.04 -33.22
CA ALA B 217 -21.16 -22.91 -33.47
C ALA B 217 -22.39 -22.06 -33.78
N TYR B 218 -22.52 -20.91 -33.10
CA TYR B 218 -23.67 -19.99 -33.22
C TYR B 218 -23.59 -19.27 -34.58
N LEU B 219 -22.37 -18.86 -34.98
CA LEU B 219 -22.12 -18.17 -36.28
C LEU B 219 -22.34 -19.16 -37.42
N LYS B 220 -21.99 -20.42 -37.22
CA LYS B 220 -22.14 -21.53 -38.20
C LYS B 220 -23.62 -21.77 -38.49
N LYS B 221 -24.45 -21.84 -37.45
CA LYS B 221 -25.91 -22.11 -37.59
C LYS B 221 -26.58 -20.86 -38.17
N ARG B 222 -26.02 -19.67 -37.89
CA ARG B 222 -26.53 -18.38 -38.41
C ARG B 222 -26.20 -18.23 -39.91
N CYS B 223 -24.99 -18.55 -40.31
CA CYS B 223 -24.47 -18.53 -41.69
C CYS B 223 -25.26 -19.54 -42.54
N GLU B 224 -25.78 -20.61 -41.89
CA GLU B 224 -26.65 -21.61 -42.57
C GLU B 224 -28.02 -20.95 -42.82
N GLU B 225 -28.57 -20.25 -41.81
CA GLU B 225 -29.90 -19.56 -41.95
C GLU B 225 -29.87 -18.42 -42.98
N LEU B 226 -28.87 -17.54 -42.87
CA LEU B 226 -28.71 -16.28 -43.66
C LEU B 226 -27.81 -16.52 -44.88
N GLY B 227 -27.74 -17.77 -45.35
CA GLY B 227 -27.04 -18.22 -46.57
C GLY B 227 -25.69 -17.57 -46.76
N ILE B 228 -24.89 -17.38 -45.71
CA ILE B 228 -23.51 -16.82 -45.73
C ILE B 228 -22.46 -17.95 -45.76
N LYS B 229 -21.34 -17.63 -46.36
CA LYS B 229 -20.13 -18.51 -46.51
C LYS B 229 -19.12 -18.07 -45.45
N PHE B 230 -18.97 -18.88 -44.39
CA PHE B 230 -18.17 -18.58 -43.18
C PHE B 230 -16.72 -18.95 -43.45
N THR B 231 -16.12 -18.42 -44.52
CA THR B 231 -14.73 -18.70 -44.96
C THR B 231 -13.76 -17.85 -44.11
N LEU B 232 -13.41 -18.32 -42.90
CA LEU B 232 -12.40 -17.72 -42.01
C LEU B 232 -11.02 -18.31 -42.30
N GLY B 233 -10.95 -19.53 -42.87
CA GLY B 233 -9.66 -20.20 -43.21
C GLY B 233 -8.83 -19.43 -44.24
N ARG B 234 -7.51 -19.39 -44.03
CA ARG B 234 -6.52 -18.72 -44.93
C ARG B 234 -6.42 -19.51 -46.24
N ASP B 235 -6.75 -20.81 -46.21
CA ASP B 235 -6.79 -21.71 -47.40
C ASP B 235 -8.21 -21.65 -48.02
N GLY B 236 -9.10 -20.81 -47.49
CA GLY B 236 -10.43 -20.51 -48.05
C GLY B 236 -11.52 -21.35 -47.42
N SER B 237 -11.16 -22.29 -46.54
CA SER B 237 -12.07 -23.25 -45.88
C SER B 237 -12.89 -22.55 -44.79
N GLU B 238 -13.96 -23.20 -44.33
CA GLU B 238 -14.81 -22.80 -43.18
C GLU B 238 -14.25 -23.46 -41.91
N PRO B 239 -14.54 -22.92 -40.71
CA PRO B 239 -14.20 -23.59 -39.46
C PRO B 239 -14.80 -25.01 -39.39
N LYS B 240 -13.96 -25.92 -38.88
CA LYS B 240 -14.18 -27.38 -38.69
C LYS B 240 -14.64 -27.67 -37.25
N ILE B 241 -15.45 -28.71 -37.07
CA ILE B 241 -16.25 -28.95 -35.83
C ILE B 241 -15.87 -30.29 -35.21
N GLN B 242 -14.58 -30.53 -34.94
CA GLN B 242 -14.02 -31.73 -34.32
C GLN B 242 -14.66 -31.96 -32.95
N ARG B 243 -14.87 -33.23 -32.59
CA ARG B 243 -15.46 -33.68 -31.31
C ARG B 243 -14.32 -34.02 -30.34
N MET B 244 -14.51 -33.73 -29.07
CA MET B 244 -13.55 -34.02 -27.96
C MET B 244 -14.32 -34.37 -26.67
N GLY B 245 -14.63 -35.65 -26.49
CA GLY B 245 -15.49 -36.19 -25.43
C GLY B 245 -16.87 -35.58 -25.49
N ASP B 246 -17.41 -35.19 -24.33
CA ASP B 246 -18.73 -34.50 -24.19
C ASP B 246 -18.66 -33.12 -24.87
N ARG B 247 -17.50 -32.46 -24.80
CA ARG B 247 -17.24 -31.11 -25.36
C ARG B 247 -16.90 -31.22 -26.85
N PHE B 248 -16.89 -30.10 -27.56
CA PHE B 248 -16.44 -29.96 -28.97
C PHE B 248 -15.22 -29.04 -29.03
N ALA B 249 -14.60 -28.91 -30.20
CA ALA B 249 -13.43 -28.03 -30.46
C ALA B 249 -13.46 -27.56 -31.92
N VAL B 250 -13.30 -26.25 -32.14
CA VAL B 250 -13.39 -25.60 -33.49
C VAL B 250 -11.99 -25.26 -34.03
N GLU B 251 -11.71 -25.77 -35.22
CA GLU B 251 -10.46 -25.57 -36.01
C GLU B 251 -10.70 -24.45 -37.05
N VAL B 252 -9.75 -23.55 -37.19
CA VAL B 252 -9.70 -22.52 -38.29
C VAL B 252 -8.40 -22.70 -39.04
N LYS B 253 -8.45 -23.28 -40.26
CA LYS B 253 -7.26 -23.66 -41.08
C LYS B 253 -6.40 -22.43 -41.36
N GLY B 254 -5.09 -22.55 -41.14
CA GLY B 254 -4.08 -21.50 -41.42
C GLY B 254 -3.89 -20.56 -40.24
N ARG B 255 -4.93 -20.43 -39.40
CA ARG B 255 -4.92 -19.66 -38.13
C ARG B 255 -4.82 -20.63 -36.96
N ILE B 256 -4.70 -20.06 -35.75
CA ILE B 256 -4.74 -20.79 -34.45
C ILE B 256 -5.93 -20.30 -33.64
N HIS B 257 -7.05 -21.04 -33.62
CA HIS B 257 -8.20 -20.73 -32.75
C HIS B 257 -7.80 -21.00 -31.30
N PHE B 258 -7.51 -19.93 -30.55
CA PHE B 258 -7.10 -20.02 -29.12
C PHE B 258 -8.34 -19.76 -28.24
N ASP B 259 -9.00 -20.83 -27.79
CA ASP B 259 -10.11 -20.78 -26.81
C ASP B 259 -9.48 -20.74 -25.42
N LEU B 260 -9.68 -19.67 -24.67
CA LEU B 260 -9.04 -19.46 -23.34
C LEU B 260 -9.70 -20.36 -22.27
N TYR B 261 -10.96 -20.75 -22.46
CA TYR B 261 -11.75 -21.47 -21.41
C TYR B 261 -11.03 -22.75 -20.98
N PRO B 262 -10.75 -23.71 -21.90
CA PRO B 262 -10.00 -24.91 -21.54
C PRO B 262 -8.67 -24.55 -20.86
N VAL B 263 -7.97 -23.53 -21.36
CA VAL B 263 -6.66 -23.06 -20.78
C VAL B 263 -6.88 -22.62 -19.32
N ILE B 264 -7.80 -21.69 -19.10
CA ILE B 264 -8.09 -21.08 -17.77
C ILE B 264 -8.50 -22.17 -16.80
N ARG B 265 -9.38 -23.07 -17.25
CA ARG B 265 -9.96 -24.17 -16.41
C ARG B 265 -8.86 -25.07 -15.84
N ARG B 266 -7.79 -25.30 -16.65
CA ARG B 266 -6.67 -26.22 -16.29
C ARG B 266 -5.58 -25.51 -15.49
N THR B 267 -5.56 -24.16 -15.50
CA THR B 267 -4.41 -23.33 -15.05
C THR B 267 -4.71 -22.61 -13.72
N ILE B 268 -5.92 -22.06 -13.56
CA ILE B 268 -6.30 -21.31 -12.34
C ILE B 268 -7.50 -21.99 -11.68
N ASN B 269 -7.45 -22.19 -10.35
CA ASN B 269 -8.56 -22.73 -9.53
C ASN B 269 -9.40 -21.54 -9.08
N LEU B 270 -10.61 -21.39 -9.61
CA LEU B 270 -11.55 -20.29 -9.26
C LEU B 270 -12.87 -20.89 -8.77
N PRO B 271 -13.63 -20.16 -7.94
CA PRO B 271 -14.99 -20.57 -7.58
C PRO B 271 -15.88 -20.76 -8.81
N THR B 272 -15.88 -19.77 -9.71
CA THR B 272 -16.61 -19.78 -11.00
C THR B 272 -15.66 -19.31 -12.11
N TYR B 273 -16.05 -19.53 -13.38
CA TYR B 273 -15.21 -19.27 -14.57
C TYR B 273 -15.94 -18.38 -15.59
N THR B 274 -16.67 -17.37 -15.11
CA THR B 274 -17.24 -16.27 -15.92
C THR B 274 -16.09 -15.38 -16.43
N LEU B 275 -16.24 -14.77 -17.59
CA LEU B 275 -15.26 -13.79 -18.14
C LEU B 275 -15.06 -12.67 -17.12
N GLU B 276 -16.04 -12.43 -16.24
CA GLU B 276 -15.97 -11.40 -15.16
C GLU B 276 -15.00 -11.87 -14.07
N ALA B 277 -15.16 -13.12 -13.63
CA ALA B 277 -14.37 -13.78 -12.56
C ALA B 277 -12.90 -13.89 -12.99
N VAL B 278 -12.63 -14.37 -14.20
CA VAL B 278 -11.25 -14.62 -14.74
C VAL B 278 -10.51 -13.29 -14.87
N TYR B 279 -11.17 -12.23 -15.35
CA TYR B 279 -10.59 -10.87 -15.49
C TYR B 279 -10.10 -10.36 -14.11
N GLU B 280 -10.99 -10.45 -13.10
CA GLU B 280 -10.75 -9.99 -11.71
C GLU B 280 -9.60 -10.78 -11.07
N ALA B 281 -9.53 -12.09 -11.38
CA ALA B 281 -8.49 -13.00 -10.83
C ALA B 281 -7.12 -12.61 -11.41
N VAL B 282 -7.04 -12.47 -12.74
CA VAL B 282 -5.81 -12.20 -13.52
C VAL B 282 -5.41 -10.72 -13.39
N PHE B 283 -6.33 -9.77 -13.69
CA PHE B 283 -6.01 -8.35 -13.94
C PHE B 283 -6.41 -7.50 -12.73
N GLY B 284 -7.07 -8.08 -11.73
CA GLY B 284 -7.39 -7.39 -10.45
C GLY B 284 -8.28 -6.17 -10.62
N LYS B 285 -9.12 -6.14 -11.65
CA LYS B 285 -10.01 -4.98 -11.97
C LYS B 285 -11.43 -5.51 -12.18
N PRO B 286 -12.48 -4.73 -11.83
CA PRO B 286 -13.87 -5.17 -11.97
C PRO B 286 -14.35 -5.15 -13.44
N LYS B 287 -15.47 -5.84 -13.71
CA LYS B 287 -16.12 -5.87 -15.05
C LYS B 287 -17.62 -6.16 -14.86
N GLU B 288 -18.50 -5.32 -15.44
CA GLU B 288 -19.98 -5.43 -15.27
C GLU B 288 -20.49 -6.57 -16.17
N LYS B 289 -21.51 -7.29 -15.72
CA LYS B 289 -22.18 -8.40 -16.46
C LYS B 289 -23.64 -8.02 -16.74
N VAL B 290 -24.06 -8.11 -18.01
CA VAL B 290 -25.46 -7.89 -18.48
C VAL B 290 -26.04 -9.26 -18.85
N TYR B 291 -27.03 -9.75 -18.10
CA TYR B 291 -27.74 -11.04 -18.34
C TYR B 291 -28.54 -10.92 -19.64
N ALA B 292 -29.10 -12.04 -20.10
CA ALA B 292 -29.86 -12.14 -21.38
C ALA B 292 -31.26 -11.53 -21.21
N GLU B 293 -31.92 -11.77 -20.08
CA GLU B 293 -33.24 -11.21 -19.72
C GLU B 293 -33.12 -9.69 -19.50
N GLU B 294 -31.93 -9.21 -19.13
CA GLU B 294 -31.58 -7.76 -19.07
C GLU B 294 -31.17 -7.28 -20.47
N ILE B 295 -30.57 -8.16 -21.27
CA ILE B 295 -30.10 -7.89 -22.67
C ILE B 295 -31.31 -7.70 -23.59
N ALA B 296 -32.34 -8.54 -23.44
CA ALA B 296 -33.58 -8.55 -24.26
C ALA B 296 -34.28 -7.18 -24.18
N GLN B 297 -34.36 -6.60 -22.98
CA GLN B 297 -35.07 -5.32 -22.69
C GLN B 297 -34.40 -4.16 -23.42
N ALA B 298 -33.06 -4.18 -23.55
CA ALA B 298 -32.25 -3.14 -24.21
C ALA B 298 -32.43 -3.18 -25.73
N TRP B 299 -32.64 -4.39 -26.29
CA TRP B 299 -32.74 -4.63 -27.75
C TRP B 299 -34.17 -4.39 -28.24
N GLU B 300 -35.16 -5.00 -27.58
CA GLU B 300 -36.60 -4.98 -27.99
C GLU B 300 -37.18 -3.56 -27.81
N SER B 301 -37.09 -3.01 -26.60
CA SER B 301 -37.58 -1.66 -26.22
C SER B 301 -36.74 -0.58 -26.91
N GLY B 302 -35.42 -0.75 -26.94
CA GLY B 302 -34.44 0.24 -27.42
C GLY B 302 -34.04 1.21 -26.31
N GLU B 303 -34.28 0.83 -25.05
CA GLU B 303 -34.08 1.67 -23.85
C GLU B 303 -32.60 1.62 -23.42
N GLY B 304 -32.11 0.42 -23.07
CA GLY B 304 -30.75 0.19 -22.57
C GLY B 304 -29.73 -0.04 -23.70
N LEU B 305 -29.82 0.75 -24.77
CA LEU B 305 -29.03 0.58 -26.02
C LEU B 305 -27.52 0.55 -25.70
N GLU B 306 -26.99 1.65 -25.16
CA GLU B 306 -25.53 1.86 -24.92
C GLU B 306 -25.02 0.88 -23.85
N ARG B 307 -25.90 0.39 -22.98
CA ARG B 307 -25.56 -0.56 -21.88
C ARG B 307 -25.05 -1.88 -22.47
N VAL B 308 -25.84 -2.50 -23.36
CA VAL B 308 -25.53 -3.81 -24.01
C VAL B 308 -24.25 -3.69 -24.84
N ALA B 309 -23.95 -2.49 -25.36
CA ALA B 309 -22.81 -2.21 -26.28
C ALA B 309 -21.48 -2.17 -25.51
N ARG B 310 -21.46 -1.54 -24.34
CA ARG B 310 -20.24 -1.40 -23.48
C ARG B 310 -19.76 -2.79 -23.05
N TYR B 311 -20.70 -3.69 -22.74
CA TYR B 311 -20.47 -5.12 -22.40
C TYR B 311 -19.73 -5.81 -23.56
N SER B 312 -20.27 -5.68 -24.78
CA SER B 312 -19.75 -6.33 -26.01
C SER B 312 -18.34 -5.84 -26.32
N MET B 313 -18.09 -4.54 -26.23
CA MET B 313 -16.77 -3.90 -26.48
C MET B 313 -15.72 -4.52 -25.56
N GLU B 314 -16.03 -4.68 -24.26
CA GLU B 314 -15.05 -5.08 -23.22
C GLU B 314 -14.88 -6.60 -23.19
N ASP B 315 -15.87 -7.39 -23.58
CA ASP B 315 -15.76 -8.85 -23.81
C ASP B 315 -14.51 -9.08 -24.68
N ALA B 316 -14.42 -8.34 -25.78
CA ALA B 316 -13.33 -8.44 -26.79
C ALA B 316 -12.02 -7.96 -26.15
N LYS B 317 -12.05 -6.78 -25.52
CA LYS B 317 -10.86 -6.12 -24.92
C LYS B 317 -10.22 -7.08 -23.91
N VAL B 318 -11.02 -7.56 -22.96
CA VAL B 318 -10.65 -8.50 -21.86
C VAL B 318 -10.07 -9.79 -22.47
N THR B 319 -10.81 -10.33 -23.47
CA THR B 319 -10.48 -11.60 -24.16
C THR B 319 -9.09 -11.47 -24.80
N TYR B 320 -8.86 -10.36 -25.55
CA TYR B 320 -7.55 -10.07 -26.19
C TYR B 320 -6.46 -9.99 -25.12
N GLU B 321 -6.74 -9.29 -24.01
CA GLU B 321 -5.80 -9.10 -22.88
C GLU B 321 -5.43 -10.46 -22.27
N LEU B 322 -6.43 -11.30 -21.97
CA LEU B 322 -6.22 -12.68 -21.44
C LEU B 322 -5.46 -13.48 -22.50
N GLY B 323 -5.86 -13.37 -23.79
CA GLY B 323 -5.18 -14.03 -24.90
C GLY B 323 -3.70 -13.65 -24.93
N ARG B 324 -3.38 -12.35 -24.78
CA ARG B 324 -2.00 -11.82 -24.74
C ARG B 324 -1.22 -12.46 -23.58
N GLU B 325 -1.90 -12.73 -22.46
CA GLU B 325 -1.27 -13.23 -21.20
C GLU B 325 -0.91 -14.71 -21.33
N PHE B 326 -1.78 -15.52 -21.94
CA PHE B 326 -1.71 -17.02 -21.87
C PHE B 326 -1.04 -17.61 -23.11
N PHE B 327 -1.18 -16.95 -24.28
CA PHE B 327 -0.61 -17.41 -25.57
C PHE B 327 0.89 -17.66 -25.47
N PRO B 328 1.71 -16.77 -24.87
CA PRO B 328 3.15 -16.97 -24.79
C PRO B 328 3.59 -18.27 -24.07
N MET B 329 3.00 -18.51 -22.89
CA MET B 329 3.21 -19.72 -22.05
C MET B 329 2.68 -20.95 -22.81
N GLU B 330 1.57 -20.82 -23.53
CA GLU B 330 0.94 -21.91 -24.28
C GLU B 330 1.79 -22.26 -25.50
N ALA B 331 2.51 -21.30 -26.08
CA ALA B 331 3.45 -21.54 -27.21
C ALA B 331 4.73 -22.23 -26.71
N GLN B 332 5.14 -22.00 -25.47
CA GLN B 332 6.26 -22.74 -24.83
C GLN B 332 5.84 -24.19 -24.55
N LEU B 333 4.60 -24.41 -24.10
CA LEU B 333 4.04 -25.77 -23.88
C LEU B 333 4.01 -26.51 -25.22
N SER B 334 3.54 -25.86 -26.29
CA SER B 334 3.54 -26.39 -27.67
C SER B 334 4.94 -26.89 -28.07
N ARG B 335 5.97 -26.07 -27.89
CA ARG B 335 7.40 -26.39 -28.19
C ARG B 335 7.85 -27.65 -27.41
N LEU B 336 7.55 -27.65 -26.10
CA LEU B 336 8.03 -28.69 -25.15
C LEU B 336 7.42 -30.06 -25.50
N ILE B 337 6.10 -30.12 -25.69
CA ILE B 337 5.34 -31.36 -26.00
C ILE B 337 5.53 -31.74 -27.46
N GLY B 338 5.77 -30.75 -28.33
CA GLY B 338 6.03 -30.92 -29.76
C GLY B 338 4.77 -31.25 -30.56
N GLN B 339 3.61 -30.71 -30.14
CA GLN B 339 2.36 -30.73 -30.93
C GLN B 339 1.80 -29.31 -31.01
N SER B 340 0.78 -29.11 -31.86
CA SER B 340 0.15 -27.79 -32.15
C SER B 340 -0.33 -27.12 -30.86
N LEU B 341 -0.30 -25.77 -30.83
CA LEU B 341 -0.84 -24.97 -29.70
C LEU B 341 -2.33 -25.28 -29.57
N TRP B 342 -3.00 -25.49 -30.70
CA TRP B 342 -4.45 -25.85 -30.78
C TRP B 342 -4.76 -27.10 -29.96
N ASP B 343 -4.04 -28.21 -30.25
CA ASP B 343 -4.16 -29.51 -29.55
C ASP B 343 -3.72 -29.36 -28.10
N VAL B 344 -2.50 -28.82 -27.88
CA VAL B 344 -1.83 -28.68 -26.57
C VAL B 344 -2.70 -27.91 -25.58
N SER B 345 -3.36 -26.86 -26.04
CA SER B 345 -4.13 -25.86 -25.23
C SER B 345 -5.44 -26.50 -24.74
N ARG B 346 -5.87 -27.58 -25.41
CA ARG B 346 -7.15 -28.32 -25.13
C ARG B 346 -6.88 -29.69 -24.51
N SER B 347 -5.59 -30.01 -24.24
CA SER B 347 -5.14 -31.33 -23.72
C SER B 347 -5.01 -31.31 -22.20
N SER B 348 -5.48 -32.39 -21.57
CA SER B 348 -5.23 -32.76 -20.15
C SER B 348 -3.78 -33.21 -19.99
N THR B 349 -3.30 -33.37 -18.75
CA THR B 349 -1.92 -33.77 -18.38
C THR B 349 -1.56 -35.08 -19.11
N GLY B 350 -2.47 -36.06 -19.07
CA GLY B 350 -2.26 -37.42 -19.62
C GLY B 350 -1.82 -37.37 -21.06
N ASN B 351 -2.56 -36.67 -21.92
CA ASN B 351 -2.28 -36.59 -23.39
C ASN B 351 -1.00 -35.79 -23.68
N LEU B 352 -0.71 -34.76 -22.88
CA LEU B 352 0.51 -33.94 -23.00
C LEU B 352 1.71 -34.86 -22.74
N VAL B 353 1.70 -35.57 -21.61
CA VAL B 353 2.79 -36.53 -21.25
C VAL B 353 2.94 -37.57 -22.36
N GLU B 354 1.81 -38.10 -22.86
CA GLU B 354 1.80 -39.23 -23.82
C GLU B 354 2.33 -38.77 -25.19
N TRP B 355 2.03 -37.54 -25.60
CA TRP B 355 2.56 -36.94 -26.87
C TRP B 355 4.07 -36.72 -26.74
N PHE B 356 4.52 -36.20 -25.60
CA PHE B 356 5.96 -36.00 -25.28
C PHE B 356 6.67 -37.36 -25.39
N LEU B 357 6.10 -38.40 -24.78
CA LEU B 357 6.71 -39.76 -24.69
C LEU B 357 6.72 -40.43 -26.08
N LEU B 358 5.68 -40.24 -26.88
CA LEU B 358 5.60 -40.80 -28.26
C LEU B 358 6.76 -40.25 -29.10
N ARG B 359 7.01 -38.95 -29.01
CA ARG B 359 8.10 -38.24 -29.73
C ARG B 359 9.44 -38.84 -29.32
N LYS B 360 9.71 -38.91 -28.01
CA LYS B 360 10.97 -39.43 -27.44
C LYS B 360 11.16 -40.92 -27.80
N ALA B 361 10.06 -41.66 -27.86
CA ALA B 361 10.03 -43.11 -28.22
C ALA B 361 10.58 -43.26 -29.64
N TYR B 362 10.12 -42.40 -30.56
CA TYR B 362 10.56 -42.40 -31.98
C TYR B 362 12.07 -42.16 -32.07
N LYS B 363 12.67 -41.21 -31.36
CA LYS B 363 14.10 -40.87 -31.60
C LYS B 363 14.96 -41.85 -30.82
N ARG B 364 14.38 -42.66 -29.91
CA ARG B 364 15.12 -43.74 -29.19
C ARG B 364 14.83 -45.13 -29.77
N ASN B 365 14.13 -45.19 -30.90
CA ASN B 365 13.68 -46.41 -31.61
C ASN B 365 12.98 -47.35 -30.62
N GLU B 366 12.17 -46.77 -29.72
CA GLU B 366 11.32 -47.55 -28.76
C GLU B 366 9.92 -47.66 -29.37
N LEU B 367 9.47 -48.89 -29.62
CA LEU B 367 8.08 -49.21 -30.03
C LEU B 367 7.16 -48.80 -28.87
N ALA B 368 6.06 -48.10 -29.19
CA ALA B 368 5.11 -47.52 -28.21
C ALA B 368 4.07 -48.56 -27.82
N PRO B 369 3.88 -48.80 -26.50
CA PRO B 369 2.81 -49.69 -26.04
C PRO B 369 1.45 -49.17 -26.51
N ASN B 370 0.46 -50.06 -26.65
CA ASN B 370 -0.90 -49.69 -27.10
C ASN B 370 -1.66 -49.09 -25.91
N LYS B 371 -2.59 -48.18 -26.18
CA LYS B 371 -3.66 -47.78 -25.22
C LYS B 371 -4.43 -49.04 -24.84
N PRO B 372 -4.77 -49.24 -23.54
CA PRO B 372 -5.42 -50.48 -23.12
C PRO B 372 -6.87 -50.61 -23.60
N ASP B 373 -7.24 -51.82 -24.05
CA ASP B 373 -8.63 -52.19 -24.43
C ASP B 373 -9.46 -52.37 -23.15
N GLU B 374 -10.78 -52.53 -23.29
CA GLU B 374 -11.74 -52.66 -22.15
C GLU B 374 -11.25 -53.75 -21.19
N ARG B 375 -10.77 -54.86 -21.72
CA ARG B 375 -10.29 -56.05 -20.94
C ARG B 375 -9.11 -55.64 -20.04
N GLU B 376 -8.05 -55.09 -20.68
CA GLU B 376 -6.82 -54.61 -19.99
C GLU B 376 -7.14 -53.48 -19.00
N LEU B 377 -8.03 -52.55 -19.38
CA LEU B 377 -8.48 -51.42 -18.54
C LEU B 377 -9.12 -51.92 -17.23
N ALA B 378 -9.94 -52.97 -17.32
CA ALA B 378 -10.62 -53.61 -16.16
C ALA B 378 -9.58 -54.21 -15.21
N ARG B 379 -8.46 -54.74 -15.74
CA ARG B 379 -7.37 -55.39 -14.96
C ARG B 379 -6.51 -54.37 -14.19
N ARG B 380 -6.71 -53.05 -14.43
CA ARG B 380 -5.94 -51.94 -13.85
C ARG B 380 -6.78 -51.14 -12.84
N ARG B 381 -7.92 -51.69 -12.41
CA ARG B 381 -8.90 -51.05 -11.49
C ARG B 381 -8.29 -50.87 -10.10
N GLY B 382 -7.44 -51.79 -9.64
CA GLY B 382 -6.85 -51.79 -8.28
C GLY B 382 -6.14 -50.48 -7.95
N GLY B 383 -6.19 -50.07 -6.67
CA GLY B 383 -5.50 -48.88 -6.13
C GLY B 383 -4.09 -49.23 -5.66
N TYR B 384 -3.45 -48.35 -4.88
CA TYR B 384 -2.12 -48.56 -4.23
C TYR B 384 -1.90 -47.48 -3.16
N ALA B 385 -0.97 -47.69 -2.23
CA ALA B 385 -0.68 -46.78 -1.10
C ALA B 385 -0.05 -45.49 -1.60
N GLY B 386 -0.44 -44.35 -1.01
CA GLY B 386 -0.05 -43.00 -1.47
C GLY B 386 1.00 -42.37 -0.55
N GLY B 387 0.91 -41.05 -0.38
CA GLY B 387 1.82 -40.27 0.48
C GLY B 387 1.52 -40.46 1.95
N TYR B 388 2.53 -40.24 2.81
CA TYR B 388 2.39 -40.30 4.29
C TYR B 388 1.95 -38.94 4.84
N VAL B 389 0.85 -38.95 5.58
CA VAL B 389 0.29 -37.79 6.31
C VAL B 389 0.43 -38.10 7.81
N LYS B 390 1.18 -37.25 8.51
CA LYS B 390 1.34 -37.37 10.00
C LYS B 390 0.16 -36.71 10.69
N GLU B 391 -0.50 -37.41 11.63
CA GLU B 391 -1.60 -36.83 12.44
C GLU B 391 -1.02 -35.64 13.19
N PRO B 392 -1.51 -34.39 12.97
CA PRO B 392 -0.81 -33.22 13.50
C PRO B 392 -0.95 -33.14 15.02
N GLU B 393 0.05 -32.54 15.70
CA GLU B 393 -0.13 -32.16 17.12
C GLU B 393 -0.92 -30.84 17.11
N ARG B 394 -2.23 -30.93 17.37
CA ARG B 394 -3.20 -29.81 17.17
C ARG B 394 -2.86 -28.67 18.14
N GLY B 395 -3.12 -27.44 17.74
CA GLY B 395 -3.07 -26.25 18.61
C GLY B 395 -2.21 -25.19 18.00
N LEU B 396 -1.88 -24.14 18.78
CA LEU B 396 -1.00 -23.01 18.39
C LEU B 396 0.42 -23.32 18.89
N TRP B 397 1.41 -23.16 17.98
CA TRP B 397 2.86 -23.42 18.25
C TRP B 397 3.73 -22.22 17.83
N ASP B 398 4.93 -22.13 18.39
CA ASP B 398 5.89 -21.01 18.16
C ASP B 398 7.12 -21.51 17.38
N ASN B 399 7.75 -20.65 16.59
CA ASN B 399 9.09 -20.81 15.99
C ASN B 399 9.09 -22.05 15.09
N ILE B 400 8.38 -21.98 13.98
CA ILE B 400 8.11 -23.13 13.05
C ILE B 400 9.03 -22.98 11.85
N VAL B 401 9.64 -24.11 11.45
CA VAL B 401 10.46 -24.25 10.20
C VAL B 401 9.79 -25.30 9.32
N TYR B 402 9.64 -24.98 8.02
CA TYR B 402 9.12 -25.90 6.99
C TYR B 402 10.30 -26.47 6.20
N LEU B 403 10.51 -27.78 6.34
CA LEU B 403 11.51 -28.56 5.58
C LEU B 403 10.74 -29.44 4.60
N ASP B 404 11.15 -29.48 3.32
CA ASP B 404 10.54 -30.38 2.32
C ASP B 404 11.60 -30.88 1.37
N PHE B 405 11.32 -31.97 0.66
CA PHE B 405 12.16 -32.46 -0.50
C PHE B 405 11.85 -31.69 -1.77
N ARG B 406 12.90 -31.22 -2.47
CA ARG B 406 12.75 -30.65 -3.82
C ARG B 406 12.56 -31.78 -4.83
N SER B 407 11.43 -31.80 -5.56
CA SER B 407 11.07 -32.81 -6.57
C SER B 407 11.35 -34.25 -6.07
N LEU B 408 10.64 -34.67 -5.02
CA LEU B 408 10.85 -35.99 -4.38
C LEU B 408 10.58 -37.13 -5.37
N TYR B 409 9.45 -37.06 -6.07
CA TYR B 409 8.96 -38.16 -6.95
C TYR B 409 9.86 -38.24 -8.20
N PRO B 410 10.19 -37.12 -8.90
CA PRO B 410 11.23 -37.15 -9.92
C PRO B 410 12.60 -37.65 -9.41
N SER B 411 13.02 -37.16 -8.25
CA SER B 411 14.27 -37.57 -7.54
C SER B 411 14.33 -39.11 -7.46
N ILE B 412 13.21 -39.70 -7.00
CA ILE B 412 13.10 -41.15 -6.70
C ILE B 412 13.19 -41.92 -8.03
N ILE B 413 12.36 -41.52 -9.00
CA ILE B 413 12.27 -42.18 -10.33
C ILE B 413 13.66 -42.19 -10.99
N ILE B 414 14.38 -41.08 -11.00
CA ILE B 414 15.78 -41.00 -11.50
C ILE B 414 16.72 -41.88 -10.65
N THR B 415 16.88 -41.50 -9.39
CA THR B 415 17.91 -42.04 -8.45
C THR B 415 17.79 -43.55 -8.36
N HIS B 416 16.57 -44.11 -8.43
CA HIS B 416 16.30 -45.57 -8.28
C HIS B 416 15.91 -46.21 -9.62
N ASN B 417 15.95 -45.44 -10.72
CA ASN B 417 15.77 -45.91 -12.11
C ASN B 417 14.44 -46.70 -12.22
N VAL B 418 13.36 -46.13 -11.70
CA VAL B 418 11.99 -46.71 -11.64
C VAL B 418 11.36 -46.60 -13.04
N SER B 419 11.20 -47.72 -13.73
CA SER B 419 10.65 -47.77 -15.11
C SER B 419 10.16 -49.18 -15.43
N PRO B 420 9.11 -49.33 -16.26
CA PRO B 420 8.63 -50.65 -16.66
C PRO B 420 9.73 -51.49 -17.36
N ASP B 421 10.64 -50.82 -18.05
CA ASP B 421 11.72 -51.47 -18.86
C ASP B 421 12.88 -51.91 -17.97
N THR B 422 12.91 -51.51 -16.70
CA THR B 422 13.95 -51.93 -15.71
C THR B 422 13.35 -52.85 -14.64
N LEU B 423 12.01 -53.04 -14.66
CA LEU B 423 11.27 -53.86 -13.65
C LEU B 423 11.47 -55.37 -13.87
N ASN B 424 12.19 -56.05 -12.97
CA ASN B 424 12.51 -57.49 -13.01
C ASN B 424 13.18 -57.86 -14.35
N ARG B 425 14.00 -56.98 -14.92
CA ARG B 425 14.95 -57.32 -16.01
C ARG B 425 15.82 -58.46 -15.48
N GLU B 426 15.66 -59.67 -16.04
CA GLU B 426 16.21 -60.94 -15.47
C GLU B 426 17.75 -60.95 -15.58
N GLY B 427 18.46 -61.00 -14.44
CA GLY B 427 19.93 -61.19 -14.42
C GLY B 427 20.75 -59.89 -14.57
N CYS B 428 20.54 -58.94 -13.68
CA CYS B 428 21.29 -57.68 -13.55
C CYS B 428 22.34 -57.85 -12.45
N LYS B 429 23.44 -57.12 -12.61
CA LYS B 429 24.59 -57.04 -11.65
C LYS B 429 24.10 -56.27 -10.42
N GLU B 430 23.33 -55.21 -10.61
CA GLU B 430 22.76 -54.39 -9.50
C GLU B 430 21.25 -54.22 -9.67
N TYR B 431 20.49 -54.29 -8.56
CA TYR B 431 19.07 -53.88 -8.41
C TYR B 431 18.93 -52.85 -7.27
N ASP B 432 17.86 -52.09 -7.33
CA ASP B 432 17.27 -51.33 -6.19
C ASP B 432 15.90 -51.91 -5.85
N VAL B 433 15.70 -52.35 -4.60
CA VAL B 433 14.41 -52.90 -4.10
C VAL B 433 13.61 -51.75 -3.46
N ALA B 434 12.35 -51.61 -3.87
CA ALA B 434 11.35 -50.70 -3.24
C ALA B 434 11.02 -51.20 -1.83
N PRO B 435 11.03 -50.30 -0.81
CA PRO B 435 10.89 -50.72 0.58
C PRO B 435 9.87 -51.83 0.92
N GLU B 436 8.56 -51.56 0.77
CA GLU B 436 7.46 -52.39 1.33
C GLU B 436 6.77 -53.23 0.24
N VAL B 437 6.79 -52.78 -1.03
CA VAL B 437 6.10 -53.41 -2.18
C VAL B 437 7.05 -54.37 -2.89
N GLY B 438 8.34 -54.39 -2.51
CA GLY B 438 9.32 -55.39 -3.00
C GLY B 438 9.37 -55.53 -4.52
N HIS B 439 9.59 -54.40 -5.21
CA HIS B 439 9.78 -54.35 -6.69
C HIS B 439 11.26 -54.08 -7.00
N LYS B 440 11.92 -54.94 -7.77
CA LYS B 440 13.36 -54.78 -8.12
C LYS B 440 13.45 -53.94 -9.41
N PHE B 441 14.25 -52.86 -9.40
CA PHE B 441 14.56 -52.05 -10.61
C PHE B 441 16.04 -52.12 -10.95
N CYS B 442 16.36 -52.64 -12.13
CA CYS B 442 17.74 -52.81 -12.65
C CYS B 442 18.46 -51.45 -12.70
N LYS B 443 19.76 -51.44 -12.39
CA LYS B 443 20.56 -50.18 -12.32
C LYS B 443 21.70 -50.24 -13.33
N ASP B 444 21.77 -51.28 -14.16
CA ASP B 444 22.91 -51.52 -15.10
C ASP B 444 22.81 -50.60 -16.32
N PHE B 445 21.61 -50.51 -16.92
CA PHE B 445 21.27 -49.66 -18.08
C PHE B 445 20.10 -48.73 -17.73
N PRO B 446 20.06 -47.52 -18.32
CA PRO B 446 19.07 -46.50 -17.94
C PRO B 446 17.68 -46.78 -18.53
N GLY B 447 16.64 -46.64 -17.70
CA GLY B 447 15.23 -46.75 -18.12
C GLY B 447 14.77 -45.53 -18.91
N PHE B 448 13.77 -45.73 -19.78
CA PHE B 448 13.23 -44.72 -20.71
C PHE B 448 12.86 -43.43 -19.95
N ILE B 449 11.85 -43.48 -19.06
CA ILE B 449 11.35 -42.30 -18.30
C ILE B 449 12.47 -41.73 -17.42
N PRO B 450 13.15 -42.55 -16.60
CA PRO B 450 14.25 -42.05 -15.77
C PRO B 450 15.26 -41.21 -16.58
N SER B 451 15.65 -41.73 -17.75
CA SER B 451 16.61 -41.09 -18.70
C SER B 451 16.05 -39.76 -19.22
N LEU B 452 14.79 -39.72 -19.60
CA LEU B 452 14.10 -38.48 -20.09
C LEU B 452 14.06 -37.46 -18.96
N LEU B 453 13.72 -37.89 -17.76
CA LEU B 453 13.67 -37.06 -16.54
C LEU B 453 15.05 -36.44 -16.32
N GLY B 454 16.10 -37.25 -16.44
CA GLY B 454 17.51 -36.81 -16.47
C GLY B 454 17.75 -35.68 -17.47
N ASP B 455 17.33 -35.89 -18.71
CA ASP B 455 17.47 -34.94 -19.84
C ASP B 455 16.71 -33.66 -19.52
N LEU B 456 15.55 -33.76 -18.85
CA LEU B 456 14.67 -32.60 -18.56
C LEU B 456 15.32 -31.74 -17.46
N LEU B 457 15.93 -32.37 -16.46
CA LEU B 457 16.71 -31.67 -15.38
C LEU B 457 17.87 -30.92 -16.02
N GLU B 458 18.60 -31.55 -16.96
CA GLU B 458 19.71 -30.93 -17.72
C GLU B 458 19.23 -29.76 -18.59
N GLU B 459 18.11 -29.92 -19.29
CA GLU B 459 17.57 -28.84 -20.18
C GLU B 459 17.20 -27.65 -19.28
N ARG B 460 16.75 -27.94 -18.07
CA ARG B 460 16.34 -26.92 -17.05
C ARG B 460 17.57 -26.21 -16.46
N GLN B 461 18.66 -26.95 -16.26
CA GLN B 461 19.98 -26.43 -15.79
C GLN B 461 20.58 -25.45 -16.82
N LYS B 462 20.48 -25.81 -18.11
CA LYS B 462 20.95 -25.02 -19.26
C LYS B 462 20.11 -23.73 -19.32
N ILE B 463 18.82 -23.81 -19.11
CA ILE B 463 17.88 -22.65 -19.20
C ILE B 463 18.13 -21.76 -17.98
N LYS B 464 18.35 -22.38 -16.82
CA LYS B 464 18.66 -21.69 -15.52
C LYS B 464 19.90 -20.82 -15.74
N ARG B 465 20.94 -21.38 -16.37
CA ARG B 465 22.20 -20.68 -16.76
C ARG B 465 21.90 -19.48 -17.66
N LYS B 466 21.16 -19.75 -18.76
CA LYS B 466 20.82 -18.79 -19.84
C LYS B 466 20.05 -17.59 -19.30
N MET B 467 19.19 -17.78 -18.28
CA MET B 467 18.30 -16.74 -17.70
C MET B 467 19.12 -15.62 -17.04
N LYS B 468 20.15 -15.99 -16.27
CA LYS B 468 21.05 -15.07 -15.53
C LYS B 468 22.16 -14.58 -16.47
N ALA B 469 21.87 -14.44 -17.76
CA ALA B 469 22.81 -13.98 -18.81
C ALA B 469 22.06 -13.09 -19.81
N THR B 470 20.95 -13.55 -20.39
CA THR B 470 20.07 -12.78 -21.29
C THR B 470 19.73 -11.42 -20.67
N VAL B 471 19.71 -10.36 -21.49
CA VAL B 471 19.42 -8.96 -21.04
C VAL B 471 17.90 -8.77 -21.11
N ASP B 472 17.30 -9.23 -22.22
CA ASP B 472 15.86 -8.99 -22.59
C ASP B 472 14.94 -9.56 -21.50
N PRO B 473 14.14 -8.71 -20.82
CA PRO B 473 13.01 -9.21 -20.00
C PRO B 473 12.08 -10.24 -20.67
N LEU B 474 11.79 -10.06 -21.96
CA LEU B 474 10.84 -10.90 -22.75
C LEU B 474 11.42 -12.30 -22.96
N GLU B 475 12.63 -12.41 -23.50
CA GLU B 475 13.36 -13.68 -23.76
C GLU B 475 13.65 -14.43 -22.42
N LYS B 476 13.81 -13.67 -21.33
CA LYS B 476 14.03 -14.18 -19.95
C LYS B 476 12.73 -14.82 -19.43
N LYS B 477 11.59 -14.21 -19.75
CA LYS B 477 10.23 -14.67 -19.32
C LYS B 477 9.84 -15.96 -20.07
N LEU B 478 10.10 -16.04 -21.36
CA LEU B 478 9.80 -17.21 -22.23
C LEU B 478 10.68 -18.39 -21.79
N LEU B 479 11.90 -18.15 -21.35
CA LEU B 479 12.84 -19.17 -20.83
C LEU B 479 12.34 -19.64 -19.44
N ASP B 480 11.74 -18.70 -18.66
CA ASP B 480 11.20 -19.02 -17.31
C ASP B 480 9.93 -19.85 -17.40
N TYR B 481 9.11 -19.65 -18.44
CA TYR B 481 7.95 -20.51 -18.79
C TYR B 481 8.46 -21.92 -19.09
N ARG B 482 9.47 -22.03 -19.96
CA ARG B 482 10.00 -23.33 -20.44
C ARG B 482 10.48 -24.17 -19.25
N GLN B 483 11.23 -23.58 -18.32
CA GLN B 483 11.87 -24.30 -17.19
C GLN B 483 10.77 -24.64 -16.15
N ARG B 484 9.79 -23.76 -15.98
CA ARG B 484 8.69 -23.97 -14.99
C ARG B 484 7.72 -25.01 -15.59
N LEU B 485 7.50 -25.03 -16.91
CA LEU B 485 6.67 -26.03 -17.60
C LEU B 485 7.34 -27.39 -17.60
N ILE B 486 8.67 -27.44 -17.75
CA ILE B 486 9.49 -28.68 -17.64
C ILE B 486 9.37 -29.24 -16.23
N LYS B 487 9.31 -28.37 -15.21
CA LYS B 487 9.16 -28.80 -13.78
C LYS B 487 7.80 -29.48 -13.61
N ILE B 488 6.73 -28.91 -14.18
CA ILE B 488 5.35 -29.43 -14.09
C ILE B 488 5.33 -30.78 -14.82
N LEU B 489 5.87 -30.85 -16.04
CA LEU B 489 5.91 -32.10 -16.86
C LEU B 489 6.62 -33.23 -16.11
N ALA B 490 7.76 -32.95 -15.50
CA ALA B 490 8.57 -33.86 -14.66
C ALA B 490 7.71 -34.39 -13.51
N ASN B 491 6.87 -33.53 -12.91
CA ASN B 491 6.04 -33.88 -11.71
C ASN B 491 4.77 -34.62 -12.14
N SER B 492 4.53 -34.78 -13.44
CA SER B 492 3.32 -35.41 -14.02
C SER B 492 3.57 -36.90 -14.29
N PHE B 493 4.83 -37.32 -14.32
CA PHE B 493 5.25 -38.69 -14.70
C PHE B 493 4.75 -39.68 -13.65
N TYR B 494 4.85 -39.33 -12.36
CA TYR B 494 4.44 -40.24 -11.25
C TYR B 494 2.97 -40.62 -11.46
N GLY B 495 2.10 -39.60 -11.50
CA GLY B 495 0.66 -39.77 -11.76
C GLY B 495 0.37 -40.54 -13.04
N TYR B 496 1.13 -40.30 -14.11
CA TYR B 496 0.93 -40.97 -15.43
C TYR B 496 1.20 -42.47 -15.32
N TYR B 497 2.21 -42.86 -14.52
CA TYR B 497 2.56 -44.28 -14.25
C TYR B 497 1.32 -44.98 -13.69
N GLY B 498 0.53 -44.28 -12.86
CA GLY B 498 -0.65 -44.85 -12.18
C GLY B 498 -1.96 -44.59 -12.91
N TYR B 499 -1.90 -44.07 -14.14
CA TYR B 499 -3.07 -43.67 -14.95
C TYR B 499 -3.44 -44.82 -15.89
N ALA B 500 -4.56 -45.46 -15.59
CA ALA B 500 -5.08 -46.70 -16.24
C ALA B 500 -5.02 -46.60 -17.78
N LYS B 501 -5.27 -45.43 -18.36
CA LYS B 501 -5.34 -45.24 -19.84
C LYS B 501 -3.96 -44.89 -20.42
N ALA B 502 -2.90 -44.85 -19.60
CA ALA B 502 -1.51 -44.54 -20.04
C ALA B 502 -0.92 -45.74 -20.80
N ARG B 503 -0.26 -45.49 -21.94
CA ARG B 503 0.52 -46.51 -22.68
C ARG B 503 1.61 -47.08 -21.78
N TRP B 504 2.44 -46.22 -21.18
CA TRP B 504 3.54 -46.62 -20.26
C TRP B 504 3.05 -46.62 -18.81
N TYR B 505 1.80 -47.02 -18.58
CA TYR B 505 1.24 -47.37 -17.25
C TYR B 505 2.11 -48.46 -16.60
N CYS B 506 2.40 -48.29 -15.30
CA CYS B 506 3.14 -49.26 -14.45
C CYS B 506 2.77 -49.03 -12.98
N LYS B 507 1.85 -49.85 -12.46
CA LYS B 507 1.39 -49.82 -11.05
C LYS B 507 2.61 -49.98 -10.13
N GLU B 508 3.48 -50.93 -10.50
CA GLU B 508 4.69 -51.31 -9.72
C GLU B 508 5.59 -50.07 -9.56
N CYS B 509 5.77 -49.31 -10.65
CA CYS B 509 6.54 -48.05 -10.66
C CYS B 509 5.89 -47.04 -9.70
N ALA B 510 4.60 -46.76 -9.88
CA ALA B 510 3.82 -45.80 -9.07
C ALA B 510 3.91 -46.17 -7.58
N GLU B 511 3.60 -47.42 -7.24
CA GLU B 511 3.67 -48.01 -5.87
C GLU B 511 5.04 -47.77 -5.24
N SER B 512 6.10 -48.02 -6.01
CA SER B 512 7.51 -47.94 -5.55
C SER B 512 7.88 -46.49 -5.21
N VAL B 513 7.43 -45.53 -6.03
CA VAL B 513 7.73 -44.08 -5.89
C VAL B 513 7.12 -43.58 -4.59
N THR B 514 5.85 -43.92 -4.30
CA THR B 514 5.16 -43.60 -3.02
C THR B 514 5.86 -44.25 -1.80
N ALA B 515 6.12 -45.55 -1.91
CA ALA B 515 6.77 -46.39 -0.88
C ALA B 515 8.08 -45.72 -0.44
N TRP B 516 9.03 -45.56 -1.39
CA TRP B 516 10.31 -44.83 -1.15
C TRP B 516 10.01 -43.48 -0.51
N GLY B 517 9.05 -42.73 -1.07
CA GLY B 517 8.65 -41.40 -0.57
C GLY B 517 8.39 -41.45 0.94
N ARG B 518 7.56 -42.42 1.34
CA ARG B 518 7.12 -42.63 2.74
C ARG B 518 8.35 -42.99 3.57
N GLU B 519 9.19 -43.90 3.06
CA GLU B 519 10.43 -44.35 3.76
C GLU B 519 11.30 -43.14 4.12
N TYR B 520 11.52 -42.24 3.17
CA TYR B 520 12.42 -41.06 3.30
C TYR B 520 11.81 -40.06 4.27
N ILE B 521 10.52 -39.73 4.10
CA ILE B 521 9.85 -38.73 4.98
C ILE B 521 9.78 -39.26 6.41
N GLU B 522 9.43 -40.53 6.60
CA GLU B 522 9.43 -41.22 7.90
C GLU B 522 10.83 -41.19 8.54
N MET B 523 11.86 -41.57 7.78
CA MET B 523 13.27 -41.55 8.21
C MET B 523 13.63 -40.13 8.74
N VAL B 524 13.36 -39.11 7.93
CA VAL B 524 13.72 -37.69 8.22
C VAL B 524 13.07 -37.30 9.54
N ILE B 525 11.81 -37.64 9.75
CA ILE B 525 11.02 -37.33 10.99
C ILE B 525 11.62 -38.03 12.20
N ARG B 526 11.91 -39.35 12.10
CA ARG B 526 12.58 -40.11 13.17
C ARG B 526 13.90 -39.43 13.57
N GLU B 527 14.77 -39.13 12.59
CA GLU B 527 16.10 -38.51 12.79
C GLU B 527 15.93 -37.17 13.50
N LEU B 528 14.91 -36.40 13.10
CA LEU B 528 14.68 -35.00 13.58
C LEU B 528 14.29 -35.00 15.07
N GLU B 529 13.51 -35.99 15.53
CA GLU B 529 12.94 -36.07 16.89
C GLU B 529 13.88 -36.79 17.88
N GLU B 530 14.39 -37.94 17.49
CA GLU B 530 15.24 -38.82 18.35
C GLU B 530 16.63 -38.20 18.56
N LYS B 531 17.42 -38.11 17.47
CA LYS B 531 18.84 -37.72 17.47
C LYS B 531 18.97 -36.22 17.68
N PHE B 532 18.08 -35.38 17.11
CA PHE B 532 18.11 -33.92 17.27
C PHE B 532 16.99 -33.52 18.23
N GLY B 533 16.85 -32.22 18.52
CA GLY B 533 16.03 -31.71 19.62
C GLY B 533 14.57 -31.47 19.25
N PHE B 534 14.20 -31.71 17.99
CA PHE B 534 12.97 -31.17 17.36
C PHE B 534 11.71 -31.95 17.76
N LYS B 535 10.58 -31.27 17.76
CA LYS B 535 9.22 -31.86 17.76
C LYS B 535 8.61 -31.60 16.38
N VAL B 536 8.31 -32.65 15.62
CA VAL B 536 7.64 -32.52 14.29
C VAL B 536 6.13 -32.35 14.52
N LEU B 537 5.62 -31.14 14.25
CA LEU B 537 4.24 -30.73 14.54
C LEU B 537 3.27 -31.38 13.54
N TYR B 538 3.61 -31.34 12.26
CA TYR B 538 2.78 -31.87 11.15
C TYR B 538 3.71 -32.30 10.00
N ALA B 539 3.34 -33.36 9.31
CA ALA B 539 4.03 -33.82 8.08
C ALA B 539 3.01 -34.40 7.08
N ASP B 540 2.80 -33.72 5.94
CA ASP B 540 2.13 -34.28 4.75
C ASP B 540 3.22 -34.71 3.78
N THR B 541 2.90 -35.54 2.79
CA THR B 541 3.87 -36.14 1.84
C THR B 541 4.94 -35.14 1.43
N ASP B 542 6.23 -35.49 1.60
CA ASP B 542 7.39 -34.77 1.00
C ASP B 542 7.75 -33.50 1.78
N GLY B 543 7.14 -33.23 2.95
CA GLY B 543 7.48 -32.03 3.72
C GLY B 543 7.00 -32.13 5.16
N LEU B 544 7.58 -31.34 6.05
CA LEU B 544 7.23 -31.42 7.49
C LEU B 544 7.38 -30.05 8.14
N HIS B 545 6.60 -29.80 9.19
CA HIS B 545 6.64 -28.57 10.02
C HIS B 545 7.18 -28.97 11.40
N ALA B 546 8.24 -28.31 11.88
CA ALA B 546 8.88 -28.65 13.17
C ALA B 546 9.33 -27.40 13.92
N THR B 547 9.59 -27.59 15.22
CA THR B 547 10.16 -26.58 16.14
C THR B 547 10.96 -27.29 17.21
N ILE B 548 11.71 -26.55 18.02
CA ILE B 548 12.33 -27.09 19.28
C ILE B 548 11.61 -26.43 20.45
N PRO B 549 10.84 -27.21 21.26
CA PRO B 549 9.80 -26.65 22.15
C PRO B 549 10.05 -25.25 22.75
N GLY B 550 11.16 -25.06 23.47
CA GLY B 550 11.41 -23.87 24.30
C GLY B 550 12.38 -22.91 23.63
N ALA B 551 12.88 -23.21 22.43
CA ALA B 551 13.91 -22.42 21.74
C ALA B 551 13.28 -21.12 21.23
N ASP B 552 14.11 -20.13 20.92
CA ASP B 552 13.72 -18.82 20.34
C ASP B 552 13.89 -18.90 18.81
N ALA B 553 13.48 -17.85 18.11
CA ALA B 553 13.47 -17.75 16.63
C ALA B 553 14.88 -17.97 16.05
N GLU B 554 15.83 -17.10 16.41
CA GLU B 554 17.21 -17.05 15.90
C GLU B 554 17.86 -18.43 16.02
N THR B 555 17.52 -19.21 17.05
CA THR B 555 18.06 -20.57 17.31
C THR B 555 17.56 -21.58 16.28
N VAL B 556 16.23 -21.75 16.21
CA VAL B 556 15.53 -22.86 15.50
C VAL B 556 16.03 -22.88 14.04
N LYS B 557 16.13 -21.71 13.41
CA LYS B 557 16.72 -21.55 12.04
C LYS B 557 18.10 -22.19 12.00
N LYS B 558 19.05 -21.70 12.82
CA LYS B 558 20.44 -22.18 12.94
C LYS B 558 20.48 -23.70 13.09
N LYS B 559 19.67 -24.27 14.00
CA LYS B 559 19.66 -25.72 14.30
C LYS B 559 19.07 -26.53 13.13
N ALA B 560 18.11 -25.94 12.42
CA ALA B 560 17.40 -26.55 11.26
C ALA B 560 18.35 -26.63 10.07
N LYS B 561 18.99 -25.51 9.72
CA LYS B 561 19.97 -25.42 8.60
C LYS B 561 21.11 -26.41 8.86
N GLU B 562 21.53 -26.57 10.12
CA GLU B 562 22.55 -27.58 10.53
C GLU B 562 22.07 -28.99 10.18
N PHE B 563 20.81 -29.33 10.42
CA PHE B 563 20.29 -30.71 10.31
C PHE B 563 20.35 -31.14 8.84
N LEU B 564 20.11 -30.19 7.91
CA LEU B 564 20.22 -30.43 6.44
C LEU B 564 21.65 -30.86 6.06
N LYS B 565 22.67 -30.10 6.51
CA LYS B 565 24.11 -30.40 6.27
C LYS B 565 24.42 -31.82 6.74
N TYR B 566 23.71 -32.31 7.76
CA TYR B 566 23.82 -33.70 8.29
C TYR B 566 23.19 -34.70 7.29
N ILE B 567 21.88 -34.55 7.05
CA ILE B 567 21.04 -35.60 6.39
C ILE B 567 21.29 -35.61 4.88
N ASN B 568 21.56 -34.47 4.24
CA ASN B 568 21.62 -34.36 2.76
C ASN B 568 22.71 -35.30 2.24
N PRO B 569 23.96 -35.19 2.76
CA PRO B 569 24.99 -36.20 2.48
C PRO B 569 24.58 -37.68 2.64
N LYS B 570 23.65 -37.99 3.54
CA LYS B 570 23.19 -39.37 3.85
C LYS B 570 22.08 -39.79 2.87
N LEU B 571 21.52 -38.89 2.06
CA LEU B 571 20.44 -39.16 1.08
C LEU B 571 21.00 -39.45 -0.31
N PRO B 572 20.53 -40.54 -0.98
CA PRO B 572 21.13 -41.01 -2.23
C PRO B 572 20.72 -40.22 -3.47
N GLY B 573 21.60 -40.15 -4.48
CA GLY B 573 21.36 -39.45 -5.76
C GLY B 573 20.85 -38.04 -5.55
N LEU B 574 19.70 -37.72 -6.15
CA LEU B 574 19.14 -36.35 -6.25
C LEU B 574 18.26 -36.01 -5.04
N LEU B 575 17.91 -36.99 -4.21
CA LEU B 575 17.13 -36.71 -2.96
C LEU B 575 17.92 -35.74 -2.07
N GLU B 576 17.26 -34.67 -1.68
CA GLU B 576 17.84 -33.53 -0.89
C GLU B 576 16.72 -32.83 -0.12
N LEU B 577 16.85 -32.69 1.20
CA LEU B 577 15.90 -31.90 2.03
C LEU B 577 16.29 -30.41 1.99
N GLU B 578 15.33 -29.52 1.72
CA GLU B 578 15.52 -28.07 1.60
C GLU B 578 14.91 -27.37 2.82
N TYR B 579 15.44 -26.19 3.14
CA TYR B 579 14.85 -25.20 4.08
C TYR B 579 14.05 -24.17 3.26
N GLU B 580 12.73 -24.18 3.38
CA GLU B 580 11.81 -23.40 2.51
C GLU B 580 11.43 -22.06 3.14
N GLY B 581 11.35 -22.00 4.48
CA GLY B 581 11.01 -20.77 5.22
C GLY B 581 10.77 -21.01 6.70
N PHE B 582 10.74 -19.91 7.45
CA PHE B 582 10.41 -19.84 8.91
C PHE B 582 9.03 -19.20 9.06
N TYR B 583 8.30 -19.57 10.10
CA TYR B 583 6.99 -19.01 10.51
C TYR B 583 6.99 -18.83 12.05
N VAL B 584 6.62 -17.64 12.51
CA VAL B 584 6.62 -17.22 13.95
C VAL B 584 5.68 -18.13 14.74
N ARG B 585 4.44 -18.30 14.26
CA ARG B 585 3.39 -19.12 14.90
C ARG B 585 2.72 -20.00 13.83
N GLY B 586 2.15 -21.12 14.24
CA GLY B 586 1.41 -22.04 13.37
C GLY B 586 0.22 -22.64 14.10
N PHE B 587 -0.94 -22.71 13.44
CA PHE B 587 -2.20 -23.25 13.98
C PHE B 587 -2.62 -24.46 13.14
N PHE B 588 -2.49 -25.66 13.72
CA PHE B 588 -2.76 -26.97 13.08
C PHE B 588 -4.10 -27.50 13.57
N VAL B 589 -5.10 -27.52 12.67
CA VAL B 589 -6.52 -27.87 12.96
C VAL B 589 -6.72 -29.39 12.85
N THR B 590 -6.48 -29.94 11.68
CA THR B 590 -6.52 -31.38 11.32
C THR B 590 -5.52 -31.63 10.17
N LYS B 591 -5.42 -32.87 9.71
CA LYS B 591 -4.71 -33.27 8.49
C LYS B 591 -5.24 -32.43 7.32
N LYS B 592 -4.31 -31.93 6.52
CA LYS B 592 -4.55 -31.11 5.29
C LYS B 592 -5.12 -29.74 5.67
N LYS B 593 -5.23 -29.40 6.94
CA LYS B 593 -5.98 -28.23 7.46
C LYS B 593 -5.14 -27.54 8.54
N TYR B 594 -4.46 -26.44 8.19
CA TYR B 594 -3.62 -25.65 9.12
C TYR B 594 -3.39 -24.25 8.53
N ALA B 595 -2.75 -23.38 9.32
CA ALA B 595 -2.33 -22.03 8.91
C ALA B 595 -1.06 -21.63 9.65
N VAL B 596 -0.18 -20.88 8.97
CA VAL B 596 1.10 -20.36 9.52
C VAL B 596 1.21 -18.88 9.19
N ILE B 597 1.95 -18.11 10.01
CA ILE B 597 2.20 -16.65 9.83
C ILE B 597 3.70 -16.40 9.88
N ASP B 598 4.29 -15.70 8.91
CA ASP B 598 5.75 -15.49 8.77
C ASP B 598 6.17 -14.24 9.57
N GLU B 599 7.46 -13.94 9.59
CA GLU B 599 8.08 -12.82 10.36
C GLU B 599 7.50 -11.49 9.87
N GLU B 600 7.10 -11.40 8.60
CA GLU B 600 6.49 -10.17 8.01
C GLU B 600 4.98 -10.12 8.28
N GLY B 601 4.41 -11.17 8.88
CA GLY B 601 2.99 -11.23 9.31
C GLY B 601 2.00 -11.65 8.21
N LYS B 602 2.50 -12.20 7.10
CA LYS B 602 1.68 -12.78 6.01
C LYS B 602 1.30 -14.23 6.41
N ILE B 603 -0.01 -14.52 6.45
CA ILE B 603 -0.59 -15.85 6.86
C ILE B 603 -0.79 -16.69 5.60
N THR B 604 -0.28 -17.92 5.61
CA THR B 604 -0.57 -18.99 4.60
C THR B 604 -1.65 -19.92 5.17
N THR B 605 -2.79 -20.05 4.48
CA THR B 605 -3.94 -20.88 4.87
C THR B 605 -3.98 -22.12 3.95
N ARG B 606 -4.06 -23.31 4.54
CA ARG B 606 -4.08 -24.59 3.80
C ARG B 606 -5.30 -25.42 4.20
N GLY B 607 -6.19 -25.72 3.25
CA GLY B 607 -7.24 -26.75 3.36
C GLY B 607 -8.47 -26.30 4.12
N LEU B 608 -8.39 -25.22 4.92
CA LEU B 608 -9.52 -24.67 5.70
C LEU B 608 -10.60 -24.16 4.74
N GLU B 609 -11.82 -23.98 5.25
CA GLU B 609 -13.02 -23.54 4.49
C GLU B 609 -12.69 -22.27 3.70
N ILE B 610 -11.80 -21.43 4.25
CA ILE B 610 -11.34 -20.12 3.65
C ILE B 610 -10.99 -20.30 2.17
N VAL B 611 -10.41 -21.43 1.76
CA VAL B 611 -9.85 -21.64 0.40
C VAL B 611 -10.83 -22.43 -0.49
N ARG B 612 -11.83 -23.12 0.09
CA ARG B 612 -12.76 -24.02 -0.63
C ARG B 612 -13.91 -23.22 -1.27
N ARG B 613 -14.35 -23.64 -2.44
CA ARG B 613 -15.41 -22.90 -3.20
C ARG B 613 -16.79 -23.45 -2.80
N ASP B 614 -16.85 -24.61 -2.17
CA ASP B 614 -18.15 -25.21 -1.74
C ASP B 614 -18.50 -24.72 -0.32
N TRP B 615 -17.93 -23.58 0.07
CA TRP B 615 -18.30 -22.85 1.32
C TRP B 615 -18.63 -21.41 1.00
N SER B 616 -19.72 -20.84 1.54
CA SER B 616 -20.19 -19.47 1.27
C SER B 616 -19.11 -18.46 1.68
N GLU B 617 -19.05 -17.29 1.03
CA GLU B 617 -18.00 -16.27 1.25
C GLU B 617 -18.18 -15.72 2.65
N ILE B 618 -19.41 -15.68 3.17
CA ILE B 618 -19.72 -15.22 4.56
C ILE B 618 -18.99 -16.08 5.59
N ALA B 619 -18.98 -17.43 5.40
CA ALA B 619 -18.29 -18.39 6.29
C ALA B 619 -16.77 -18.27 6.14
N LYS B 620 -16.29 -18.22 4.89
CA LYS B 620 -14.85 -18.14 4.56
C LYS B 620 -14.27 -16.83 5.12
N GLU B 621 -14.90 -15.70 4.79
CA GLU B 621 -14.55 -14.35 5.32
C GLU B 621 -14.54 -14.35 6.86
N THR B 622 -15.57 -14.89 7.50
CA THR B 622 -15.74 -14.87 8.97
C THR B 622 -14.69 -15.76 9.62
N GLN B 623 -14.36 -16.90 9.02
CA GLN B 623 -13.32 -17.84 9.54
C GLN B 623 -11.94 -17.20 9.38
N ALA B 624 -11.71 -16.47 8.28
CA ALA B 624 -10.44 -15.75 7.99
C ALA B 624 -10.21 -14.61 8.98
N ARG B 625 -11.29 -13.92 9.39
CA ARG B 625 -11.30 -12.82 10.39
C ARG B 625 -10.95 -13.43 11.75
N VAL B 626 -11.50 -14.61 12.06
CA VAL B 626 -11.25 -15.33 13.35
C VAL B 626 -9.80 -15.80 13.37
N LEU B 627 -9.27 -16.33 12.26
CA LEU B 627 -7.88 -16.86 12.17
C LEU B 627 -6.87 -15.75 12.50
N GLU B 628 -7.00 -14.60 11.82
CA GLU B 628 -6.14 -13.41 12.01
C GLU B 628 -6.12 -13.01 13.49
N ALA B 629 -7.28 -12.96 14.14
CA ALA B 629 -7.47 -12.54 15.55
C ALA B 629 -6.59 -13.42 16.43
N ILE B 630 -6.46 -14.71 16.09
CA ILE B 630 -5.62 -15.70 16.83
C ILE B 630 -4.16 -15.58 16.35
N LEU B 631 -3.88 -15.92 15.08
CA LEU B 631 -2.47 -16.03 14.58
C LEU B 631 -1.73 -14.70 14.79
N LYS B 632 -2.28 -13.60 14.24
CA LYS B 632 -1.61 -12.28 14.13
C LYS B 632 -1.62 -11.56 15.49
N HIS B 633 -2.81 -11.23 15.99
CA HIS B 633 -3.07 -10.31 17.13
C HIS B 633 -3.06 -11.09 18.45
N GLY B 634 -3.28 -12.41 18.41
CA GLY B 634 -3.27 -13.27 19.60
C GLY B 634 -4.44 -12.98 20.53
N ASP B 635 -5.49 -12.40 19.98
CA ASP B 635 -6.69 -11.91 20.72
C ASP B 635 -7.93 -12.80 20.48
N VAL B 636 -8.18 -13.73 21.41
CA VAL B 636 -9.29 -14.72 21.34
C VAL B 636 -10.61 -14.00 21.62
N GLU B 637 -10.57 -13.01 22.51
CA GLU B 637 -11.75 -12.14 22.88
C GLU B 637 -12.28 -11.46 21.61
N GLU B 638 -11.37 -10.96 20.75
CA GLU B 638 -11.71 -10.23 19.50
C GLU B 638 -12.46 -11.15 18.54
N ALA B 639 -12.07 -12.43 18.45
CA ALA B 639 -12.64 -13.48 17.59
C ALA B 639 -14.16 -13.60 17.79
N VAL B 640 -14.53 -13.70 19.08
CA VAL B 640 -15.92 -13.99 19.58
C VAL B 640 -16.89 -12.91 19.11
N ARG B 641 -16.47 -11.63 19.09
CA ARG B 641 -17.31 -10.47 18.68
C ARG B 641 -17.62 -10.53 17.18
N ILE B 642 -16.65 -10.99 16.39
CA ILE B 642 -16.74 -11.04 14.89
C ILE B 642 -17.78 -12.09 14.55
N VAL B 643 -17.67 -13.30 15.11
CA VAL B 643 -18.60 -14.44 14.87
C VAL B 643 -19.98 -14.06 15.43
N LYS B 644 -19.99 -13.32 16.55
CA LYS B 644 -21.22 -12.78 17.19
C LYS B 644 -21.90 -11.78 16.26
N GLU B 645 -21.12 -10.85 15.68
CA GLU B 645 -21.63 -9.78 14.77
C GLU B 645 -22.15 -10.44 13.50
N VAL B 646 -21.38 -11.38 12.96
CA VAL B 646 -21.65 -12.07 11.64
C VAL B 646 -23.02 -12.77 11.74
N THR B 647 -23.23 -13.48 12.86
CA THR B 647 -24.48 -14.21 13.21
C THR B 647 -25.63 -13.21 13.40
N GLU B 648 -25.35 -12.02 13.96
CA GLU B 648 -26.34 -10.92 14.10
C GLU B 648 -26.81 -10.43 12.73
N LYS B 649 -25.92 -9.87 11.91
CA LYS B 649 -26.20 -9.41 10.52
C LYS B 649 -27.00 -10.49 9.78
N LEU B 650 -26.65 -11.78 9.95
CA LEU B 650 -27.38 -12.89 9.23
C LEU B 650 -28.82 -13.03 9.75
N SER B 651 -29.03 -12.94 11.06
CA SER B 651 -30.34 -13.10 11.73
C SER B 651 -31.31 -12.02 11.26
N LYS B 652 -30.78 -10.81 10.98
CA LYS B 652 -31.54 -9.60 10.60
C LYS B 652 -31.55 -9.46 9.06
N TYR B 653 -31.09 -10.49 8.34
CA TYR B 653 -31.11 -10.59 6.85
C TYR B 653 -30.38 -9.39 6.21
N GLU B 654 -29.24 -8.98 6.79
CA GLU B 654 -28.47 -7.77 6.38
C GLU B 654 -27.24 -8.12 5.54
N VAL B 655 -26.78 -9.37 5.56
CA VAL B 655 -25.64 -9.87 4.73
C VAL B 655 -26.08 -9.87 3.27
N PRO B 656 -25.32 -9.23 2.35
CA PRO B 656 -25.63 -9.27 0.93
C PRO B 656 -25.55 -10.68 0.34
N PRO B 657 -26.43 -11.05 -0.62
CA PRO B 657 -26.58 -12.44 -1.05
C PRO B 657 -25.47 -12.94 -1.97
N GLU B 658 -24.53 -12.07 -2.37
CA GLU B 658 -23.27 -12.45 -3.06
C GLU B 658 -22.44 -13.38 -2.15
N LYS B 659 -22.47 -13.10 -0.84
CA LYS B 659 -21.66 -13.79 0.21
C LYS B 659 -22.36 -15.08 0.68
N LEU B 660 -23.46 -15.48 0.03
CA LEU B 660 -24.20 -16.71 0.41
C LEU B 660 -24.08 -17.77 -0.70
N VAL B 661 -23.47 -17.45 -1.84
CA VAL B 661 -23.35 -18.38 -3.00
C VAL B 661 -22.40 -19.53 -2.66
N ILE B 662 -22.83 -20.76 -2.90
CA ILE B 662 -22.05 -22.03 -2.72
C ILE B 662 -21.81 -22.65 -4.09
N HIS B 663 -20.57 -23.04 -4.39
CA HIS B 663 -20.05 -23.52 -5.70
C HIS B 663 -19.68 -25.00 -5.59
N GLU B 664 -20.43 -25.85 -6.29
CA GLU B 664 -20.05 -27.30 -6.45
C GLU B 664 -20.06 -27.64 -7.93
N GLN B 665 -19.06 -28.42 -8.38
CA GLN B 665 -18.90 -28.88 -9.77
C GLN B 665 -19.80 -30.10 -10.01
N ILE B 666 -20.24 -30.29 -11.25
CA ILE B 666 -20.84 -31.56 -11.77
C ILE B 666 -19.69 -32.30 -12.47
N THR B 667 -19.50 -33.57 -12.08
CA THR B 667 -18.32 -34.40 -12.45
C THR B 667 -18.72 -35.48 -13.47
N ARG B 668 -20.01 -35.71 -13.71
CA ARG B 668 -20.52 -36.81 -14.56
C ARG B 668 -21.85 -36.40 -15.18
N ASP B 669 -22.38 -37.21 -16.11
CA ASP B 669 -23.77 -37.08 -16.63
C ASP B 669 -24.72 -37.28 -15.44
N LEU B 670 -25.79 -36.48 -15.37
CA LEU B 670 -26.75 -36.43 -14.23
C LEU B 670 -27.33 -37.82 -13.94
N ARG B 671 -27.44 -38.70 -14.94
CA ARG B 671 -28.00 -40.07 -14.80
C ARG B 671 -27.04 -40.98 -14.03
N ASP B 672 -25.75 -40.66 -13.97
CA ASP B 672 -24.69 -41.50 -13.34
C ASP B 672 -24.65 -41.30 -11.82
N TYR B 673 -25.33 -40.28 -11.29
CA TYR B 673 -25.27 -39.89 -9.85
C TYR B 673 -26.14 -40.87 -9.07
N LYS B 674 -25.59 -41.54 -8.05
CA LYS B 674 -26.36 -42.49 -7.18
C LYS B 674 -27.09 -41.65 -6.13
N ALA B 675 -26.32 -40.90 -5.32
CA ALA B 675 -26.79 -39.87 -4.38
C ALA B 675 -27.02 -38.54 -5.10
N THR B 676 -27.91 -37.71 -4.53
CA THR B 676 -28.31 -36.37 -5.06
C THR B 676 -28.30 -35.34 -3.92
N GLY B 677 -27.28 -34.49 -3.86
CA GLY B 677 -27.20 -33.34 -2.95
C GLY B 677 -27.67 -32.07 -3.65
N PRO B 678 -27.68 -30.89 -2.97
CA PRO B 678 -28.19 -29.66 -3.54
C PRO B 678 -27.73 -29.32 -4.96
N HIS B 679 -26.43 -29.30 -5.22
CA HIS B 679 -25.83 -28.92 -6.53
C HIS B 679 -26.38 -29.84 -7.64
N VAL B 680 -26.51 -31.15 -7.36
CA VAL B 680 -27.05 -32.15 -8.33
C VAL B 680 -28.54 -31.90 -8.56
N ALA B 681 -29.30 -31.69 -7.49
CA ALA B 681 -30.74 -31.31 -7.46
C ALA B 681 -30.96 -30.11 -8.39
N VAL B 682 -30.25 -29.02 -8.13
CA VAL B 682 -30.27 -27.74 -8.93
C VAL B 682 -29.88 -28.03 -10.38
N ALA B 683 -28.88 -28.87 -10.62
CA ALA B 683 -28.36 -29.21 -11.96
C ALA B 683 -29.44 -29.94 -12.76
N LYS B 684 -30.13 -30.91 -12.12
CA LYS B 684 -31.19 -31.75 -12.74
C LYS B 684 -32.37 -30.87 -13.15
N ARG B 685 -32.68 -29.84 -12.37
CA ARG B 685 -33.80 -28.89 -12.66
C ARG B 685 -33.44 -28.07 -13.90
N LEU B 686 -32.22 -27.54 -13.98
CA LEU B 686 -31.72 -26.78 -15.15
C LEU B 686 -31.73 -27.67 -16.38
N ALA B 687 -31.39 -28.97 -16.23
CA ALA B 687 -31.37 -29.95 -17.35
C ALA B 687 -32.79 -30.14 -17.92
N ALA B 688 -33.80 -30.27 -17.09
CA ALA B 688 -35.22 -30.41 -17.47
C ALA B 688 -35.75 -29.14 -18.17
N ARG B 689 -35.18 -27.99 -17.85
CA ARG B 689 -35.50 -26.67 -18.46
C ARG B 689 -34.70 -26.51 -19.76
N GLY B 690 -33.77 -27.44 -20.05
CA GLY B 690 -33.11 -27.51 -21.38
C GLY B 690 -31.64 -27.17 -21.30
N VAL B 691 -31.25 -26.42 -20.26
CA VAL B 691 -29.83 -25.94 -20.07
C VAL B 691 -28.88 -27.16 -20.14
N LYS B 692 -27.83 -27.07 -20.96
CA LYS B 692 -26.85 -28.17 -21.18
C LYS B 692 -25.91 -28.20 -19.96
N ILE B 693 -26.04 -29.26 -19.17
CA ILE B 693 -25.13 -29.59 -18.01
C ILE B 693 -24.11 -30.67 -18.41
N ARG B 694 -22.84 -30.24 -18.49
CA ARG B 694 -21.67 -31.10 -18.84
C ARG B 694 -20.82 -31.38 -17.60
N PRO B 695 -20.11 -32.52 -17.55
CA PRO B 695 -19.00 -32.66 -16.58
C PRO B 695 -18.05 -31.45 -16.69
N GLY B 696 -17.85 -30.72 -15.58
CA GLY B 696 -17.01 -29.52 -15.52
C GLY B 696 -17.84 -28.29 -15.18
N THR B 697 -19.16 -28.33 -15.40
CA THR B 697 -20.10 -27.22 -15.07
C THR B 697 -20.12 -27.03 -13.55
N VAL B 698 -19.86 -25.79 -13.10
CA VAL B 698 -19.96 -25.35 -11.68
C VAL B 698 -21.38 -24.88 -11.40
N ILE B 699 -22.09 -25.55 -10.48
CA ILE B 699 -23.45 -25.18 -10.03
C ILE B 699 -23.25 -24.20 -8.86
N SER B 700 -23.56 -22.91 -9.10
CA SER B 700 -23.56 -21.84 -8.06
C SER B 700 -24.99 -21.70 -7.57
N TYR B 701 -25.24 -21.87 -6.25
CA TYR B 701 -26.61 -21.88 -5.67
C TYR B 701 -26.66 -21.13 -4.33
N ILE B 702 -27.88 -20.80 -3.91
CA ILE B 702 -28.22 -20.15 -2.61
C ILE B 702 -29.37 -20.93 -1.96
N VAL B 703 -29.31 -21.09 -0.63
CA VAL B 703 -30.31 -21.86 0.16
C VAL B 703 -31.39 -20.91 0.67
N LEU B 704 -32.65 -21.10 0.25
CA LEU B 704 -33.81 -20.26 0.66
C LEU B 704 -34.39 -20.76 1.98
N LYS B 705 -34.96 -19.85 2.80
CA LYS B 705 -35.61 -20.17 4.09
C LYS B 705 -36.72 -21.19 3.83
N GLY B 706 -36.77 -22.26 4.63
CA GLY B 706 -37.70 -23.39 4.46
C GLY B 706 -37.32 -24.54 5.37
N SER B 707 -38.01 -25.68 5.21
CA SER B 707 -37.77 -26.93 5.97
C SER B 707 -37.25 -28.02 5.02
N GLY B 708 -36.85 -29.17 5.58
CA GLY B 708 -36.53 -30.40 4.82
C GLY B 708 -35.14 -30.35 4.20
N ARG B 709 -34.94 -31.14 3.13
CA ARG B 709 -33.64 -31.30 2.43
C ARG B 709 -33.18 -29.94 1.89
N ILE B 710 -31.88 -29.65 2.04
CA ILE B 710 -31.20 -28.42 1.52
C ILE B 710 -31.46 -28.32 0.02
N GLY B 711 -31.44 -29.45 -0.71
CA GLY B 711 -31.67 -29.51 -2.16
C GLY B 711 -33.01 -28.95 -2.60
N ASP B 712 -34.07 -29.22 -1.83
CA ASP B 712 -35.45 -28.72 -2.09
C ASP B 712 -35.44 -27.19 -2.05
N ARG B 713 -34.62 -26.57 -1.19
CA ARG B 713 -34.60 -25.10 -0.96
C ARG B 713 -33.60 -24.43 -1.89
N ALA B 714 -32.63 -25.16 -2.45
CA ALA B 714 -31.53 -24.63 -3.26
C ALA B 714 -32.07 -24.08 -4.59
N ILE B 715 -31.64 -22.87 -4.94
CA ILE B 715 -31.94 -22.22 -6.26
C ILE B 715 -30.62 -21.75 -6.86
N PRO B 716 -30.46 -21.75 -8.19
CA PRO B 716 -29.29 -21.12 -8.82
C PRO B 716 -29.10 -19.68 -8.32
N ALA B 717 -27.85 -19.31 -8.00
CA ALA B 717 -27.44 -17.97 -7.53
C ALA B 717 -27.92 -16.93 -8.55
N ASP B 718 -27.84 -17.27 -9.84
CA ASP B 718 -28.32 -16.45 -11.01
C ASP B 718 -29.72 -15.89 -10.70
N GLU B 719 -30.65 -16.78 -10.29
CA GLU B 719 -32.12 -16.56 -10.28
C GLU B 719 -32.59 -16.06 -8.91
N PHE B 720 -31.66 -15.62 -8.06
CA PHE B 720 -31.96 -15.05 -6.73
C PHE B 720 -32.28 -13.55 -6.87
N ASP B 721 -33.57 -13.19 -6.71
CA ASP B 721 -34.06 -11.79 -6.67
C ASP B 721 -34.32 -11.43 -5.21
N PRO B 722 -33.66 -10.41 -4.64
CA PRO B 722 -33.94 -9.98 -3.26
C PRO B 722 -35.41 -9.62 -3.01
N THR B 723 -36.08 -9.08 -4.05
CA THR B 723 -37.47 -8.58 -4.06
C THR B 723 -38.43 -9.73 -3.80
N LYS B 724 -38.10 -10.96 -4.20
CA LYS B 724 -39.01 -12.14 -4.11
C LYS B 724 -38.48 -13.11 -3.05
N HIS B 725 -37.19 -13.45 -3.13
CA HIS B 725 -36.52 -14.57 -2.39
C HIS B 725 -36.10 -14.13 -0.98
N ARG B 726 -36.15 -15.06 -0.02
CA ARG B 726 -35.62 -14.87 1.35
C ARG B 726 -34.65 -16.02 1.65
N TYR B 727 -33.36 -15.71 1.84
CA TYR B 727 -32.30 -16.72 2.10
C TYR B 727 -32.44 -17.28 3.51
N ASP B 728 -31.94 -18.50 3.74
CA ASP B 728 -32.10 -19.26 5.00
C ASP B 728 -31.00 -18.80 5.96
N ALA B 729 -31.23 -17.69 6.66
CA ALA B 729 -30.30 -17.08 7.64
C ALA B 729 -29.97 -18.08 8.74
N GLU B 730 -30.93 -18.93 9.13
CA GLU B 730 -30.75 -20.02 10.12
C GLU B 730 -29.69 -21.01 9.59
N TYR B 731 -29.82 -21.41 8.32
CA TYR B 731 -28.87 -22.31 7.61
C TYR B 731 -27.46 -21.71 7.58
N TYR B 732 -27.30 -20.45 7.18
CA TYR B 732 -26.01 -19.79 6.95
C TYR B 732 -25.34 -19.49 8.30
N ILE B 733 -26.11 -19.43 9.39
CA ILE B 733 -25.55 -19.40 10.79
C ILE B 733 -25.14 -20.81 11.25
N GLU B 734 -26.09 -21.75 11.27
CA GLU B 734 -25.92 -23.07 11.93
C GLU B 734 -25.08 -24.04 11.06
N ASN B 735 -25.17 -23.96 9.73
CA ASN B 735 -24.57 -24.90 8.76
C ASN B 735 -23.31 -24.33 8.07
N GLN B 736 -23.16 -23.01 7.96
CA GLN B 736 -22.00 -22.40 7.23
C GLN B 736 -21.04 -21.71 8.20
N VAL B 737 -21.46 -20.59 8.80
CA VAL B 737 -20.61 -19.68 9.61
C VAL B 737 -20.12 -20.41 10.87
N LEU B 738 -21.02 -20.85 11.74
CA LEU B 738 -20.65 -21.38 13.08
C LEU B 738 -19.77 -22.62 12.94
N PRO B 739 -20.07 -23.59 12.03
CA PRO B 739 -19.22 -24.80 11.94
C PRO B 739 -17.75 -24.47 11.59
N ALA B 740 -17.56 -23.56 10.65
CA ALA B 740 -16.26 -23.09 10.11
C ALA B 740 -15.40 -22.51 11.24
N VAL B 741 -15.99 -21.56 12.00
CA VAL B 741 -15.29 -20.82 13.09
C VAL B 741 -15.12 -21.74 14.30
N GLU B 742 -16.01 -22.70 14.52
CA GLU B 742 -15.97 -23.65 15.64
C GLU B 742 -14.81 -24.64 15.48
N ARG B 743 -14.30 -24.81 14.25
CA ARG B 743 -13.14 -25.68 13.92
C ARG B 743 -11.89 -25.03 14.53
N ILE B 744 -11.81 -23.70 14.43
CA ILE B 744 -10.73 -22.86 14.99
C ILE B 744 -10.90 -22.74 16.51
N LEU B 745 -12.04 -22.26 16.99
CA LEU B 745 -12.33 -21.91 18.40
C LEU B 745 -12.48 -23.19 19.25
N LYS B 746 -12.62 -24.36 18.59
CA LYS B 746 -12.71 -25.69 19.29
C LYS B 746 -11.47 -25.91 20.16
N ALA B 747 -10.31 -25.38 19.75
CA ALA B 747 -8.99 -25.52 20.41
C ALA B 747 -8.82 -24.50 21.55
N PHE B 748 -9.80 -23.64 21.84
CA PHE B 748 -9.69 -22.58 22.87
C PHE B 748 -10.95 -22.61 23.76
N GLY B 749 -11.49 -23.82 23.96
CA GLY B 749 -12.55 -24.17 24.91
C GLY B 749 -13.83 -23.38 24.70
N TYR B 750 -14.23 -23.18 23.44
CA TYR B 750 -15.50 -22.52 23.02
C TYR B 750 -16.39 -23.52 22.26
N ARG B 751 -17.68 -23.51 22.59
CA ARG B 751 -18.75 -24.33 21.97
C ARG B 751 -19.45 -23.45 20.92
N LYS B 752 -20.36 -24.04 20.16
CA LYS B 752 -21.22 -23.34 19.15
C LYS B 752 -22.19 -22.41 19.87
N GLU B 753 -22.74 -22.85 21.01
CA GLU B 753 -23.70 -22.06 21.85
C GLU B 753 -23.09 -20.71 22.26
N ASP B 754 -21.82 -20.71 22.70
CA ASP B 754 -21.08 -19.52 23.24
C ASP B 754 -20.83 -18.51 22.11
N LEU B 755 -20.73 -18.98 20.87
CA LEU B 755 -20.39 -18.14 19.68
C LEU B 755 -21.66 -17.54 19.07
N ARG B 756 -22.78 -18.29 19.13
CA ARG B 756 -24.06 -17.94 18.45
C ARG B 756 -24.47 -16.52 18.87
#